data_3O16
# 
_entry.id   3O16 
# 
_audit_conform.dict_name       mmcif_pdbx.dic 
_audit_conform.dict_version    5.387 
_audit_conform.dict_location   http://mmcif.pdb.org/dictionaries/ascii/mmcif_pdbx.dic 
# 
loop_
_database_2.database_id 
_database_2.database_code 
_database_2.pdbx_database_accession 
_database_2.pdbx_DOI 
PDB   3O16         pdb_00003o16 10.2210/pdb3o16/pdb 
RCSB  RCSB060534   ?            ?                   
WWPDB D_1000060534 ?            ?                   
# 
loop_
_pdbx_audit_revision_history.ordinal 
_pdbx_audit_revision_history.data_content_type 
_pdbx_audit_revision_history.major_revision 
_pdbx_audit_revision_history.minor_revision 
_pdbx_audit_revision_history.revision_date 
1 'Structure model' 1 0 2011-07-27 
2 'Structure model' 1 1 2017-11-08 
3 'Structure model' 1 2 2024-02-21 
# 
_pdbx_audit_revision_details.ordinal             1 
_pdbx_audit_revision_details.revision_ordinal    1 
_pdbx_audit_revision_details.data_content_type   'Structure model' 
_pdbx_audit_revision_details.provider            repository 
_pdbx_audit_revision_details.type                'Initial release' 
_pdbx_audit_revision_details.description         ? 
_pdbx_audit_revision_details.details             ? 
# 
loop_
_pdbx_audit_revision_group.ordinal 
_pdbx_audit_revision_group.revision_ordinal 
_pdbx_audit_revision_group.data_content_type 
_pdbx_audit_revision_group.group 
1 2 'Structure model' 'Refinement description' 
2 3 'Structure model' 'Data collection'        
3 3 'Structure model' 'Database references'    
# 
loop_
_pdbx_audit_revision_category.ordinal 
_pdbx_audit_revision_category.revision_ordinal 
_pdbx_audit_revision_category.data_content_type 
_pdbx_audit_revision_category.category 
1 2 'Structure model' software           
2 3 'Structure model' chem_comp_atom     
3 3 'Structure model' chem_comp_bond     
4 3 'Structure model' database_2         
5 3 'Structure model' struct_ref_seq_dif 
# 
loop_
_pdbx_audit_revision_item.ordinal 
_pdbx_audit_revision_item.revision_ordinal 
_pdbx_audit_revision_item.data_content_type 
_pdbx_audit_revision_item.item 
1 3 'Structure model' '_database_2.pdbx_DOI'                
2 3 'Structure model' '_database_2.pdbx_database_accession' 
3 3 'Structure model' '_struct_ref_seq_dif.details'         
# 
_pdbx_database_status.entry_id                        3O16 
_pdbx_database_status.status_code                     REL 
_pdbx_database_status.deposit_site                    RCSB 
_pdbx_database_status.process_site                    RCSB 
_pdbx_database_status.recvd_initial_deposition_date   2010-07-20 
_pdbx_database_status.status_code_sf                  REL 
_pdbx_database_status.status_code_mr                  ? 
_pdbx_database_status.SG_entry                        ? 
_pdbx_database_status.status_code_cs                  ? 
_pdbx_database_status.pdb_format_compatible           Y 
_pdbx_database_status.methods_development_category    ? 
_pdbx_database_status.status_code_nmr_data            ? 
# 
_pdbx_database_related.db_name        PDB 
_pdbx_database_related.db_id          3O15 
_pdbx_database_related.details        
'Crystal structure of Bacillus subtilis thiamin phosphate synthase complexed with a carboxylated thiazole phosphate' 
_pdbx_database_related.content_type   unspecified 
# 
loop_
_audit_author.name 
_audit_author.pdbx_ordinal 
'McCulloch, K.M.' 1 
'Hanes, J.W.'     2 
'Abdelwahed, S.'  3 
'Mahanta, N.'     4 
'Hazra, A.'       5 
'Ishida, K.'      6 
'Begley, T.P.'    7 
'Ealick, S.E.'    8 
# 
_citation.id                        primary 
_citation.title                     
;Crystal Structure and Kinetic Characterization of Bacillus subtilis Thiamin 
Phosphate Synthase with a Carboxylated Thiazole Phosphate
;
_citation.journal_abbrev            'to be published' 
_citation.journal_volume            ? 
_citation.page_first                ? 
_citation.page_last                 ? 
_citation.year                      ? 
_citation.journal_id_ASTM           ? 
_citation.country                   ? 
_citation.journal_id_ISSN           ? 
_citation.journal_id_CSD            0353 
_citation.book_publisher            ? 
_citation.pdbx_database_id_PubMed   ? 
_citation.pdbx_database_id_DOI      ? 
# 
loop_
_citation_author.citation_id 
_citation_author.name 
_citation_author.ordinal 
_citation_author.identifier_ORCID 
primary 'McCulloch, K.M.' 1 ? 
primary 'Hanes, J.W.'     2 ? 
primary 'Abdelwahed, S.'  3 ? 
primary 'Mahanta, N.'     4 ? 
primary 'Hazra, A.'       5 ? 
primary 'Ishida, K.'      6 ? 
primary 'Begley, T.P.'    7 ? 
primary 'Ealick, S.E.'    8 ? 
# 
loop_
_entity.id 
_entity.type 
_entity.src_method 
_entity.pdbx_description 
_entity.formula_weight 
_entity.pdbx_number_of_molecules 
_entity.pdbx_ec 
_entity.pdbx_mutation 
_entity.pdbx_fragment 
_entity.details 
1 polymer man 'Thiamine-phosphate pyrophosphorylase' 25239.650 1   2.5.1.3 K159A ? ? 
2 water   nat water                                  18.015    151 ?       ?     ? ? 
# 
_entity_name_com.entity_id   1 
_entity_name_com.name        'TMP pyrophosphorylase, TMP-PPase, Thiamine-phosphate synthase' 
# 
_entity_poly.entity_id                      1 
_entity_poly.type                           'polypeptide(L)' 
_entity_poly.nstd_linkage                   no 
_entity_poly.nstd_monomer                   no 
_entity_poly.pdbx_seq_one_letter_code       
;MRGSHHHHHHGIRMTRISREMMKELLSVYFIMGSNNTKADPVTVVQKALKGGATLYQFREKGGDALTGEARIKFAEKAQA
ACREAGVPFIVNDDVELALNLKADGIHIGQEDANAKEVRAAIGDMILGVSAHTMSEVKQAEEDGADYVGLGPIYPTETAK
DTRAVQGVSLIEAVRRQGISIPIVGIGGITIDNAAPVIQAGADGVSMISAISQAEDPESAARKFREEIQTYKTGR
;
_entity_poly.pdbx_seq_one_letter_code_can   
;MRGSHHHHHHGIRMTRISREMMKELLSVYFIMGSNNTKADPVTVVQKALKGGATLYQFREKGGDALTGEARIKFAEKAQA
ACREAGVPFIVNDDVELALNLKADGIHIGQEDANAKEVRAAIGDMILGVSAHTMSEVKQAEEDGADYVGLGPIYPTETAK
DTRAVQGVSLIEAVRRQGISIPIVGIGGITIDNAAPVIQAGADGVSMISAISQAEDPESAARKFREEIQTYKTGR
;
_entity_poly.pdbx_strand_id                 A 
_entity_poly.pdbx_target_identifier         ? 
# 
_pdbx_entity_nonpoly.entity_id   2 
_pdbx_entity_nonpoly.name        water 
_pdbx_entity_nonpoly.comp_id     HOH 
# 
loop_
_entity_poly_seq.entity_id 
_entity_poly_seq.num 
_entity_poly_seq.mon_id 
_entity_poly_seq.hetero 
1 1   MET n 
1 2   ARG n 
1 3   GLY n 
1 4   SER n 
1 5   HIS n 
1 6   HIS n 
1 7   HIS n 
1 8   HIS n 
1 9   HIS n 
1 10  HIS n 
1 11  GLY n 
1 12  ILE n 
1 13  ARG n 
1 14  MET n 
1 15  THR n 
1 16  ARG n 
1 17  ILE n 
1 18  SER n 
1 19  ARG n 
1 20  GLU n 
1 21  MET n 
1 22  MET n 
1 23  LYS n 
1 24  GLU n 
1 25  LEU n 
1 26  LEU n 
1 27  SER n 
1 28  VAL n 
1 29  TYR n 
1 30  PHE n 
1 31  ILE n 
1 32  MET n 
1 33  GLY n 
1 34  SER n 
1 35  ASN n 
1 36  ASN n 
1 37  THR n 
1 38  LYS n 
1 39  ALA n 
1 40  ASP n 
1 41  PRO n 
1 42  VAL n 
1 43  THR n 
1 44  VAL n 
1 45  VAL n 
1 46  GLN n 
1 47  LYS n 
1 48  ALA n 
1 49  LEU n 
1 50  LYS n 
1 51  GLY n 
1 52  GLY n 
1 53  ALA n 
1 54  THR n 
1 55  LEU n 
1 56  TYR n 
1 57  GLN n 
1 58  PHE n 
1 59  ARG n 
1 60  GLU n 
1 61  LYS n 
1 62  GLY n 
1 63  GLY n 
1 64  ASP n 
1 65  ALA n 
1 66  LEU n 
1 67  THR n 
1 68  GLY n 
1 69  GLU n 
1 70  ALA n 
1 71  ARG n 
1 72  ILE n 
1 73  LYS n 
1 74  PHE n 
1 75  ALA n 
1 76  GLU n 
1 77  LYS n 
1 78  ALA n 
1 79  GLN n 
1 80  ALA n 
1 81  ALA n 
1 82  CYS n 
1 83  ARG n 
1 84  GLU n 
1 85  ALA n 
1 86  GLY n 
1 87  VAL n 
1 88  PRO n 
1 89  PHE n 
1 90  ILE n 
1 91  VAL n 
1 92  ASN n 
1 93  ASP n 
1 94  ASP n 
1 95  VAL n 
1 96  GLU n 
1 97  LEU n 
1 98  ALA n 
1 99  LEU n 
1 100 ASN n 
1 101 LEU n 
1 102 LYS n 
1 103 ALA n 
1 104 ASP n 
1 105 GLY n 
1 106 ILE n 
1 107 HIS n 
1 108 ILE n 
1 109 GLY n 
1 110 GLN n 
1 111 GLU n 
1 112 ASP n 
1 113 ALA n 
1 114 ASN n 
1 115 ALA n 
1 116 LYS n 
1 117 GLU n 
1 118 VAL n 
1 119 ARG n 
1 120 ALA n 
1 121 ALA n 
1 122 ILE n 
1 123 GLY n 
1 124 ASP n 
1 125 MET n 
1 126 ILE n 
1 127 LEU n 
1 128 GLY n 
1 129 VAL n 
1 130 SER n 
1 131 ALA n 
1 132 HIS n 
1 133 THR n 
1 134 MET n 
1 135 SER n 
1 136 GLU n 
1 137 VAL n 
1 138 LYS n 
1 139 GLN n 
1 140 ALA n 
1 141 GLU n 
1 142 GLU n 
1 143 ASP n 
1 144 GLY n 
1 145 ALA n 
1 146 ASP n 
1 147 TYR n 
1 148 VAL n 
1 149 GLY n 
1 150 LEU n 
1 151 GLY n 
1 152 PRO n 
1 153 ILE n 
1 154 TYR n 
1 155 PRO n 
1 156 THR n 
1 157 GLU n 
1 158 THR n 
1 159 ALA n 
1 160 LYS n 
1 161 ASP n 
1 162 THR n 
1 163 ARG n 
1 164 ALA n 
1 165 VAL n 
1 166 GLN n 
1 167 GLY n 
1 168 VAL n 
1 169 SER n 
1 170 LEU n 
1 171 ILE n 
1 172 GLU n 
1 173 ALA n 
1 174 VAL n 
1 175 ARG n 
1 176 ARG n 
1 177 GLN n 
1 178 GLY n 
1 179 ILE n 
1 180 SER n 
1 181 ILE n 
1 182 PRO n 
1 183 ILE n 
1 184 VAL n 
1 185 GLY n 
1 186 ILE n 
1 187 GLY n 
1 188 GLY n 
1 189 ILE n 
1 190 THR n 
1 191 ILE n 
1 192 ASP n 
1 193 ASN n 
1 194 ALA n 
1 195 ALA n 
1 196 PRO n 
1 197 VAL n 
1 198 ILE n 
1 199 GLN n 
1 200 ALA n 
1 201 GLY n 
1 202 ALA n 
1 203 ASP n 
1 204 GLY n 
1 205 VAL n 
1 206 SER n 
1 207 MET n 
1 208 ILE n 
1 209 SER n 
1 210 ALA n 
1 211 ILE n 
1 212 SER n 
1 213 GLN n 
1 214 ALA n 
1 215 GLU n 
1 216 ASP n 
1 217 PRO n 
1 218 GLU n 
1 219 SER n 
1 220 ALA n 
1 221 ALA n 
1 222 ARG n 
1 223 LYS n 
1 224 PHE n 
1 225 ARG n 
1 226 GLU n 
1 227 GLU n 
1 228 ILE n 
1 229 GLN n 
1 230 THR n 
1 231 TYR n 
1 232 LYS n 
1 233 THR n 
1 234 GLY n 
1 235 ARG n 
# 
_entity_src_gen.entity_id                          1 
_entity_src_gen.pdbx_src_id                        1 
_entity_src_gen.pdbx_alt_source_flag               sample 
_entity_src_gen.pdbx_seq_type                      ? 
_entity_src_gen.pdbx_beg_seq_num                   ? 
_entity_src_gen.pdbx_end_seq_num                   ? 
_entity_src_gen.gene_src_common_name               ? 
_entity_src_gen.gene_src_genus                     ? 
_entity_src_gen.pdbx_gene_src_gene                 'BSU38290, ipa-26d, thiC, thiE, ywbK' 
_entity_src_gen.gene_src_species                   ? 
_entity_src_gen.gene_src_strain                    ? 
_entity_src_gen.gene_src_tissue                    ? 
_entity_src_gen.gene_src_tissue_fraction           ? 
_entity_src_gen.gene_src_details                   ? 
_entity_src_gen.pdbx_gene_src_fragment             ? 
_entity_src_gen.pdbx_gene_src_scientific_name      'Bacillus subtilis' 
_entity_src_gen.pdbx_gene_src_ncbi_taxonomy_id     1423 
_entity_src_gen.pdbx_gene_src_variant              ? 
_entity_src_gen.pdbx_gene_src_cell_line            ? 
_entity_src_gen.pdbx_gene_src_atcc                 ? 
_entity_src_gen.pdbx_gene_src_organ                ? 
_entity_src_gen.pdbx_gene_src_organelle            ? 
_entity_src_gen.pdbx_gene_src_cell                 ? 
_entity_src_gen.pdbx_gene_src_cellular_location    ? 
_entity_src_gen.host_org_common_name               ? 
_entity_src_gen.pdbx_host_org_scientific_name      'Escherichia coli' 
_entity_src_gen.pdbx_host_org_ncbi_taxonomy_id     562 
_entity_src_gen.host_org_genus                     ? 
_entity_src_gen.pdbx_host_org_gene                 ? 
_entity_src_gen.pdbx_host_org_organ                ? 
_entity_src_gen.host_org_species                   ? 
_entity_src_gen.pdbx_host_org_tissue               ? 
_entity_src_gen.pdbx_host_org_tissue_fraction      ? 
_entity_src_gen.pdbx_host_org_strain               'B834(DE3)' 
_entity_src_gen.pdbx_host_org_variant              ? 
_entity_src_gen.pdbx_host_org_cell_line            ? 
_entity_src_gen.pdbx_host_org_atcc                 ? 
_entity_src_gen.pdbx_host_org_culture_collection   ? 
_entity_src_gen.pdbx_host_org_cell                 ? 
_entity_src_gen.pdbx_host_org_organelle            ? 
_entity_src_gen.pdbx_host_org_cellular_location    ? 
_entity_src_gen.pdbx_host_org_vector_type          plasmid 
_entity_src_gen.pdbx_host_org_vector               ? 
_entity_src_gen.host_org_details                   ? 
_entity_src_gen.expression_system_id               ? 
_entity_src_gen.plasmid_name                       p28nTEV 
_entity_src_gen.plasmid_details                    ? 
_entity_src_gen.pdbx_description                   ? 
# 
loop_
_chem_comp.id 
_chem_comp.type 
_chem_comp.mon_nstd_flag 
_chem_comp.name 
_chem_comp.pdbx_synonyms 
_chem_comp.formula 
_chem_comp.formula_weight 
ALA 'L-peptide linking' y ALANINE         ? 'C3 H7 N O2'     89.093  
ARG 'L-peptide linking' y ARGININE        ? 'C6 H15 N4 O2 1' 175.209 
ASN 'L-peptide linking' y ASPARAGINE      ? 'C4 H8 N2 O3'    132.118 
ASP 'L-peptide linking' y 'ASPARTIC ACID' ? 'C4 H7 N O4'     133.103 
CYS 'L-peptide linking' y CYSTEINE        ? 'C3 H7 N O2 S'   121.158 
GLN 'L-peptide linking' y GLUTAMINE       ? 'C5 H10 N2 O3'   146.144 
GLU 'L-peptide linking' y 'GLUTAMIC ACID' ? 'C5 H9 N O4'     147.129 
GLY 'peptide linking'   y GLYCINE         ? 'C2 H5 N O2'     75.067  
HIS 'L-peptide linking' y HISTIDINE       ? 'C6 H10 N3 O2 1' 156.162 
HOH non-polymer         . WATER           ? 'H2 O'           18.015  
ILE 'L-peptide linking' y ISOLEUCINE      ? 'C6 H13 N O2'    131.173 
LEU 'L-peptide linking' y LEUCINE         ? 'C6 H13 N O2'    131.173 
LYS 'L-peptide linking' y LYSINE          ? 'C6 H15 N2 O2 1' 147.195 
MET 'L-peptide linking' y METHIONINE      ? 'C5 H11 N O2 S'  149.211 
PHE 'L-peptide linking' y PHENYLALANINE   ? 'C9 H11 N O2'    165.189 
PRO 'L-peptide linking' y PROLINE         ? 'C5 H9 N O2'     115.130 
SER 'L-peptide linking' y SERINE          ? 'C3 H7 N O3'     105.093 
THR 'L-peptide linking' y THREONINE       ? 'C4 H9 N O3'     119.119 
TYR 'L-peptide linking' y TYROSINE        ? 'C9 H11 N O3'    181.189 
VAL 'L-peptide linking' y VALINE          ? 'C5 H11 N O2'    117.146 
# 
loop_
_pdbx_poly_seq_scheme.asym_id 
_pdbx_poly_seq_scheme.entity_id 
_pdbx_poly_seq_scheme.seq_id 
_pdbx_poly_seq_scheme.mon_id 
_pdbx_poly_seq_scheme.ndb_seq_num 
_pdbx_poly_seq_scheme.pdb_seq_num 
_pdbx_poly_seq_scheme.auth_seq_num 
_pdbx_poly_seq_scheme.pdb_mon_id 
_pdbx_poly_seq_scheme.auth_mon_id 
_pdbx_poly_seq_scheme.pdb_strand_id 
_pdbx_poly_seq_scheme.pdb_ins_code 
_pdbx_poly_seq_scheme.hetero 
A 1 1   MET 1   1   ?   ?   ?   A . n 
A 1 2   ARG 2   2   ?   ?   ?   A . n 
A 1 3   GLY 3   3   ?   ?   ?   A . n 
A 1 4   SER 4   4   ?   ?   ?   A . n 
A 1 5   HIS 5   5   ?   ?   ?   A . n 
A 1 6   HIS 6   6   ?   ?   ?   A . n 
A 1 7   HIS 7   7   ?   ?   ?   A . n 
A 1 8   HIS 8   8   ?   ?   ?   A . n 
A 1 9   HIS 9   9   ?   ?   ?   A . n 
A 1 10  HIS 10  10  ?   ?   ?   A . n 
A 1 11  GLY 11  11  ?   ?   ?   A . n 
A 1 12  ILE 12  12  ?   ?   ?   A . n 
A 1 13  ARG 13  13  ?   ?   ?   A . n 
A 1 14  MET 14  14  ?   ?   ?   A . n 
A 1 15  THR 15  15  15  THR THR A . n 
A 1 16  ARG 16  16  16  ARG ARG A . n 
A 1 17  ILE 17  17  17  ILE ILE A . n 
A 1 18  SER 18  18  18  SER SER A . n 
A 1 19  ARG 19  19  19  ARG ARG A . n 
A 1 20  GLU 20  20  20  GLU GLU A . n 
A 1 21  MET 21  21  21  MET MET A . n 
A 1 22  MET 22  22  22  MET MET A . n 
A 1 23  LYS 23  23  23  LYS LYS A . n 
A 1 24  GLU 24  24  24  GLU GLU A . n 
A 1 25  LEU 25  25  25  LEU LEU A . n 
A 1 26  LEU 26  26  26  LEU LEU A . n 
A 1 27  SER 27  27  27  SER SER A . n 
A 1 28  VAL 28  28  28  VAL VAL A . n 
A 1 29  TYR 29  29  29  TYR TYR A . n 
A 1 30  PHE 30  30  30  PHE PHE A . n 
A 1 31  ILE 31  31  31  ILE ILE A . n 
A 1 32  MET 32  32  32  MET MET A . n 
A 1 33  GLY 33  33  33  GLY GLY A . n 
A 1 34  SER 34  34  34  SER SER A . n 
A 1 35  ASN 35  35  35  ASN ASN A . n 
A 1 36  ASN 36  36  36  ASN ASN A . n 
A 1 37  THR 37  37  37  THR THR A . n 
A 1 38  LYS 38  38  38  LYS LYS A . n 
A 1 39  ALA 39  39  39  ALA ALA A . n 
A 1 40  ASP 40  40  40  ASP ASP A . n 
A 1 41  PRO 41  41  41  PRO PRO A . n 
A 1 42  VAL 42  42  42  VAL VAL A . n 
A 1 43  THR 43  43  43  THR THR A . n 
A 1 44  VAL 44  44  44  VAL VAL A . n 
A 1 45  VAL 45  45  45  VAL VAL A . n 
A 1 46  GLN 46  46  46  GLN GLN A . n 
A 1 47  LYS 47  47  47  LYS LYS A . n 
A 1 48  ALA 48  48  48  ALA ALA A . n 
A 1 49  LEU 49  49  49  LEU LEU A . n 
A 1 50  LYS 50  50  50  LYS LYS A . n 
A 1 51  GLY 51  51  51  GLY GLY A . n 
A 1 52  GLY 52  52  52  GLY GLY A . n 
A 1 53  ALA 53  53  53  ALA ALA A . n 
A 1 54  THR 54  54  54  THR THR A . n 
A 1 55  LEU 55  55  55  LEU LEU A . n 
A 1 56  TYR 56  56  56  TYR TYR A . n 
A 1 57  GLN 57  57  57  GLN GLN A . n 
A 1 58  PHE 58  58  58  PHE PHE A . n 
A 1 59  ARG 59  59  59  ARG ARG A . n 
A 1 60  GLU 60  60  60  GLU GLU A . n 
A 1 61  LYS 61  61  61  LYS LYS A . n 
A 1 62  GLY 62  62  62  GLY GLY A . n 
A 1 63  GLY 63  63  63  GLY GLY A . n 
A 1 64  ASP 64  64  64  ASP ASP A . n 
A 1 65  ALA 65  65  65  ALA ALA A . n 
A 1 66  LEU 66  66  66  LEU LEU A . n 
A 1 67  THR 67  67  67  THR THR A . n 
A 1 68  GLY 68  68  68  GLY GLY A . n 
A 1 69  GLU 69  69  69  GLU GLU A . n 
A 1 70  ALA 70  70  70  ALA ALA A . n 
A 1 71  ARG 71  71  71  ARG ARG A . n 
A 1 72  ILE 72  72  72  ILE ILE A . n 
A 1 73  LYS 73  73  73  LYS LYS A . n 
A 1 74  PHE 74  74  74  PHE PHE A . n 
A 1 75  ALA 75  75  75  ALA ALA A . n 
A 1 76  GLU 76  76  76  GLU GLU A . n 
A 1 77  LYS 77  77  77  LYS LYS A . n 
A 1 78  ALA 78  78  78  ALA ALA A . n 
A 1 79  GLN 79  79  79  GLN GLN A . n 
A 1 80  ALA 80  80  80  ALA ALA A . n 
A 1 81  ALA 81  81  81  ALA ALA A . n 
A 1 82  CYS 82  82  82  CYS CYS A . n 
A 1 83  ARG 83  83  83  ARG ARG A . n 
A 1 84  GLU 84  84  84  GLU GLU A . n 
A 1 85  ALA 85  85  85  ALA ALA A . n 
A 1 86  GLY 86  86  86  GLY GLY A . n 
A 1 87  VAL 87  87  87  VAL VAL A . n 
A 1 88  PRO 88  88  88  PRO PRO A . n 
A 1 89  PHE 89  89  89  PHE PHE A . n 
A 1 90  ILE 90  90  90  ILE ILE A . n 
A 1 91  VAL 91  91  91  VAL VAL A . n 
A 1 92  ASN 92  92  92  ASN ASN A . n 
A 1 93  ASP 93  93  93  ASP ASP A . n 
A 1 94  ASP 94  94  94  ASP ASP A . n 
A 1 95  VAL 95  95  95  VAL VAL A . n 
A 1 96  GLU 96  96  96  GLU GLU A . n 
A 1 97  LEU 97  97  97  LEU LEU A . n 
A 1 98  ALA 98  98  98  ALA ALA A . n 
A 1 99  LEU 99  99  99  LEU LEU A . n 
A 1 100 ASN 100 100 100 ASN ASN A . n 
A 1 101 LEU 101 101 101 LEU LEU A . n 
A 1 102 LYS 102 102 102 LYS LYS A . n 
A 1 103 ALA 103 103 103 ALA ALA A . n 
A 1 104 ASP 104 104 104 ASP ASP A . n 
A 1 105 GLY 105 105 105 GLY GLY A . n 
A 1 106 ILE 106 106 106 ILE ILE A . n 
A 1 107 HIS 107 107 107 HIS HIS A . n 
A 1 108 ILE 108 108 108 ILE ILE A . n 
A 1 109 GLY 109 109 109 GLY GLY A . n 
A 1 110 GLN 110 110 110 GLN GLN A . n 
A 1 111 GLU 111 111 111 GLU GLU A . n 
A 1 112 ASP 112 112 112 ASP ASP A . n 
A 1 113 ALA 113 113 113 ALA ALA A . n 
A 1 114 ASN 114 114 114 ASN ASN A . n 
A 1 115 ALA 115 115 115 ALA ALA A . n 
A 1 116 LYS 116 116 116 LYS LYS A . n 
A 1 117 GLU 117 117 117 GLU GLU A . n 
A 1 118 VAL 118 118 118 VAL VAL A . n 
A 1 119 ARG 119 119 119 ARG ARG A . n 
A 1 120 ALA 120 120 120 ALA ALA A . n 
A 1 121 ALA 121 121 121 ALA ALA A . n 
A 1 122 ILE 122 122 122 ILE ILE A . n 
A 1 123 GLY 123 123 123 GLY GLY A . n 
A 1 124 ASP 124 124 124 ASP ASP A . n 
A 1 125 MET 125 125 125 MET MET A . n 
A 1 126 ILE 126 126 126 ILE ILE A . n 
A 1 127 LEU 127 127 127 LEU LEU A . n 
A 1 128 GLY 128 128 128 GLY GLY A . n 
A 1 129 VAL 129 129 129 VAL VAL A . n 
A 1 130 SER 130 130 130 SER SER A . n 
A 1 131 ALA 131 131 131 ALA ALA A . n 
A 1 132 HIS 132 132 132 HIS HIS A . n 
A 1 133 THR 133 133 133 THR THR A . n 
A 1 134 MET 134 134 134 MET MET A . n 
A 1 135 SER 135 135 135 SER SER A . n 
A 1 136 GLU 136 136 136 GLU GLU A . n 
A 1 137 VAL 137 137 137 VAL VAL A . n 
A 1 138 LYS 138 138 138 LYS LYS A . n 
A 1 139 GLN 139 139 139 GLN GLN A . n 
A 1 140 ALA 140 140 140 ALA ALA A . n 
A 1 141 GLU 141 141 141 GLU GLU A . n 
A 1 142 GLU 142 142 142 GLU GLU A . n 
A 1 143 ASP 143 143 143 ASP ASP A . n 
A 1 144 GLY 144 144 144 GLY GLY A . n 
A 1 145 ALA 145 145 145 ALA ALA A . n 
A 1 146 ASP 146 146 146 ASP ASP A . n 
A 1 147 TYR 147 147 147 TYR TYR A . n 
A 1 148 VAL 148 148 148 VAL VAL A . n 
A 1 149 GLY 149 149 149 GLY GLY A . n 
A 1 150 LEU 150 150 150 LEU LEU A . n 
A 1 151 GLY 151 151 151 GLY GLY A . n 
A 1 152 PRO 152 152 152 PRO PRO A . n 
A 1 153 ILE 153 153 153 ILE ILE A . n 
A 1 154 TYR 154 154 154 TYR TYR A . n 
A 1 155 PRO 155 155 155 PRO PRO A . n 
A 1 156 THR 156 156 156 THR THR A . n 
A 1 157 GLU 157 157 ?   ?   ?   A . n 
A 1 158 THR 158 158 ?   ?   ?   A . n 
A 1 159 ALA 159 159 ?   ?   ?   A . n 
A 1 160 LYS 160 160 ?   ?   ?   A . n 
A 1 161 ASP 161 161 ?   ?   ?   A . n 
A 1 162 THR 162 162 ?   ?   ?   A . n 
A 1 163 ARG 163 163 ?   ?   ?   A . n 
A 1 164 ALA 164 164 ?   ?   ?   A . n 
A 1 165 VAL 165 165 ?   ?   ?   A . n 
A 1 166 GLN 166 166 ?   ?   ?   A . n 
A 1 167 GLY 167 167 ?   ?   ?   A . n 
A 1 168 VAL 168 168 168 VAL VAL A . n 
A 1 169 SER 169 169 169 SER SER A . n 
A 1 170 LEU 170 170 170 LEU LEU A . n 
A 1 171 ILE 171 171 171 ILE ILE A . n 
A 1 172 GLU 172 172 172 GLU GLU A . n 
A 1 173 ALA 173 173 173 ALA ALA A . n 
A 1 174 VAL 174 174 174 VAL VAL A . n 
A 1 175 ARG 175 175 175 ARG ARG A . n 
A 1 176 ARG 176 176 176 ARG ARG A . n 
A 1 177 GLN 177 177 177 GLN GLN A . n 
A 1 178 GLY 178 178 178 GLY GLY A . n 
A 1 179 ILE 179 179 179 ILE ILE A . n 
A 1 180 SER 180 180 180 SER SER A . n 
A 1 181 ILE 181 181 181 ILE ILE A . n 
A 1 182 PRO 182 182 182 PRO PRO A . n 
A 1 183 ILE 183 183 183 ILE ILE A . n 
A 1 184 VAL 184 184 184 VAL VAL A . n 
A 1 185 GLY 185 185 185 GLY GLY A . n 
A 1 186 ILE 186 186 186 ILE ILE A . n 
A 1 187 GLY 187 187 187 GLY GLY A . n 
A 1 188 GLY 188 188 188 GLY GLY A . n 
A 1 189 ILE 189 189 189 ILE ILE A . n 
A 1 190 THR 190 190 190 THR THR A . n 
A 1 191 ILE 191 191 191 ILE ILE A . n 
A 1 192 ASP 192 192 192 ASP ASP A . n 
A 1 193 ASN 193 193 193 ASN ASN A . n 
A 1 194 ALA 194 194 194 ALA ALA A . n 
A 1 195 ALA 195 195 195 ALA ALA A . n 
A 1 196 PRO 196 196 196 PRO PRO A . n 
A 1 197 VAL 197 197 197 VAL VAL A . n 
A 1 198 ILE 198 198 198 ILE ILE A . n 
A 1 199 GLN 199 199 199 GLN GLN A . n 
A 1 200 ALA 200 200 200 ALA ALA A . n 
A 1 201 GLY 201 201 201 GLY GLY A . n 
A 1 202 ALA 202 202 202 ALA ALA A . n 
A 1 203 ASP 203 203 203 ASP ASP A . n 
A 1 204 GLY 204 204 204 GLY GLY A . n 
A 1 205 VAL 205 205 205 VAL VAL A . n 
A 1 206 SER 206 206 206 SER SER A . n 
A 1 207 MET 207 207 207 MET MET A . n 
A 1 208 ILE 208 208 208 ILE ILE A . n 
A 1 209 SER 209 209 209 SER SER A . n 
A 1 210 ALA 210 210 210 ALA ALA A . n 
A 1 211 ILE 211 211 211 ILE ILE A . n 
A 1 212 SER 212 212 212 SER SER A . n 
A 1 213 GLN 213 213 213 GLN GLN A . n 
A 1 214 ALA 214 214 214 ALA ALA A . n 
A 1 215 GLU 215 215 215 GLU GLU A . n 
A 1 216 ASP 216 216 216 ASP ASP A . n 
A 1 217 PRO 217 217 217 PRO PRO A . n 
A 1 218 GLU 218 218 218 GLU GLU A . n 
A 1 219 SER 219 219 219 SER SER A . n 
A 1 220 ALA 220 220 220 ALA ALA A . n 
A 1 221 ALA 221 221 221 ALA ALA A . n 
A 1 222 ARG 222 222 222 ARG ARG A . n 
A 1 223 LYS 223 223 223 LYS LYS A . n 
A 1 224 PHE 224 224 224 PHE PHE A . n 
A 1 225 ARG 225 225 225 ARG ARG A . n 
A 1 226 GLU 226 226 226 GLU GLU A . n 
A 1 227 GLU 227 227 227 GLU GLU A . n 
A 1 228 ILE 228 228 228 ILE ILE A . n 
A 1 229 GLN 229 229 229 GLN GLN A . n 
A 1 230 THR 230 230 230 THR THR A . n 
A 1 231 TYR 231 231 231 TYR TYR A . n 
A 1 232 LYS 232 232 232 LYS LYS A . n 
A 1 233 THR 233 233 233 THR THR A . n 
A 1 234 GLY 234 234 ?   ?   ?   A . n 
A 1 235 ARG 235 235 ?   ?   ?   A . n 
# 
loop_
_pdbx_nonpoly_scheme.asym_id 
_pdbx_nonpoly_scheme.entity_id 
_pdbx_nonpoly_scheme.mon_id 
_pdbx_nonpoly_scheme.ndb_seq_num 
_pdbx_nonpoly_scheme.pdb_seq_num 
_pdbx_nonpoly_scheme.auth_seq_num 
_pdbx_nonpoly_scheme.pdb_mon_id 
_pdbx_nonpoly_scheme.auth_mon_id 
_pdbx_nonpoly_scheme.pdb_strand_id 
_pdbx_nonpoly_scheme.pdb_ins_code 
B 2 HOH 1   236 3   HOH HOH A . 
B 2 HOH 2   237 4   HOH HOH A . 
B 2 HOH 3   238 5   HOH HOH A . 
B 2 HOH 4   239 6   HOH HOH A . 
B 2 HOH 5   240 8   HOH HOH A . 
B 2 HOH 6   241 9   HOH HOH A . 
B 2 HOH 7   242 10  HOH HOH A . 
B 2 HOH 8   243 11  HOH HOH A . 
B 2 HOH 9   244 12  HOH HOH A . 
B 2 HOH 10  245 13  HOH HOH A . 
B 2 HOH 11  246 18  HOH HOH A . 
B 2 HOH 12  247 19  HOH HOH A . 
B 2 HOH 13  248 20  HOH HOH A . 
B 2 HOH 14  249 21  HOH HOH A . 
B 2 HOH 15  250 22  HOH HOH A . 
B 2 HOH 16  251 23  HOH HOH A . 
B 2 HOH 17  252 24  HOH HOH A . 
B 2 HOH 18  253 25  HOH HOH A . 
B 2 HOH 19  254 26  HOH HOH A . 
B 2 HOH 20  255 27  HOH HOH A . 
B 2 HOH 21  256 28  HOH HOH A . 
B 2 HOH 22  257 29  HOH HOH A . 
B 2 HOH 23  258 30  HOH HOH A . 
B 2 HOH 24  259 31  HOH HOH A . 
B 2 HOH 25  260 32  HOH HOH A . 
B 2 HOH 26  261 33  HOH HOH A . 
B 2 HOH 27  262 34  HOH HOH A . 
B 2 HOH 28  263 35  HOH HOH A . 
B 2 HOH 29  264 36  HOH HOH A . 
B 2 HOH 30  265 37  HOH HOH A . 
B 2 HOH 31  266 38  HOH HOH A . 
B 2 HOH 32  267 39  HOH HOH A . 
B 2 HOH 33  268 40  HOH HOH A . 
B 2 HOH 34  269 41  HOH HOH A . 
B 2 HOH 35  270 42  HOH HOH A . 
B 2 HOH 36  271 43  HOH HOH A . 
B 2 HOH 37  272 44  HOH HOH A . 
B 2 HOH 38  273 45  HOH HOH A . 
B 2 HOH 39  274 46  HOH HOH A . 
B 2 HOH 40  275 49  HOH HOH A . 
B 2 HOH 41  276 50  HOH HOH A . 
B 2 HOH 42  277 51  HOH HOH A . 
B 2 HOH 43  278 52  HOH HOH A . 
B 2 HOH 44  279 53  HOH HOH A . 
B 2 HOH 45  280 54  HOH HOH A . 
B 2 HOH 46  281 55  HOH HOH A . 
B 2 HOH 47  282 56  HOH HOH A . 
B 2 HOH 48  283 57  HOH HOH A . 
B 2 HOH 49  284 58  HOH HOH A . 
B 2 HOH 50  285 59  HOH HOH A . 
B 2 HOH 51  286 60  HOH HOH A . 
B 2 HOH 52  287 61  HOH HOH A . 
B 2 HOH 53  288 62  HOH HOH A . 
B 2 HOH 54  289 63  HOH HOH A . 
B 2 HOH 55  290 64  HOH HOH A . 
B 2 HOH 56  291 65  HOH HOH A . 
B 2 HOH 57  292 66  HOH HOH A . 
B 2 HOH 58  293 67  HOH HOH A . 
B 2 HOH 59  294 68  HOH HOH A . 
B 2 HOH 60  295 69  HOH HOH A . 
B 2 HOH 61  296 70  HOH HOH A . 
B 2 HOH 62  297 71  HOH HOH A . 
B 2 HOH 63  298 72  HOH HOH A . 
B 2 HOH 64  299 73  HOH HOH A . 
B 2 HOH 65  300 74  HOH HOH A . 
B 2 HOH 66  301 75  HOH HOH A . 
B 2 HOH 67  302 76  HOH HOH A . 
B 2 HOH 68  303 77  HOH HOH A . 
B 2 HOH 69  304 78  HOH HOH A . 
B 2 HOH 70  305 79  HOH HOH A . 
B 2 HOH 71  306 80  HOH HOH A . 
B 2 HOH 72  307 81  HOH HOH A . 
B 2 HOH 73  308 82  HOH HOH A . 
B 2 HOH 74  309 83  HOH HOH A . 
B 2 HOH 75  310 84  HOH HOH A . 
B 2 HOH 76  311 85  HOH HOH A . 
B 2 HOH 77  312 86  HOH HOH A . 
B 2 HOH 78  313 87  HOH HOH A . 
B 2 HOH 79  314 88  HOH HOH A . 
B 2 HOH 80  315 89  HOH HOH A . 
B 2 HOH 81  316 90  HOH HOH A . 
B 2 HOH 82  317 91  HOH HOH A . 
B 2 HOH 83  318 92  HOH HOH A . 
B 2 HOH 84  319 93  HOH HOH A . 
B 2 HOH 85  320 94  HOH HOH A . 
B 2 HOH 86  321 95  HOH HOH A . 
B 2 HOH 87  322 96  HOH HOH A . 
B 2 HOH 88  323 97  HOH HOH A . 
B 2 HOH 89  324 98  HOH HOH A . 
B 2 HOH 90  325 99  HOH HOH A . 
B 2 HOH 91  326 100 HOH HOH A . 
B 2 HOH 92  327 101 HOH HOH A . 
B 2 HOH 93  328 102 HOH HOH A . 
B 2 HOH 94  329 103 HOH HOH A . 
B 2 HOH 95  330 104 HOH HOH A . 
B 2 HOH 96  331 105 HOH HOH A . 
B 2 HOH 97  332 106 HOH HOH A . 
B 2 HOH 98  333 107 HOH HOH A . 
B 2 HOH 99  334 108 HOH HOH A . 
B 2 HOH 100 335 109 HOH HOH A . 
B 2 HOH 101 336 110 HOH HOH A . 
B 2 HOH 102 337 111 HOH HOH A . 
B 2 HOH 103 338 112 HOH HOH A . 
B 2 HOH 104 339 113 HOH HOH A . 
B 2 HOH 105 340 114 HOH HOH A . 
B 2 HOH 106 341 115 HOH HOH A . 
B 2 HOH 107 342 116 HOH HOH A . 
B 2 HOH 108 343 117 HOH HOH A . 
B 2 HOH 109 344 118 HOH HOH A . 
B 2 HOH 110 345 119 HOH HOH A . 
B 2 HOH 111 346 120 HOH HOH A . 
B 2 HOH 112 347 121 HOH HOH A . 
B 2 HOH 113 348 122 HOH HOH A . 
B 2 HOH 114 349 123 HOH HOH A . 
B 2 HOH 115 350 124 HOH HOH A . 
B 2 HOH 116 351 125 HOH HOH A . 
B 2 HOH 117 352 126 HOH HOH A . 
B 2 HOH 118 353 127 HOH HOH A . 
B 2 HOH 119 354 128 HOH HOH A . 
B 2 HOH 120 355 129 HOH HOH A . 
B 2 HOH 121 356 130 HOH HOH A . 
B 2 HOH 122 357 131 HOH HOH A . 
B 2 HOH 123 358 132 HOH HOH A . 
B 2 HOH 124 359 133 HOH HOH A . 
B 2 HOH 125 360 134 HOH HOH A . 
B 2 HOH 126 361 135 HOH HOH A . 
B 2 HOH 127 362 136 HOH HOH A . 
B 2 HOH 128 363 137 HOH HOH A . 
B 2 HOH 129 364 138 HOH HOH A . 
B 2 HOH 130 365 139 HOH HOH A . 
B 2 HOH 131 366 140 HOH HOH A . 
B 2 HOH 132 367 141 HOH HOH A . 
B 2 HOH 133 368 142 HOH HOH A . 
B 2 HOH 134 369 143 HOH HOH A . 
B 2 HOH 135 370 144 HOH HOH A . 
B 2 HOH 136 371 145 HOH HOH A . 
B 2 HOH 137 372 146 HOH HOH A . 
B 2 HOH 138 373 147 HOH HOH A . 
B 2 HOH 139 374 148 HOH HOH A . 
B 2 HOH 140 375 149 HOH HOH A . 
B 2 HOH 141 376 150 HOH HOH A . 
B 2 HOH 142 377 151 HOH HOH A . 
B 2 HOH 143 378 152 HOH HOH A . 
B 2 HOH 144 379 153 HOH HOH A . 
B 2 HOH 145 380 154 HOH HOH A . 
B 2 HOH 146 381 155 HOH HOH A . 
B 2 HOH 147 382 156 HOH HOH A . 
B 2 HOH 148 383 157 HOH HOH A . 
B 2 HOH 149 384 158 HOH HOH A . 
B 2 HOH 150 385 159 HOH HOH A . 
B 2 HOH 151 386 160 HOH HOH A . 
# 
loop_
_software.pdbx_ordinal 
_software.name 
_software.version 
_software.date 
_software.type 
_software.contact_author 
_software.contact_author_email 
_software.classification 
_software.location 
_software.language 
_software.citation_id 
1 DENZO       .    ?               package 'Zbyszek Otwinowski' hkl@hkl-xray.com         'data reduction'  
http://www.hkl-xray.com/                  ?          ? 
2 SCALEPACK   .    ?               package 'Zbyszek Otwinowski' hkl@hkl-xray.com         'data scaling'    
http://www.hkl-xray.com/                  ?          ? 
3 CNS         .    ?               package 'Axel T. Brunger'    axel.brunger@yale.edu    refinement        http://cns-online.org/ 
Fortran_77 ? 
4 PDB_EXTRACT 3.10 'June 10, 2010' package PDB                  deposit@deposit.rcsb.org 'data extraction' 
http://sw-tools.pdb.org/apps/PDB_EXTRACT/ C++        ? 
5 CNS         .    ?               ?       ?                    ?                        phasing           ? ?          ? 
# 
_cell.length_a           95.640 
_cell.length_b           95.640 
_cell.length_c           59.000 
_cell.angle_alpha        90.000 
_cell.angle_beta         90.000 
_cell.angle_gamma        90.000 
_cell.entry_id           3O16 
_cell.pdbx_unique_axis   ? 
_cell.Z_PDB              8 
_cell.length_a_esd       ? 
_cell.length_b_esd       ? 
_cell.length_c_esd       ? 
_cell.angle_alpha_esd    ? 
_cell.angle_beta_esd     ? 
_cell.angle_gamma_esd    ? 
# 
_symmetry.space_group_name_H-M             'P 42 21 2' 
_symmetry.entry_id                         3O16 
_symmetry.Int_Tables_number                94 
_symmetry.pdbx_full_space_group_name_H-M   ? 
_symmetry.cell_setting                     ? 
_symmetry.space_group_name_Hall            ? 
# 
_exptl.crystals_number   1 
_exptl.entry_id          3O16 
_exptl.method            'X-RAY DIFFRACTION' 
# 
_exptl_crystal.id                    1 
_exptl_crystal.density_Matthews      2.67 
_exptl_crystal.density_meas          ? 
_exptl_crystal.density_percent_sol   53.98 
_exptl_crystal.description           ? 
_exptl_crystal.F_000                 ? 
_exptl_crystal.preparation           ? 
# 
_exptl_crystal_grow.crystal_id      1 
_exptl_crystal_grow.method          'VAPOR DIFFUSION, HANGING DROP' 
_exptl_crystal_grow.pH              7.7 
_exptl_crystal_grow.temp            277 
_exptl_crystal_grow.pdbx_details    
'22-28% PEG4000, 75 mM MgCl2, 1 mM DTT, 100 mM Tris, pH 7.7, vapor diffusion, hanging drop, temperature 277K' 
_exptl_crystal_grow.temp_details    ? 
_exptl_crystal_grow.pdbx_pH_range   ? 
# 
_diffrn.id                     1 
_diffrn.ambient_temp           100 
_diffrn.ambient_temp_details   ? 
_diffrn.crystal_id             1 
# 
_diffrn_detector.diffrn_id              1 
_diffrn_detector.detector               CCD 
_diffrn_detector.type                   'ADSC QUANTUM 315' 
_diffrn_detector.pdbx_collection_date   2010-06-25 
_diffrn_detector.details                ? 
# 
_diffrn_radiation.diffrn_id                        1 
_diffrn_radiation.pdbx_diffrn_protocol             'SINGLE WAVELENGTH' 
_diffrn_radiation.monochromator                    ? 
_diffrn_radiation.wavelength_id                    1 
_diffrn_radiation.pdbx_monochromatic_or_laue_m_l   M 
_diffrn_radiation.pdbx_scattering_type             x-ray 
# 
_diffrn_radiation_wavelength.id           1 
_diffrn_radiation_wavelength.wavelength   0.97920 
_diffrn_radiation_wavelength.wt           1.0 
# 
_diffrn_source.diffrn_id                   1 
_diffrn_source.source                      SYNCHROTRON 
_diffrn_source.type                        'APS BEAMLINE 24-ID-C' 
_diffrn_source.pdbx_wavelength_list        0.97920 
_diffrn_source.pdbx_wavelength             ? 
_diffrn_source.pdbx_synchrotron_site       APS 
_diffrn_source.pdbx_synchrotron_beamline   24-ID-C 
# 
_reflns.entry_id                     3O16 
_reflns.d_resolution_high            2.100 
_reflns.d_resolution_low             50.000 
_reflns.number_obs                   14986 
_reflns.pdbx_Rmerge_I_obs            0.070 
_reflns.pdbx_netI_over_sigmaI        13.300 
_reflns.pdbx_chi_squared             1.151 
_reflns.pdbx_redundancy              6.700 
_reflns.percent_possible_obs         91.300 
_reflns.observed_criterion_sigma_F   ? 
_reflns.observed_criterion_sigma_I   ? 
_reflns.number_all                   ? 
_reflns.B_iso_Wilson_estimate        ? 
_reflns.R_free_details               ? 
_reflns.limit_h_max                  ? 
_reflns.limit_h_min                  ? 
_reflns.limit_k_max                  ? 
_reflns.limit_k_min                  ? 
_reflns.limit_l_max                  ? 
_reflns.limit_l_min                  ? 
_reflns.observed_criterion_F_max     ? 
_reflns.observed_criterion_F_min     ? 
_reflns.pdbx_scaling_rejects         ? 
_reflns.pdbx_Rsym_value              ? 
_reflns.pdbx_ordinal                 1 
_reflns.pdbx_diffrn_id               1 
# 
loop_
_reflns_shell.d_res_high 
_reflns_shell.d_res_low 
_reflns_shell.number_measured_obs 
_reflns_shell.number_measured_all 
_reflns_shell.number_unique_obs 
_reflns_shell.Rmerge_I_obs 
_reflns_shell.meanI_over_sigI_obs 
_reflns_shell.pdbx_Rsym_value 
_reflns_shell.pdbx_chi_squared 
_reflns_shell.pdbx_redundancy 
_reflns_shell.percent_possible_obs 
_reflns_shell.number_unique_all 
_reflns_shell.percent_possible_all 
_reflns_shell.pdbx_ordinal 
_reflns_shell.pdbx_diffrn_id 
2.100 2.180  ? ? ? 0.325 ? ? 0.795 6.500 ? 1490 93.200 1  1 
2.180 2.260  ? ? ? 0.330 ? ? 1.720 6.100 ? 1493 93.100 2  1 
2.260 2.370  ? ? ? 0.224 ? ? 0.925 6.400 ? 1503 93.400 3  1 
2.370 2.490  ? ? ? 0.155 ? ? 1.168 6.300 ? 1500 92.600 4  1 
2.490 2.650  ? ? ? 0.132 ? ? 1.267 6.300 ? 1462 91.200 5  1 
2.650 2.850  ? ? ? 0.106 ? ? 1.313 6.300 ? 1468 90.800 6  1 
2.850 3.140  ? ? ? 0.084 ? ? 1.358 6.500 ? 1518 92.100 7  1 
3.140 3.590  ? ? ? 0.068 ? ? 1.223 7.100 ? 1512 91.800 8  1 
3.590 4.520  ? ? ? 0.058 ? ? 1.126 7.600 ? 1515 90.100 9  1 
4.520 50.000 ? ? ? 0.039 ? ? 0.756 7.700 ? 1525 85.100 10 1 
# 
_refine.entry_id                                 3O16 
_refine.ls_d_res_high                            2.1000 
_refine.ls_d_res_low                             34.63 
_refine.pdbx_ls_sigma_F                          0.000 
_refine.pdbx_data_cutoff_high_absF               ? 
_refine.pdbx_data_cutoff_low_absF                ? 
_refine.ls_percent_reflns_obs                    87.8000 
_refine.ls_number_reflns_obs                     14513 
_refine.ls_number_reflns_all                     ? 
_refine.pdbx_ls_cross_valid_method               ? 
_refine.pdbx_R_Free_selection_details            ? 
_refine.details                                  ? 
_refine.ls_R_factor_obs                          ? 
_refine.ls_R_factor_R_work                       0.2137 
_refine.ls_wR_factor_R_work                      ? 
_refine.ls_R_factor_R_free                       0.2447 
_refine.ls_wR_factor_R_free                      ? 
_refine.ls_percent_reflns_R_free                 4.2000 
_refine.ls_number_reflns_R_free                  701 
_refine.ls_R_factor_R_free_error                 ? 
_refine.B_iso_mean                               34.5178 
_refine.solvent_model_param_bsol                 45.6699 
_refine.solvent_model_param_ksol                 ? 
_refine.pdbx_isotropic_thermal_model             ? 
_refine.aniso_B[1][1]                            3.1090 
_refine.aniso_B[2][2]                            3.1090 
_refine.aniso_B[3][3]                            -6.2190 
_refine.aniso_B[1][2]                            0.0000 
_refine.aniso_B[1][3]                            0.0000 
_refine.aniso_B[2][3]                            0.0000 
_refine.correlation_coeff_Fo_to_Fc               ? 
_refine.correlation_coeff_Fo_to_Fc_free          ? 
_refine.overall_SU_R_Cruickshank_DPI             ? 
_refine.overall_SU_R_free                        ? 
_refine.pdbx_overall_ESU_R_Free                  ? 
_refine.overall_SU_ML                            ? 
_refine.overall_SU_B                             ? 
_refine.solvent_model_details                    ? 
_refine.pdbx_solvent_vdw_probe_radii             ? 
_refine.pdbx_solvent_ion_probe_radii             ? 
_refine.pdbx_solvent_shrinkage_radii             ? 
_refine.ls_number_parameters                     ? 
_refine.ls_number_restraints                     ? 
_refine.pdbx_starting_model                      ? 
_refine.pdbx_method_to_determine_struct          'MOLECULAR REPLACEMENT' 
_refine.pdbx_stereochemistry_target_values       ? 
_refine.pdbx_stereochem_target_val_spec_case     ? 
_refine.overall_FOM_work_R_set                   ? 
_refine.B_iso_max                                66.910 
_refine.B_iso_min                                16.410 
_refine.occupancy_max                            1.000 
_refine.occupancy_min                            1.000 
_refine.pdbx_ls_sigma_I                          ? 
_refine.ls_redundancy_reflns_obs                 ? 
_refine.ls_R_factor_R_free_error_details         ? 
_refine.pdbx_data_cutoff_high_rms_absF           ? 
_refine.overall_FOM_free_R_set                   ? 
_refine.pdbx_overall_phase_error                 ? 
_refine.pdbx_refine_id                           'X-RAY DIFFRACTION' 
_refine.ls_R_factor_all                          ? 
_refine.pdbx_overall_ESU_R                       ? 
_refine.pdbx_diffrn_id                           1 
_refine.pdbx_TLS_residual_ADP_flag               ? 
_refine.pdbx_overall_SU_R_free_Cruickshank_DPI   ? 
_refine.pdbx_overall_SU_R_Blow_DPI               ? 
_refine.pdbx_overall_SU_R_free_Blow_DPI          ? 
# 
_refine_hist.pdbx_refine_id                   'X-RAY DIFFRACTION' 
_refine_hist.cycle_id                         LAST 
_refine_hist.pdbx_number_atoms_protein        1550 
_refine_hist.pdbx_number_atoms_nucleic_acid   0 
_refine_hist.pdbx_number_atoms_ligand         0 
_refine_hist.number_atoms_solvent             151 
_refine_hist.number_atoms_total               1701 
_refine_hist.d_res_high                       2.1000 
_refine_hist.d_res_low                        34.63 
# 
loop_
_refine_ls_restr.type 
_refine_ls_restr.number 
_refine_ls_restr.dev_ideal 
_refine_ls_restr.dev_ideal_target 
_refine_ls_restr.weight 
_refine_ls_restr.pdbx_refine_id 
_refine_ls_restr.pdbx_restraint_function 
c_bond_d  ? 0.006 ? ? 'X-RAY DIFFRACTION' ? 
c_angle_d ? 1.157 ? ? 'X-RAY DIFFRACTION' ? 
# 
loop_
_pdbx_xplor_file.serial_no 
_pdbx_xplor_file.param_file 
_pdbx_xplor_file.topol_file 
_pdbx_xplor_file.pdbx_refine_id 
1 CNS_TOPPAR:protein_rep.param ? 'X-RAY DIFFRACTION' 
2 CNS_TOPPAR:water_rep.param   ? 'X-RAY DIFFRACTION' 
# 
_struct.entry_id                  3O16 
_struct.title                     'Crystal Structure of Bacillus subtilis Thiamin Phosphate Synthase K159A' 
_struct.pdbx_model_details        ? 
_struct.pdbx_CASP_flag            ? 
_struct.pdbx_model_type_details   ? 
# 
_struct_keywords.entry_id        3O16 
_struct_keywords.text            'thiamin biosynthesis, TIM barrel, Transferase' 
_struct_keywords.pdbx_keywords   TRANSFERASE 
# 
loop_
_struct_asym.id 
_struct_asym.pdbx_blank_PDB_chainid_flag 
_struct_asym.pdbx_modified 
_struct_asym.entity_id 
_struct_asym.details 
A N N 1 ? 
B N N 2 ? 
# 
_struct_ref.id                         1 
_struct_ref.db_name                    UNP 
_struct_ref.db_code                    THIE_BACSU 
_struct_ref.pdbx_db_accession          P39594 
_struct_ref.entity_id                  1 
_struct_ref.pdbx_seq_one_letter_code   
;MTRISREMMKELLSVYFIMGSNNTKADPVTVVQKALKGGATLYQFREKGGDALTGEARIKFAEKAQAACREAGVPFIVND
DVELALNLKADGIHIGQEDANAKEVRAAIGDMILGVSAHTMSEVKQAEEDGADYVGLGPIYPTETKKDTRAVQGVSLIEA
VRRQGISIPIVGIGGITIDNAAPVIQAGADGVSMISAISQAEDPESAARKFREEIQTYKTGR
;
_struct_ref.pdbx_align_begin           1 
_struct_ref.pdbx_db_isoform            ? 
# 
_struct_ref_seq.align_id                      1 
_struct_ref_seq.ref_id                        1 
_struct_ref_seq.pdbx_PDB_id_code              3O16 
_struct_ref_seq.pdbx_strand_id                A 
_struct_ref_seq.seq_align_beg                 14 
_struct_ref_seq.pdbx_seq_align_beg_ins_code   ? 
_struct_ref_seq.seq_align_end                 235 
_struct_ref_seq.pdbx_seq_align_end_ins_code   ? 
_struct_ref_seq.pdbx_db_accession             P39594 
_struct_ref_seq.db_align_beg                  1 
_struct_ref_seq.pdbx_db_align_beg_ins_code    ? 
_struct_ref_seq.db_align_end                  222 
_struct_ref_seq.pdbx_db_align_end_ins_code    ? 
_struct_ref_seq.pdbx_auth_seq_align_beg       14 
_struct_ref_seq.pdbx_auth_seq_align_end       235 
# 
loop_
_struct_ref_seq_dif.align_id 
_struct_ref_seq_dif.pdbx_pdb_id_code 
_struct_ref_seq_dif.mon_id 
_struct_ref_seq_dif.pdbx_pdb_strand_id 
_struct_ref_seq_dif.seq_num 
_struct_ref_seq_dif.pdbx_pdb_ins_code 
_struct_ref_seq_dif.pdbx_seq_db_name 
_struct_ref_seq_dif.pdbx_seq_db_accession_code 
_struct_ref_seq_dif.db_mon_id 
_struct_ref_seq_dif.pdbx_seq_db_seq_num 
_struct_ref_seq_dif.details 
_struct_ref_seq_dif.pdbx_auth_seq_num 
_struct_ref_seq_dif.pdbx_ordinal 
1 3O16 MET A 1   ? UNP P39594 ?   ?   'expression tag'      1   1  
1 3O16 ARG A 2   ? UNP P39594 ?   ?   'expression tag'      2   2  
1 3O16 GLY A 3   ? UNP P39594 ?   ?   'expression tag'      3   3  
1 3O16 SER A 4   ? UNP P39594 ?   ?   'expression tag'      4   4  
1 3O16 HIS A 5   ? UNP P39594 ?   ?   'expression tag'      5   5  
1 3O16 HIS A 6   ? UNP P39594 ?   ?   'expression tag'      6   6  
1 3O16 HIS A 7   ? UNP P39594 ?   ?   'expression tag'      7   7  
1 3O16 HIS A 8   ? UNP P39594 ?   ?   'expression tag'      8   8  
1 3O16 HIS A 9   ? UNP P39594 ?   ?   'expression tag'      9   9  
1 3O16 HIS A 10  ? UNP P39594 ?   ?   'expression tag'      10  10 
1 3O16 GLY A 11  ? UNP P39594 ?   ?   'expression tag'      11  11 
1 3O16 ILE A 12  ? UNP P39594 ?   ?   'expression tag'      12  12 
1 3O16 ARG A 13  ? UNP P39594 ?   ?   'expression tag'      13  13 
1 3O16 ALA A 159 ? UNP P39594 LYS 146 'engineered mutation' 159 14 
# 
_pdbx_struct_assembly.id                   1 
_pdbx_struct_assembly.details              author_and_software_defined_assembly 
_pdbx_struct_assembly.method_details       PISA 
_pdbx_struct_assembly.oligomeric_details   monomeric 
_pdbx_struct_assembly.oligomeric_count     1 
# 
_pdbx_struct_assembly_gen.assembly_id       1 
_pdbx_struct_assembly_gen.oper_expression   1 
_pdbx_struct_assembly_gen.asym_id_list      A,B 
# 
_pdbx_struct_oper_list.id                   1 
_pdbx_struct_oper_list.type                 'identity operation' 
_pdbx_struct_oper_list.name                 1_555 
_pdbx_struct_oper_list.symmetry_operation   x,y,z 
_pdbx_struct_oper_list.matrix[1][1]         1.0000000000 
_pdbx_struct_oper_list.matrix[1][2]         0.0000000000 
_pdbx_struct_oper_list.matrix[1][3]         0.0000000000 
_pdbx_struct_oper_list.vector[1]            0.0000000000 
_pdbx_struct_oper_list.matrix[2][1]         0.0000000000 
_pdbx_struct_oper_list.matrix[2][2]         1.0000000000 
_pdbx_struct_oper_list.matrix[2][3]         0.0000000000 
_pdbx_struct_oper_list.vector[2]            0.0000000000 
_pdbx_struct_oper_list.matrix[3][1]         0.0000000000 
_pdbx_struct_oper_list.matrix[3][2]         0.0000000000 
_pdbx_struct_oper_list.matrix[3][3]         1.0000000000 
_pdbx_struct_oper_list.vector[3]            0.0000000000 
# 
_struct_biol.id        1 
_struct_biol.details   ? 
# 
loop_
_struct_conf.conf_type_id 
_struct_conf.id 
_struct_conf.pdbx_PDB_helix_id 
_struct_conf.beg_label_comp_id 
_struct_conf.beg_label_asym_id 
_struct_conf.beg_label_seq_id 
_struct_conf.pdbx_beg_PDB_ins_code 
_struct_conf.end_label_comp_id 
_struct_conf.end_label_asym_id 
_struct_conf.end_label_seq_id 
_struct_conf.pdbx_end_PDB_ins_code 
_struct_conf.beg_auth_comp_id 
_struct_conf.beg_auth_asym_id 
_struct_conf.beg_auth_seq_id 
_struct_conf.end_auth_comp_id 
_struct_conf.end_auth_asym_id 
_struct_conf.end_auth_seq_id 
_struct_conf.pdbx_PDB_helix_class 
_struct_conf.details 
_struct_conf.pdbx_PDB_helix_length 
HELX_P HELX_P1  1  SER A 18  ? LEU A 26  ? SER A 18  LEU A 26  1 ? 9  
HELX_P HELX_P2  2  GLY A 33  ? THR A 37  ? GLY A 33  THR A 37  5 ? 5  
HELX_P HELX_P3  3  ASP A 40  ? GLY A 52  ? ASP A 40  GLY A 52  1 ? 13 
HELX_P HELX_P4  4  THR A 67  ? GLY A 86  ? THR A 67  GLY A 86  1 ? 20 
HELX_P HELX_P5  5  ASP A 94  ? LYS A 102 ? ASP A 94  LYS A 102 1 ? 9  
HELX_P HELX_P6  6  ASN A 114 ? ILE A 122 ? ASN A 114 ILE A 122 1 ? 9  
HELX_P HELX_P7  7  THR A 133 ? GLY A 144 ? THR A 133 GLY A 144 1 ? 12 
HELX_P HELX_P8  8  VAL A 168 ? GLN A 177 ? VAL A 168 GLN A 177 1 ? 10 
HELX_P HELX_P9  9  ALA A 194 ? ALA A 200 ? ALA A 194 ALA A 200 1 ? 7  
HELX_P HELX_P10 10 ILE A 208 ? GLN A 213 ? ILE A 208 GLN A 213 1 ? 6  
HELX_P HELX_P11 11 ASP A 216 ? THR A 233 ? ASP A 216 THR A 233 1 ? 18 
# 
_struct_conf_type.id          HELX_P 
_struct_conf_type.criteria    ? 
_struct_conf_type.reference   ? 
# 
_struct_mon_prot_cis.pdbx_id                1 
_struct_mon_prot_cis.label_comp_id          GLY 
_struct_mon_prot_cis.label_seq_id           151 
_struct_mon_prot_cis.label_asym_id          A 
_struct_mon_prot_cis.label_alt_id           . 
_struct_mon_prot_cis.pdbx_PDB_ins_code      ? 
_struct_mon_prot_cis.auth_comp_id           GLY 
_struct_mon_prot_cis.auth_seq_id            151 
_struct_mon_prot_cis.auth_asym_id           A 
_struct_mon_prot_cis.pdbx_label_comp_id_2   PRO 
_struct_mon_prot_cis.pdbx_label_seq_id_2    152 
_struct_mon_prot_cis.pdbx_label_asym_id_2   A 
_struct_mon_prot_cis.pdbx_PDB_ins_code_2    ? 
_struct_mon_prot_cis.pdbx_auth_comp_id_2    PRO 
_struct_mon_prot_cis.pdbx_auth_seq_id_2     152 
_struct_mon_prot_cis.pdbx_auth_asym_id_2    A 
_struct_mon_prot_cis.pdbx_PDB_model_num     1 
_struct_mon_prot_cis.pdbx_omega_angle       -0.21 
# 
_struct_sheet.id               A 
_struct_sheet.type             ? 
_struct_sheet.number_strands   9 
_struct_sheet.details          ? 
# 
loop_
_struct_sheet_order.sheet_id 
_struct_sheet_order.range_id_1 
_struct_sheet_order.range_id_2 
_struct_sheet_order.offset 
_struct_sheet_order.sense 
A 1 2 ? parallel 
A 2 3 ? parallel 
A 3 4 ? parallel 
A 4 5 ? parallel 
A 5 6 ? parallel 
A 6 7 ? parallel 
A 7 8 ? parallel 
A 8 9 ? parallel 
# 
loop_
_struct_sheet_range.sheet_id 
_struct_sheet_range.id 
_struct_sheet_range.beg_label_comp_id 
_struct_sheet_range.beg_label_asym_id 
_struct_sheet_range.beg_label_seq_id 
_struct_sheet_range.pdbx_beg_PDB_ins_code 
_struct_sheet_range.end_label_comp_id 
_struct_sheet_range.end_label_asym_id 
_struct_sheet_range.end_label_seq_id 
_struct_sheet_range.pdbx_end_PDB_ins_code 
_struct_sheet_range.beg_auth_comp_id 
_struct_sheet_range.beg_auth_asym_id 
_struct_sheet_range.beg_auth_seq_id 
_struct_sheet_range.end_auth_comp_id 
_struct_sheet_range.end_auth_asym_id 
_struct_sheet_range.end_auth_seq_id 
A 1 VAL A 28  ? MET A 32  ? VAL A 28  MET A 32  
A 2 LEU A 55  ? PHE A 58  ? LEU A 55  PHE A 58  
A 3 PHE A 89  ? ASN A 92  ? PHE A 89  ASN A 92  
A 4 GLY A 105 ? ILE A 108 ? GLY A 105 ILE A 108 
A 5 ILE A 126 ? ALA A 131 ? ILE A 126 ALA A 131 
A 6 TYR A 147 ? LEU A 150 ? TYR A 147 LEU A 150 
A 7 ILE A 183 ? GLY A 185 ? ILE A 183 GLY A 185 
A 8 GLY A 204 ? MET A 207 ? GLY A 204 MET A 207 
A 9 VAL A 28  ? MET A 32  ? VAL A 28  MET A 32  
# 
loop_
_pdbx_struct_sheet_hbond.sheet_id 
_pdbx_struct_sheet_hbond.range_id_1 
_pdbx_struct_sheet_hbond.range_id_2 
_pdbx_struct_sheet_hbond.range_1_label_atom_id 
_pdbx_struct_sheet_hbond.range_1_label_comp_id 
_pdbx_struct_sheet_hbond.range_1_label_asym_id 
_pdbx_struct_sheet_hbond.range_1_label_seq_id 
_pdbx_struct_sheet_hbond.range_1_PDB_ins_code 
_pdbx_struct_sheet_hbond.range_1_auth_atom_id 
_pdbx_struct_sheet_hbond.range_1_auth_comp_id 
_pdbx_struct_sheet_hbond.range_1_auth_asym_id 
_pdbx_struct_sheet_hbond.range_1_auth_seq_id 
_pdbx_struct_sheet_hbond.range_2_label_atom_id 
_pdbx_struct_sheet_hbond.range_2_label_comp_id 
_pdbx_struct_sheet_hbond.range_2_label_asym_id 
_pdbx_struct_sheet_hbond.range_2_label_seq_id 
_pdbx_struct_sheet_hbond.range_2_PDB_ins_code 
_pdbx_struct_sheet_hbond.range_2_auth_atom_id 
_pdbx_struct_sheet_hbond.range_2_auth_comp_id 
_pdbx_struct_sheet_hbond.range_2_auth_asym_id 
_pdbx_struct_sheet_hbond.range_2_auth_seq_id 
A 1 2 N PHE A 30  ? N PHE A 30  O GLN A 57  ? O GLN A 57  
A 2 3 N PHE A 58  ? N PHE A 58  O ILE A 90  ? O ILE A 90  
A 3 4 N VAL A 91  ? N VAL A 91  O HIS A 107 ? O HIS A 107 
A 4 5 N ILE A 106 ? N ILE A 106 O GLY A 128 ? O GLY A 128 
A 5 6 N VAL A 129 ? N VAL A 129 O GLY A 149 ? O GLY A 149 
A 6 7 N LEU A 150 ? N LEU A 150 O VAL A 184 ? O VAL A 184 
A 7 8 N GLY A 185 ? N GLY A 185 O SER A 206 ? O SER A 206 
A 8 9 O MET A 207 ? O MET A 207 N ILE A 31  ? N ILE A 31  
# 
loop_
_pdbx_validate_torsion.id 
_pdbx_validate_torsion.PDB_model_num 
_pdbx_validate_torsion.auth_comp_id 
_pdbx_validate_torsion.auth_asym_id 
_pdbx_validate_torsion.auth_seq_id 
_pdbx_validate_torsion.PDB_ins_code 
_pdbx_validate_torsion.label_alt_id 
_pdbx_validate_torsion.phi 
_pdbx_validate_torsion.psi 
1 1 ASP A 93  ? ? 61.72   -54.27 
2 1 ASP A 94  ? ? -66.71  96.91  
3 1 GLU A 111 ? ? -57.05  -74.98 
4 1 ASP A 112 ? ? -97.23  58.61  
5 1 ALA A 113 ? ? -175.33 142.71 
6 1 PRO A 155 ? ? -50.90  16.87  
7 1 ILE A 208 ? ? -119.82 -80.84 
# 
_phasing.method   MR 
# 
loop_
_pdbx_unobs_or_zero_occ_residues.id 
_pdbx_unobs_or_zero_occ_residues.PDB_model_num 
_pdbx_unobs_or_zero_occ_residues.polymer_flag 
_pdbx_unobs_or_zero_occ_residues.occupancy_flag 
_pdbx_unobs_or_zero_occ_residues.auth_asym_id 
_pdbx_unobs_or_zero_occ_residues.auth_comp_id 
_pdbx_unobs_or_zero_occ_residues.auth_seq_id 
_pdbx_unobs_or_zero_occ_residues.PDB_ins_code 
_pdbx_unobs_or_zero_occ_residues.label_asym_id 
_pdbx_unobs_or_zero_occ_residues.label_comp_id 
_pdbx_unobs_or_zero_occ_residues.label_seq_id 
1  1 Y 1 A MET 1   ? A MET 1   
2  1 Y 1 A ARG 2   ? A ARG 2   
3  1 Y 1 A GLY 3   ? A GLY 3   
4  1 Y 1 A SER 4   ? A SER 4   
5  1 Y 1 A HIS 5   ? A HIS 5   
6  1 Y 1 A HIS 6   ? A HIS 6   
7  1 Y 1 A HIS 7   ? A HIS 7   
8  1 Y 1 A HIS 8   ? A HIS 8   
9  1 Y 1 A HIS 9   ? A HIS 9   
10 1 Y 1 A HIS 10  ? A HIS 10  
11 1 Y 1 A GLY 11  ? A GLY 11  
12 1 Y 1 A ILE 12  ? A ILE 12  
13 1 Y 1 A ARG 13  ? A ARG 13  
14 1 Y 1 A MET 14  ? A MET 14  
15 1 Y 1 A GLU 157 ? A GLU 157 
16 1 Y 1 A THR 158 ? A THR 158 
17 1 Y 1 A ALA 159 ? A ALA 159 
18 1 Y 1 A LYS 160 ? A LYS 160 
19 1 Y 1 A ASP 161 ? A ASP 161 
20 1 Y 1 A THR 162 ? A THR 162 
21 1 Y 1 A ARG 163 ? A ARG 163 
22 1 Y 1 A ALA 164 ? A ALA 164 
23 1 Y 1 A VAL 165 ? A VAL 165 
24 1 Y 1 A GLN 166 ? A GLN 166 
25 1 Y 1 A GLY 167 ? A GLY 167 
26 1 Y 1 A GLY 234 ? A GLY 234 
27 1 Y 1 A ARG 235 ? A ARG 235 
# 
loop_
_chem_comp_atom.comp_id 
_chem_comp_atom.atom_id 
_chem_comp_atom.type_symbol 
_chem_comp_atom.pdbx_aromatic_flag 
_chem_comp_atom.pdbx_stereo_config 
_chem_comp_atom.pdbx_ordinal 
ALA N    N N N 1   
ALA CA   C N S 2   
ALA C    C N N 3   
ALA O    O N N 4   
ALA CB   C N N 5   
ALA OXT  O N N 6   
ALA H    H N N 7   
ALA H2   H N N 8   
ALA HA   H N N 9   
ALA HB1  H N N 10  
ALA HB2  H N N 11  
ALA HB3  H N N 12  
ALA HXT  H N N 13  
ARG N    N N N 14  
ARG CA   C N S 15  
ARG C    C N N 16  
ARG O    O N N 17  
ARG CB   C N N 18  
ARG CG   C N N 19  
ARG CD   C N N 20  
ARG NE   N N N 21  
ARG CZ   C N N 22  
ARG NH1  N N N 23  
ARG NH2  N N N 24  
ARG OXT  O N N 25  
ARG H    H N N 26  
ARG H2   H N N 27  
ARG HA   H N N 28  
ARG HB2  H N N 29  
ARG HB3  H N N 30  
ARG HG2  H N N 31  
ARG HG3  H N N 32  
ARG HD2  H N N 33  
ARG HD3  H N N 34  
ARG HE   H N N 35  
ARG HH11 H N N 36  
ARG HH12 H N N 37  
ARG HH21 H N N 38  
ARG HH22 H N N 39  
ARG HXT  H N N 40  
ASN N    N N N 41  
ASN CA   C N S 42  
ASN C    C N N 43  
ASN O    O N N 44  
ASN CB   C N N 45  
ASN CG   C N N 46  
ASN OD1  O N N 47  
ASN ND2  N N N 48  
ASN OXT  O N N 49  
ASN H    H N N 50  
ASN H2   H N N 51  
ASN HA   H N N 52  
ASN HB2  H N N 53  
ASN HB3  H N N 54  
ASN HD21 H N N 55  
ASN HD22 H N N 56  
ASN HXT  H N N 57  
ASP N    N N N 58  
ASP CA   C N S 59  
ASP C    C N N 60  
ASP O    O N N 61  
ASP CB   C N N 62  
ASP CG   C N N 63  
ASP OD1  O N N 64  
ASP OD2  O N N 65  
ASP OXT  O N N 66  
ASP H    H N N 67  
ASP H2   H N N 68  
ASP HA   H N N 69  
ASP HB2  H N N 70  
ASP HB3  H N N 71  
ASP HD2  H N N 72  
ASP HXT  H N N 73  
CYS N    N N N 74  
CYS CA   C N R 75  
CYS C    C N N 76  
CYS O    O N N 77  
CYS CB   C N N 78  
CYS SG   S N N 79  
CYS OXT  O N N 80  
CYS H    H N N 81  
CYS H2   H N N 82  
CYS HA   H N N 83  
CYS HB2  H N N 84  
CYS HB3  H N N 85  
CYS HG   H N N 86  
CYS HXT  H N N 87  
GLN N    N N N 88  
GLN CA   C N S 89  
GLN C    C N N 90  
GLN O    O N N 91  
GLN CB   C N N 92  
GLN CG   C N N 93  
GLN CD   C N N 94  
GLN OE1  O N N 95  
GLN NE2  N N N 96  
GLN OXT  O N N 97  
GLN H    H N N 98  
GLN H2   H N N 99  
GLN HA   H N N 100 
GLN HB2  H N N 101 
GLN HB3  H N N 102 
GLN HG2  H N N 103 
GLN HG3  H N N 104 
GLN HE21 H N N 105 
GLN HE22 H N N 106 
GLN HXT  H N N 107 
GLU N    N N N 108 
GLU CA   C N S 109 
GLU C    C N N 110 
GLU O    O N N 111 
GLU CB   C N N 112 
GLU CG   C N N 113 
GLU CD   C N N 114 
GLU OE1  O N N 115 
GLU OE2  O N N 116 
GLU OXT  O N N 117 
GLU H    H N N 118 
GLU H2   H N N 119 
GLU HA   H N N 120 
GLU HB2  H N N 121 
GLU HB3  H N N 122 
GLU HG2  H N N 123 
GLU HG3  H N N 124 
GLU HE2  H N N 125 
GLU HXT  H N N 126 
GLY N    N N N 127 
GLY CA   C N N 128 
GLY C    C N N 129 
GLY O    O N N 130 
GLY OXT  O N N 131 
GLY H    H N N 132 
GLY H2   H N N 133 
GLY HA2  H N N 134 
GLY HA3  H N N 135 
GLY HXT  H N N 136 
HIS N    N N N 137 
HIS CA   C N S 138 
HIS C    C N N 139 
HIS O    O N N 140 
HIS CB   C N N 141 
HIS CG   C Y N 142 
HIS ND1  N Y N 143 
HIS CD2  C Y N 144 
HIS CE1  C Y N 145 
HIS NE2  N Y N 146 
HIS OXT  O N N 147 
HIS H    H N N 148 
HIS H2   H N N 149 
HIS HA   H N N 150 
HIS HB2  H N N 151 
HIS HB3  H N N 152 
HIS HD1  H N N 153 
HIS HD2  H N N 154 
HIS HE1  H N N 155 
HIS HE2  H N N 156 
HIS HXT  H N N 157 
HOH O    O N N 158 
HOH H1   H N N 159 
HOH H2   H N N 160 
ILE N    N N N 161 
ILE CA   C N S 162 
ILE C    C N N 163 
ILE O    O N N 164 
ILE CB   C N S 165 
ILE CG1  C N N 166 
ILE CG2  C N N 167 
ILE CD1  C N N 168 
ILE OXT  O N N 169 
ILE H    H N N 170 
ILE H2   H N N 171 
ILE HA   H N N 172 
ILE HB   H N N 173 
ILE HG12 H N N 174 
ILE HG13 H N N 175 
ILE HG21 H N N 176 
ILE HG22 H N N 177 
ILE HG23 H N N 178 
ILE HD11 H N N 179 
ILE HD12 H N N 180 
ILE HD13 H N N 181 
ILE HXT  H N N 182 
LEU N    N N N 183 
LEU CA   C N S 184 
LEU C    C N N 185 
LEU O    O N N 186 
LEU CB   C N N 187 
LEU CG   C N N 188 
LEU CD1  C N N 189 
LEU CD2  C N N 190 
LEU OXT  O N N 191 
LEU H    H N N 192 
LEU H2   H N N 193 
LEU HA   H N N 194 
LEU HB2  H N N 195 
LEU HB3  H N N 196 
LEU HG   H N N 197 
LEU HD11 H N N 198 
LEU HD12 H N N 199 
LEU HD13 H N N 200 
LEU HD21 H N N 201 
LEU HD22 H N N 202 
LEU HD23 H N N 203 
LEU HXT  H N N 204 
LYS N    N N N 205 
LYS CA   C N S 206 
LYS C    C N N 207 
LYS O    O N N 208 
LYS CB   C N N 209 
LYS CG   C N N 210 
LYS CD   C N N 211 
LYS CE   C N N 212 
LYS NZ   N N N 213 
LYS OXT  O N N 214 
LYS H    H N N 215 
LYS H2   H N N 216 
LYS HA   H N N 217 
LYS HB2  H N N 218 
LYS HB3  H N N 219 
LYS HG2  H N N 220 
LYS HG3  H N N 221 
LYS HD2  H N N 222 
LYS HD3  H N N 223 
LYS HE2  H N N 224 
LYS HE3  H N N 225 
LYS HZ1  H N N 226 
LYS HZ2  H N N 227 
LYS HZ3  H N N 228 
LYS HXT  H N N 229 
MET N    N N N 230 
MET CA   C N S 231 
MET C    C N N 232 
MET O    O N N 233 
MET CB   C N N 234 
MET CG   C N N 235 
MET SD   S N N 236 
MET CE   C N N 237 
MET OXT  O N N 238 
MET H    H N N 239 
MET H2   H N N 240 
MET HA   H N N 241 
MET HB2  H N N 242 
MET HB3  H N N 243 
MET HG2  H N N 244 
MET HG3  H N N 245 
MET HE1  H N N 246 
MET HE2  H N N 247 
MET HE3  H N N 248 
MET HXT  H N N 249 
PHE N    N N N 250 
PHE CA   C N S 251 
PHE C    C N N 252 
PHE O    O N N 253 
PHE CB   C N N 254 
PHE CG   C Y N 255 
PHE CD1  C Y N 256 
PHE CD2  C Y N 257 
PHE CE1  C Y N 258 
PHE CE2  C Y N 259 
PHE CZ   C Y N 260 
PHE OXT  O N N 261 
PHE H    H N N 262 
PHE H2   H N N 263 
PHE HA   H N N 264 
PHE HB2  H N N 265 
PHE HB3  H N N 266 
PHE HD1  H N N 267 
PHE HD2  H N N 268 
PHE HE1  H N N 269 
PHE HE2  H N N 270 
PHE HZ   H N N 271 
PHE HXT  H N N 272 
PRO N    N N N 273 
PRO CA   C N S 274 
PRO C    C N N 275 
PRO O    O N N 276 
PRO CB   C N N 277 
PRO CG   C N N 278 
PRO CD   C N N 279 
PRO OXT  O N N 280 
PRO H    H N N 281 
PRO HA   H N N 282 
PRO HB2  H N N 283 
PRO HB3  H N N 284 
PRO HG2  H N N 285 
PRO HG3  H N N 286 
PRO HD2  H N N 287 
PRO HD3  H N N 288 
PRO HXT  H N N 289 
SER N    N N N 290 
SER CA   C N S 291 
SER C    C N N 292 
SER O    O N N 293 
SER CB   C N N 294 
SER OG   O N N 295 
SER OXT  O N N 296 
SER H    H N N 297 
SER H2   H N N 298 
SER HA   H N N 299 
SER HB2  H N N 300 
SER HB3  H N N 301 
SER HG   H N N 302 
SER HXT  H N N 303 
THR N    N N N 304 
THR CA   C N S 305 
THR C    C N N 306 
THR O    O N N 307 
THR CB   C N R 308 
THR OG1  O N N 309 
THR CG2  C N N 310 
THR OXT  O N N 311 
THR H    H N N 312 
THR H2   H N N 313 
THR HA   H N N 314 
THR HB   H N N 315 
THR HG1  H N N 316 
THR HG21 H N N 317 
THR HG22 H N N 318 
THR HG23 H N N 319 
THR HXT  H N N 320 
TYR N    N N N 321 
TYR CA   C N S 322 
TYR C    C N N 323 
TYR O    O N N 324 
TYR CB   C N N 325 
TYR CG   C Y N 326 
TYR CD1  C Y N 327 
TYR CD2  C Y N 328 
TYR CE1  C Y N 329 
TYR CE2  C Y N 330 
TYR CZ   C Y N 331 
TYR OH   O N N 332 
TYR OXT  O N N 333 
TYR H    H N N 334 
TYR H2   H N N 335 
TYR HA   H N N 336 
TYR HB2  H N N 337 
TYR HB3  H N N 338 
TYR HD1  H N N 339 
TYR HD2  H N N 340 
TYR HE1  H N N 341 
TYR HE2  H N N 342 
TYR HH   H N N 343 
TYR HXT  H N N 344 
VAL N    N N N 345 
VAL CA   C N S 346 
VAL C    C N N 347 
VAL O    O N N 348 
VAL CB   C N N 349 
VAL CG1  C N N 350 
VAL CG2  C N N 351 
VAL OXT  O N N 352 
VAL H    H N N 353 
VAL H2   H N N 354 
VAL HA   H N N 355 
VAL HB   H N N 356 
VAL HG11 H N N 357 
VAL HG12 H N N 358 
VAL HG13 H N N 359 
VAL HG21 H N N 360 
VAL HG22 H N N 361 
VAL HG23 H N N 362 
VAL HXT  H N N 363 
# 
loop_
_chem_comp_bond.comp_id 
_chem_comp_bond.atom_id_1 
_chem_comp_bond.atom_id_2 
_chem_comp_bond.value_order 
_chem_comp_bond.pdbx_aromatic_flag 
_chem_comp_bond.pdbx_stereo_config 
_chem_comp_bond.pdbx_ordinal 
ALA N   CA   sing N N 1   
ALA N   H    sing N N 2   
ALA N   H2   sing N N 3   
ALA CA  C    sing N N 4   
ALA CA  CB   sing N N 5   
ALA CA  HA   sing N N 6   
ALA C   O    doub N N 7   
ALA C   OXT  sing N N 8   
ALA CB  HB1  sing N N 9   
ALA CB  HB2  sing N N 10  
ALA CB  HB3  sing N N 11  
ALA OXT HXT  sing N N 12  
ARG N   CA   sing N N 13  
ARG N   H    sing N N 14  
ARG N   H2   sing N N 15  
ARG CA  C    sing N N 16  
ARG CA  CB   sing N N 17  
ARG CA  HA   sing N N 18  
ARG C   O    doub N N 19  
ARG C   OXT  sing N N 20  
ARG CB  CG   sing N N 21  
ARG CB  HB2  sing N N 22  
ARG CB  HB3  sing N N 23  
ARG CG  CD   sing N N 24  
ARG CG  HG2  sing N N 25  
ARG CG  HG3  sing N N 26  
ARG CD  NE   sing N N 27  
ARG CD  HD2  sing N N 28  
ARG CD  HD3  sing N N 29  
ARG NE  CZ   sing N N 30  
ARG NE  HE   sing N N 31  
ARG CZ  NH1  sing N N 32  
ARG CZ  NH2  doub N N 33  
ARG NH1 HH11 sing N N 34  
ARG NH1 HH12 sing N N 35  
ARG NH2 HH21 sing N N 36  
ARG NH2 HH22 sing N N 37  
ARG OXT HXT  sing N N 38  
ASN N   CA   sing N N 39  
ASN N   H    sing N N 40  
ASN N   H2   sing N N 41  
ASN CA  C    sing N N 42  
ASN CA  CB   sing N N 43  
ASN CA  HA   sing N N 44  
ASN C   O    doub N N 45  
ASN C   OXT  sing N N 46  
ASN CB  CG   sing N N 47  
ASN CB  HB2  sing N N 48  
ASN CB  HB3  sing N N 49  
ASN CG  OD1  doub N N 50  
ASN CG  ND2  sing N N 51  
ASN ND2 HD21 sing N N 52  
ASN ND2 HD22 sing N N 53  
ASN OXT HXT  sing N N 54  
ASP N   CA   sing N N 55  
ASP N   H    sing N N 56  
ASP N   H2   sing N N 57  
ASP CA  C    sing N N 58  
ASP CA  CB   sing N N 59  
ASP CA  HA   sing N N 60  
ASP C   O    doub N N 61  
ASP C   OXT  sing N N 62  
ASP CB  CG   sing N N 63  
ASP CB  HB2  sing N N 64  
ASP CB  HB3  sing N N 65  
ASP CG  OD1  doub N N 66  
ASP CG  OD2  sing N N 67  
ASP OD2 HD2  sing N N 68  
ASP OXT HXT  sing N N 69  
CYS N   CA   sing N N 70  
CYS N   H    sing N N 71  
CYS N   H2   sing N N 72  
CYS CA  C    sing N N 73  
CYS CA  CB   sing N N 74  
CYS CA  HA   sing N N 75  
CYS C   O    doub N N 76  
CYS C   OXT  sing N N 77  
CYS CB  SG   sing N N 78  
CYS CB  HB2  sing N N 79  
CYS CB  HB3  sing N N 80  
CYS SG  HG   sing N N 81  
CYS OXT HXT  sing N N 82  
GLN N   CA   sing N N 83  
GLN N   H    sing N N 84  
GLN N   H2   sing N N 85  
GLN CA  C    sing N N 86  
GLN CA  CB   sing N N 87  
GLN CA  HA   sing N N 88  
GLN C   O    doub N N 89  
GLN C   OXT  sing N N 90  
GLN CB  CG   sing N N 91  
GLN CB  HB2  sing N N 92  
GLN CB  HB3  sing N N 93  
GLN CG  CD   sing N N 94  
GLN CG  HG2  sing N N 95  
GLN CG  HG3  sing N N 96  
GLN CD  OE1  doub N N 97  
GLN CD  NE2  sing N N 98  
GLN NE2 HE21 sing N N 99  
GLN NE2 HE22 sing N N 100 
GLN OXT HXT  sing N N 101 
GLU N   CA   sing N N 102 
GLU N   H    sing N N 103 
GLU N   H2   sing N N 104 
GLU CA  C    sing N N 105 
GLU CA  CB   sing N N 106 
GLU CA  HA   sing N N 107 
GLU C   O    doub N N 108 
GLU C   OXT  sing N N 109 
GLU CB  CG   sing N N 110 
GLU CB  HB2  sing N N 111 
GLU CB  HB3  sing N N 112 
GLU CG  CD   sing N N 113 
GLU CG  HG2  sing N N 114 
GLU CG  HG3  sing N N 115 
GLU CD  OE1  doub N N 116 
GLU CD  OE2  sing N N 117 
GLU OE2 HE2  sing N N 118 
GLU OXT HXT  sing N N 119 
GLY N   CA   sing N N 120 
GLY N   H    sing N N 121 
GLY N   H2   sing N N 122 
GLY CA  C    sing N N 123 
GLY CA  HA2  sing N N 124 
GLY CA  HA3  sing N N 125 
GLY C   O    doub N N 126 
GLY C   OXT  sing N N 127 
GLY OXT HXT  sing N N 128 
HIS N   CA   sing N N 129 
HIS N   H    sing N N 130 
HIS N   H2   sing N N 131 
HIS CA  C    sing N N 132 
HIS CA  CB   sing N N 133 
HIS CA  HA   sing N N 134 
HIS C   O    doub N N 135 
HIS C   OXT  sing N N 136 
HIS CB  CG   sing N N 137 
HIS CB  HB2  sing N N 138 
HIS CB  HB3  sing N N 139 
HIS CG  ND1  sing Y N 140 
HIS CG  CD2  doub Y N 141 
HIS ND1 CE1  doub Y N 142 
HIS ND1 HD1  sing N N 143 
HIS CD2 NE2  sing Y N 144 
HIS CD2 HD2  sing N N 145 
HIS CE1 NE2  sing Y N 146 
HIS CE1 HE1  sing N N 147 
HIS NE2 HE2  sing N N 148 
HIS OXT HXT  sing N N 149 
HOH O   H1   sing N N 150 
HOH O   H2   sing N N 151 
ILE N   CA   sing N N 152 
ILE N   H    sing N N 153 
ILE N   H2   sing N N 154 
ILE CA  C    sing N N 155 
ILE CA  CB   sing N N 156 
ILE CA  HA   sing N N 157 
ILE C   O    doub N N 158 
ILE C   OXT  sing N N 159 
ILE CB  CG1  sing N N 160 
ILE CB  CG2  sing N N 161 
ILE CB  HB   sing N N 162 
ILE CG1 CD1  sing N N 163 
ILE CG1 HG12 sing N N 164 
ILE CG1 HG13 sing N N 165 
ILE CG2 HG21 sing N N 166 
ILE CG2 HG22 sing N N 167 
ILE CG2 HG23 sing N N 168 
ILE CD1 HD11 sing N N 169 
ILE CD1 HD12 sing N N 170 
ILE CD1 HD13 sing N N 171 
ILE OXT HXT  sing N N 172 
LEU N   CA   sing N N 173 
LEU N   H    sing N N 174 
LEU N   H2   sing N N 175 
LEU CA  C    sing N N 176 
LEU CA  CB   sing N N 177 
LEU CA  HA   sing N N 178 
LEU C   O    doub N N 179 
LEU C   OXT  sing N N 180 
LEU CB  CG   sing N N 181 
LEU CB  HB2  sing N N 182 
LEU CB  HB3  sing N N 183 
LEU CG  CD1  sing N N 184 
LEU CG  CD2  sing N N 185 
LEU CG  HG   sing N N 186 
LEU CD1 HD11 sing N N 187 
LEU CD1 HD12 sing N N 188 
LEU CD1 HD13 sing N N 189 
LEU CD2 HD21 sing N N 190 
LEU CD2 HD22 sing N N 191 
LEU CD2 HD23 sing N N 192 
LEU OXT HXT  sing N N 193 
LYS N   CA   sing N N 194 
LYS N   H    sing N N 195 
LYS N   H2   sing N N 196 
LYS CA  C    sing N N 197 
LYS CA  CB   sing N N 198 
LYS CA  HA   sing N N 199 
LYS C   O    doub N N 200 
LYS C   OXT  sing N N 201 
LYS CB  CG   sing N N 202 
LYS CB  HB2  sing N N 203 
LYS CB  HB3  sing N N 204 
LYS CG  CD   sing N N 205 
LYS CG  HG2  sing N N 206 
LYS CG  HG3  sing N N 207 
LYS CD  CE   sing N N 208 
LYS CD  HD2  sing N N 209 
LYS CD  HD3  sing N N 210 
LYS CE  NZ   sing N N 211 
LYS CE  HE2  sing N N 212 
LYS CE  HE3  sing N N 213 
LYS NZ  HZ1  sing N N 214 
LYS NZ  HZ2  sing N N 215 
LYS NZ  HZ3  sing N N 216 
LYS OXT HXT  sing N N 217 
MET N   CA   sing N N 218 
MET N   H    sing N N 219 
MET N   H2   sing N N 220 
MET CA  C    sing N N 221 
MET CA  CB   sing N N 222 
MET CA  HA   sing N N 223 
MET C   O    doub N N 224 
MET C   OXT  sing N N 225 
MET CB  CG   sing N N 226 
MET CB  HB2  sing N N 227 
MET CB  HB3  sing N N 228 
MET CG  SD   sing N N 229 
MET CG  HG2  sing N N 230 
MET CG  HG3  sing N N 231 
MET SD  CE   sing N N 232 
MET CE  HE1  sing N N 233 
MET CE  HE2  sing N N 234 
MET CE  HE3  sing N N 235 
MET OXT HXT  sing N N 236 
PHE N   CA   sing N N 237 
PHE N   H    sing N N 238 
PHE N   H2   sing N N 239 
PHE CA  C    sing N N 240 
PHE CA  CB   sing N N 241 
PHE CA  HA   sing N N 242 
PHE C   O    doub N N 243 
PHE C   OXT  sing N N 244 
PHE CB  CG   sing N N 245 
PHE CB  HB2  sing N N 246 
PHE CB  HB3  sing N N 247 
PHE CG  CD1  doub Y N 248 
PHE CG  CD2  sing Y N 249 
PHE CD1 CE1  sing Y N 250 
PHE CD1 HD1  sing N N 251 
PHE CD2 CE2  doub Y N 252 
PHE CD2 HD2  sing N N 253 
PHE CE1 CZ   doub Y N 254 
PHE CE1 HE1  sing N N 255 
PHE CE2 CZ   sing Y N 256 
PHE CE2 HE2  sing N N 257 
PHE CZ  HZ   sing N N 258 
PHE OXT HXT  sing N N 259 
PRO N   CA   sing N N 260 
PRO N   CD   sing N N 261 
PRO N   H    sing N N 262 
PRO CA  C    sing N N 263 
PRO CA  CB   sing N N 264 
PRO CA  HA   sing N N 265 
PRO C   O    doub N N 266 
PRO C   OXT  sing N N 267 
PRO CB  CG   sing N N 268 
PRO CB  HB2  sing N N 269 
PRO CB  HB3  sing N N 270 
PRO CG  CD   sing N N 271 
PRO CG  HG2  sing N N 272 
PRO CG  HG3  sing N N 273 
PRO CD  HD2  sing N N 274 
PRO CD  HD3  sing N N 275 
PRO OXT HXT  sing N N 276 
SER N   CA   sing N N 277 
SER N   H    sing N N 278 
SER N   H2   sing N N 279 
SER CA  C    sing N N 280 
SER CA  CB   sing N N 281 
SER CA  HA   sing N N 282 
SER C   O    doub N N 283 
SER C   OXT  sing N N 284 
SER CB  OG   sing N N 285 
SER CB  HB2  sing N N 286 
SER CB  HB3  sing N N 287 
SER OG  HG   sing N N 288 
SER OXT HXT  sing N N 289 
THR N   CA   sing N N 290 
THR N   H    sing N N 291 
THR N   H2   sing N N 292 
THR CA  C    sing N N 293 
THR CA  CB   sing N N 294 
THR CA  HA   sing N N 295 
THR C   O    doub N N 296 
THR C   OXT  sing N N 297 
THR CB  OG1  sing N N 298 
THR CB  CG2  sing N N 299 
THR CB  HB   sing N N 300 
THR OG1 HG1  sing N N 301 
THR CG2 HG21 sing N N 302 
THR CG2 HG22 sing N N 303 
THR CG2 HG23 sing N N 304 
THR OXT HXT  sing N N 305 
TYR N   CA   sing N N 306 
TYR N   H    sing N N 307 
TYR N   H2   sing N N 308 
TYR CA  C    sing N N 309 
TYR CA  CB   sing N N 310 
TYR CA  HA   sing N N 311 
TYR C   O    doub N N 312 
TYR C   OXT  sing N N 313 
TYR CB  CG   sing N N 314 
TYR CB  HB2  sing N N 315 
TYR CB  HB3  sing N N 316 
TYR CG  CD1  doub Y N 317 
TYR CG  CD2  sing Y N 318 
TYR CD1 CE1  sing Y N 319 
TYR CD1 HD1  sing N N 320 
TYR CD2 CE2  doub Y N 321 
TYR CD2 HD2  sing N N 322 
TYR CE1 CZ   doub Y N 323 
TYR CE1 HE1  sing N N 324 
TYR CE2 CZ   sing Y N 325 
TYR CE2 HE2  sing N N 326 
TYR CZ  OH   sing N N 327 
TYR OH  HH   sing N N 328 
TYR OXT HXT  sing N N 329 
VAL N   CA   sing N N 330 
VAL N   H    sing N N 331 
VAL N   H2   sing N N 332 
VAL CA  C    sing N N 333 
VAL CA  CB   sing N N 334 
VAL CA  HA   sing N N 335 
VAL C   O    doub N N 336 
VAL C   OXT  sing N N 337 
VAL CB  CG1  sing N N 338 
VAL CB  CG2  sing N N 339 
VAL CB  HB   sing N N 340 
VAL CG1 HG11 sing N N 341 
VAL CG1 HG12 sing N N 342 
VAL CG1 HG13 sing N N 343 
VAL CG2 HG21 sing N N 344 
VAL CG2 HG22 sing N N 345 
VAL CG2 HG23 sing N N 346 
VAL OXT HXT  sing N N 347 
# 
_atom_sites.entry_id                    3O16 
_atom_sites.fract_transf_matrix[1][1]   -0.00645452 
_atom_sites.fract_transf_matrix[1][2]   -0.00642615 
_atom_sites.fract_transf_matrix[1][3]   0.00513533 
_atom_sites.fract_transf_matrix[2][1]   0.00417174 
_atom_sites.fract_transf_matrix[2][2]   0.00306865 
_atom_sites.fract_transf_matrix[2][3]   0.00908339 
_atom_sites.fract_transf_matrix[3][1]   -0.01149226 
_atom_sites.fract_transf_matrix[3][2]   0.01241041 
_atom_sites.fract_transf_matrix[3][3]   0.00108544 
_atom_sites.fract_transf_vector[1]      0.187711 
_atom_sites.fract_transf_vector[2]      0.446358 
_atom_sites.fract_transf_vector[3]      0.116247 
# 
loop_
_atom_type.symbol 
C 
N 
O 
S 
# 
loop_
_atom_site.group_PDB 
_atom_site.id 
_atom_site.type_symbol 
_atom_site.label_atom_id 
_atom_site.label_alt_id 
_atom_site.label_comp_id 
_atom_site.label_asym_id 
_atom_site.label_entity_id 
_atom_site.label_seq_id 
_atom_site.pdbx_PDB_ins_code 
_atom_site.Cartn_x 
_atom_site.Cartn_y 
_atom_site.Cartn_z 
_atom_site.occupancy 
_atom_site.B_iso_or_equiv 
_atom_site.pdbx_formal_charge 
_atom_site.auth_seq_id 
_atom_site.auth_comp_id 
_atom_site.auth_asym_id 
_atom_site.auth_atom_id 
_atom_site.pdbx_PDB_model_num 
ATOM   1    N N   . THR A 1 15  ? -4.397  -19.708 6.450   1.00 41.90 ? 15  THR A N   1 
ATOM   2    C CA  . THR A 1 15  ? -4.219  -19.676 4.969   1.00 40.33 ? 15  THR A CA  1 
ATOM   3    C C   . THR A 1 15  ? -3.995  -18.246 4.473   1.00 37.41 ? 15  THR A C   1 
ATOM   4    O O   . THR A 1 15  ? -4.091  -17.291 5.242   1.00 37.15 ? 15  THR A O   1 
ATOM   5    C CB  . THR A 1 15  ? -5.465  -20.257 4.255   1.00 43.89 ? 15  THR A CB  1 
ATOM   6    O OG1 . THR A 1 15  ? -6.627  -19.503 4.628   1.00 45.48 ? 15  THR A OG1 1 
ATOM   7    C CG2 . THR A 1 15  ? -5.673  -21.711 4.645   1.00 44.61 ? 15  THR A CG2 1 
ATOM   8    N N   . ARG A 1 16  ? -3.682  -18.111 3.188   1.00 36.25 ? 16  ARG A N   1 
ATOM   9    C CA  . ARG A 1 16  ? -3.463  -16.806 2.571   1.00 35.10 ? 16  ARG A CA  1 
ATOM   10   C C   . ARG A 1 16  ? -4.747  -15.981 2.675   1.00 33.15 ? 16  ARG A C   1 
ATOM   11   O O   . ARG A 1 16  ? -5.839  -16.536 2.814   1.00 33.04 ? 16  ARG A O   1 
ATOM   12   C CB  . ARG A 1 16  ? -3.107  -16.973 1.092   1.00 35.53 ? 16  ARG A CB  1 
ATOM   13   C CG  . ARG A 1 16  ? -1.811  -17.719 0.818   1.00 38.87 ? 16  ARG A CG  1 
ATOM   14   C CD  . ARG A 1 16  ? -0.710  -16.761 0.414   1.00 37.43 ? 16  ARG A CD  1 
ATOM   15   N NE  . ARG A 1 16  ? -1.061  -16.012 -0.790  1.00 35.33 ? 16  ARG A NE  1 
ATOM   16   C CZ  . ARG A 1 16  ? -0.973  -16.485 -2.029  1.00 34.73 ? 16  ARG A CZ  1 
ATOM   17   N NH1 . ARG A 1 16  ? -0.540  -17.717 -2.248  1.00 34.45 ? 16  ARG A NH1 1 
ATOM   18   N NH2 . ARG A 1 16  ? -1.322  -15.719 -3.054  1.00 32.89 ? 16  ARG A NH2 1 
ATOM   19   N N   . ILE A 1 17  ? -4.616  -14.658 2.613   1.00 31.19 ? 17  ILE A N   1 
ATOM   20   C CA  . ILE A 1 17  ? -5.779  -13.779 2.674   1.00 27.20 ? 17  ILE A CA  1 
ATOM   21   C C   . ILE A 1 17  ? -6.661  -14.087 1.470   1.00 25.11 ? 17  ILE A C   1 
ATOM   22   O O   . ILE A 1 17  ? -6.163  -14.489 0.414   1.00 24.93 ? 17  ILE A O   1 
ATOM   23   C CB  . ILE A 1 17  ? -5.366  -12.282 2.620   1.00 27.24 ? 17  ILE A CB  1 
ATOM   24   C CG1 . ILE A 1 17  ? -6.596  -11.399 2.820   1.00 23.86 ? 17  ILE A CG1 1 
ATOM   25   C CG2 . ILE A 1 17  ? -4.707  -11.957 1.267   1.00 24.39 ? 17  ILE A CG2 1 
ATOM   26   C CD1 . ILE A 1 17  ? -6.271  -9.934  3.017   1.00 29.11 ? 17  ILE A CD1 1 
ATOM   27   N N   . SER A 1 18  ? -7.969  -13.912 1.622   1.00 25.47 ? 18  SER A N   1 
ATOM   28   C CA  . SER A 1 18  ? -8.882  -14.171 0.514   1.00 26.97 ? 18  SER A CA  1 
ATOM   29   C C   . SER A 1 18  ? -8.800  -13.013 -0.472  1.00 27.14 ? 18  SER A C   1 
ATOM   30   O O   . SER A 1 18  ? -8.528  -11.872 -0.084  1.00 24.87 ? 18  SER A O   1 
ATOM   31   C CB  . SER A 1 18  ? -10.319 -14.299 1.010   1.00 24.10 ? 18  SER A CB  1 
ATOM   32   O OG  . SER A 1 18  ? -10.789 -13.061 1.501   1.00 24.88 ? 18  SER A OG  1 
ATOM   33   N N   . ARG A 1 19  ? -9.024  -13.314 -1.746  1.00 27.15 ? 19  ARG A N   1 
ATOM   34   C CA  . ARG A 1 19  ? -8.990  -12.291 -2.779  1.00 31.04 ? 19  ARG A CA  1 
ATOM   35   C C   . ARG A 1 19  ? -10.007 -11.201 -2.466  1.00 29.21 ? 19  ARG A C   1 
ATOM   36   O O   . ARG A 1 19  ? -9.760  -10.024 -2.708  1.00 28.92 ? 19  ARG A O   1 
ATOM   37   C CB  . ARG A 1 19  ? -9.283  -12.917 -4.149  1.00 32.73 ? 19  ARG A CB  1 
ATOM   38   C CG  . ARG A 1 19  ? -8.196  -13.884 -4.605  1.00 37.79 ? 19  ARG A CG  1 
ATOM   39   C CD  . ARG A 1 19  ? -8.586  -14.664 -5.856  1.00 40.98 ? 19  ARG A CD  1 
ATOM   40   N NE  . ARG A 1 19  ? -8.113  -14.082 -7.117  1.00 42.57 ? 19  ARG A NE  1 
ATOM   41   C CZ  . ARG A 1 19  ? -6.835  -13.924 -7.454  1.00 40.14 ? 19  ARG A CZ  1 
ATOM   42   N NH1 . ARG A 1 19  ? -5.866  -14.288 -6.627  1.00 40.10 ? 19  ARG A NH1 1 
ATOM   43   N NH2 . ARG A 1 19  ? -6.522  -13.447 -8.650  1.00 39.76 ? 19  ARG A NH2 1 
ATOM   44   N N   . GLU A 1 20  ? -11.150 -11.602 -1.917  1.00 30.50 ? 20  GLU A N   1 
ATOM   45   C CA  . GLU A 1 20  ? -12.207 -10.658 -1.575  1.00 30.38 ? 20  GLU A CA  1 
ATOM   46   C C   . GLU A 1 20  ? -11.769 -9.662  -0.497  1.00 27.88 ? 20  GLU A C   1 
ATOM   47   O O   . GLU A 1 20  ? -11.955 -8.455  -0.647  1.00 26.61 ? 20  GLU A O   1 
ATOM   48   C CB  . GLU A 1 20  ? -13.452 -11.414 -1.104  1.00 34.14 ? 20  GLU A CB  1 
ATOM   49   C CG  . GLU A 1 20  ? -14.644 -10.517 -0.816  1.00 40.53 ? 20  GLU A CG  1 
ATOM   50   C CD  . GLU A 1 20  ? -15.919 -11.306 -0.563  1.00 45.19 ? 20  GLU A CD  1 
ATOM   51   O OE1 . GLU A 1 20  ? -16.266 -12.159 -1.408  1.00 48.68 ? 20  GLU A OE1 1 
ATOM   52   O OE2 . GLU A 1 20  ? -16.572 -11.072 0.474   1.00 46.53 ? 20  GLU A OE2 1 
ATOM   53   N N   . MET A 1 21  ? -11.195 -10.163 0.590   1.00 26.13 ? 21  MET A N   1 
ATOM   54   C CA  . MET A 1 21  ? -10.745 -9.276  1.652   1.00 27.85 ? 21  MET A CA  1 
ATOM   55   C C   . MET A 1 21  ? -9.552  -8.424  1.202   1.00 26.14 ? 21  MET A C   1 
ATOM   56   O O   . MET A 1 21  ? -9.425  -7.270  1.599   1.00 28.76 ? 21  MET A O   1 
ATOM   57   C CB  . MET A 1 21  ? -10.373 -10.083 2.892   1.00 31.92 ? 21  MET A CB  1 
ATOM   58   C CG  . MET A 1 21  ? -10.092 -9.228  4.113   1.00 37.95 ? 21  MET A CG  1 
ATOM   59   S SD  . MET A 1 21  ? -9.922  -10.237 5.595   1.00 49.38 ? 21  MET A SD  1 
ATOM   60   C CE  . MET A 1 21  ? -11.653 -10.662 5.931   1.00 45.00 ? 21  MET A CE  1 
ATOM   61   N N   . MET A 1 22  ? -8.676  -8.986  0.377   1.00 24.01 ? 22  MET A N   1 
ATOM   62   C CA  . MET A 1 22  ? -7.522  -8.225  -0.099  1.00 24.79 ? 22  MET A CA  1 
ATOM   63   C C   . MET A 1 22  ? -7.979  -6.981  -0.877  1.00 26.13 ? 22  MET A C   1 
ATOM   64   O O   . MET A 1 22  ? -7.473  -5.881  -0.652  1.00 24.10 ? 22  MET A O   1 
ATOM   65   C CB  . MET A 1 22  ? -6.636  -9.100  -0.993  1.00 22.32 ? 22  MET A CB  1 
ATOM   66   C CG  . MET A 1 22  ? -5.306  -8.463  -1.385  1.00 21.26 ? 22  MET A CG  1 
ATOM   67   S SD  . MET A 1 22  ? -4.155  -8.271  0.019   1.00 21.39 ? 22  MET A SD  1 
ATOM   68   C CE  . MET A 1 22  ? -4.367  -6.536  0.413   1.00 16.41 ? 22  MET A CE  1 
ATOM   69   N N   . LYS A 1 23  ? -8.935  -7.159  -1.789  1.00 26.79 ? 23  LYS A N   1 
ATOM   70   C CA  . LYS A 1 23  ? -9.451  -6.048  -2.586  1.00 26.73 ? 23  LYS A CA  1 
ATOM   71   C C   . LYS A 1 23  ? -10.047 -4.937  -1.724  1.00 27.05 ? 23  LYS A C   1 
ATOM   72   O O   . LYS A 1 23  ? -9.873  -3.751  -2.015  1.00 26.55 ? 23  LYS A O   1 
ATOM   73   C CB  . LYS A 1 23  ? -10.501 -6.555  -3.580  1.00 27.06 ? 23  LYS A CB  1 
ATOM   74   C CG  . LYS A 1 23  ? -9.927  -7.482  -4.632  1.00 29.91 ? 23  LYS A CG  1 
ATOM   75   C CD  . LYS A 1 23  ? -11.004 -8.053  -5.536  1.00 32.42 ? 23  LYS A CD  1 
ATOM   76   C CE  . LYS A 1 23  ? -10.395 -8.968  -6.587  1.00 33.95 ? 23  LYS A CE  1 
ATOM   77   N NZ  . LYS A 1 23  ? -11.429 -9.573  -7.476  1.00 35.77 ? 23  LYS A NZ  1 
ATOM   78   N N   . GLU A 1 24  ? -10.751 -5.320  -0.663  1.00 26.83 ? 24  GLU A N   1 
ATOM   79   C CA  . GLU A 1 24  ? -11.347 -4.341  0.227   1.00 27.64 ? 24  GLU A CA  1 
ATOM   80   C C   . GLU A 1 24  ? -10.257 -3.555  0.958   1.00 26.41 ? 24  GLU A C   1 
ATOM   81   O O   . GLU A 1 24  ? -10.372 -2.343  1.127   1.00 25.30 ? 24  GLU A O   1 
ATOM   82   C CB  . GLU A 1 24  ? -12.273 -5.037  1.227   1.00 32.36 ? 24  GLU A CB  1 
ATOM   83   C CG  . GLU A 1 24  ? -13.471 -5.708  0.550   1.00 41.02 ? 24  GLU A CG  1 
ATOM   84   C CD  . GLU A 1 24  ? -14.363 -6.462  1.517   1.00 47.29 ? 24  GLU A CD  1 
ATOM   85   O OE1 . GLU A 1 24  ? -15.398 -7.011  1.068   1.00 49.87 ? 24  GLU A OE1 1 
ATOM   86   O OE2 . GLU A 1 24  ? -14.031 -6.510  2.724   1.00 50.16 ? 24  GLU A OE2 1 
ATOM   87   N N   . LEU A 1 25  ? -9.194  -4.243  1.369   1.00 24.02 ? 25  LEU A N   1 
ATOM   88   C CA  . LEU A 1 25  ? -8.090  -3.594  2.084   1.00 24.29 ? 25  LEU A CA  1 
ATOM   89   C C   . LEU A 1 25  ? -7.330  -2.552  1.248   1.00 25.07 ? 25  LEU A C   1 
ATOM   90   O O   . LEU A 1 25  ? -6.809  -1.571  1.791   1.00 24.90 ? 25  LEU A O   1 
ATOM   91   C CB  . LEU A 1 25  ? -7.100  -4.651  2.586   1.00 23.87 ? 25  LEU A CB  1 
ATOM   92   C CG  . LEU A 1 25  ? -7.556  -5.578  3.719   1.00 25.18 ? 25  LEU A CG  1 
ATOM   93   C CD1 . LEU A 1 25  ? -6.452  -6.556  4.045   1.00 24.38 ? 25  LEU A CD1 1 
ATOM   94   C CD2 . LEU A 1 25  ? -7.916  -4.755  4.945   1.00 26.63 ? 25  LEU A CD2 1 
ATOM   95   N N   . LEU A 1 26  ? -7.276  -2.761  -0.067  1.00 22.55 ? 26  LEU A N   1 
ATOM   96   C CA  . LEU A 1 26  ? -6.556  -1.855  -0.964  1.00 25.11 ? 26  LEU A CA  1 
ATOM   97   C C   . LEU A 1 26  ? -7.238  -0.523  -1.279  1.00 25.94 ? 26  LEU A C   1 
ATOM   98   O O   . LEU A 1 26  ? -6.592  0.387   -1.807  1.00 29.21 ? 26  LEU A O   1 
ATOM   99   C CB  . LEU A 1 26  ? -6.235  -2.570  -2.282  1.00 21.57 ? 26  LEU A CB  1 
ATOM   100  C CG  . LEU A 1 26  ? -5.299  -3.784  -2.201  1.00 23.56 ? 26  LEU A CG  1 
ATOM   101  C CD1 . LEU A 1 26  ? -5.209  -4.459  -3.564  1.00 21.71 ? 26  LEU A CD1 1 
ATOM   102  C CD2 . LEU A 1 26  ? -3.914  -3.340  -1.733  1.00 19.75 ? 26  LEU A CD2 1 
ATOM   103  N N   . SER A 1 27  ? -8.523  -0.400  -0.951  1.00 25.64 ? 27  SER A N   1 
ATOM   104  C CA  . SER A 1 27  ? -9.294  0.818   -1.228  1.00 25.54 ? 27  SER A CA  1 
ATOM   105  C C   . SER A 1 27  ? -8.513  2.124   -1.084  1.00 25.97 ? 27  SER A C   1 
ATOM   106  O O   . SER A 1 27  ? -8.320  2.841   -2.067  1.00 28.33 ? 27  SER A O   1 
ATOM   107  C CB  . SER A 1 27  ? -10.543 0.861   -0.341  1.00 24.68 ? 27  SER A CB  1 
ATOM   108  O OG  . SER A 1 27  ? -11.396 -0.228  -0.640  1.00 26.30 ? 27  SER A OG  1 
ATOM   109  N N   . VAL A 1 28  ? -8.091  2.441   0.138   1.00 25.11 ? 28  VAL A N   1 
ATOM   110  C CA  . VAL A 1 28  ? -7.311  3.653   0.416   1.00 23.60 ? 28  VAL A CA  1 
ATOM   111  C C   . VAL A 1 28  ? -6.063  3.188   1.175   1.00 24.15 ? 28  VAL A C   1 
ATOM   112  O O   . VAL A 1 28  ? -6.052  3.078   2.404   1.00 24.01 ? 28  VAL A O   1 
ATOM   113  C CB  . VAL A 1 28  ? -8.123  4.661   1.258   1.00 26.08 ? 28  VAL A CB  1 
ATOM   114  C CG1 . VAL A 1 28  ? -7.263  5.880   1.608   1.00 27.25 ? 28  VAL A CG1 1 
ATOM   115  C CG2 . VAL A 1 28  ? -9.358  5.103   0.471   1.00 25.91 ? 28  VAL A CG2 1 
ATOM   116  N N   . TYR A 1 29  ? -5.025  2.898   0.395   1.00 22.13 ? 29  TYR A N   1 
ATOM   117  C CA  . TYR A 1 29  ? -3.754  2.378   0.877   1.00 22.56 ? 29  TYR A CA  1 
ATOM   118  C C   . TYR A 1 29  ? -2.730  3.503   1.085   1.00 23.24 ? 29  TYR A C   1 
ATOM   119  O O   . TYR A 1 29  ? -2.057  3.932   0.143   1.00 21.39 ? 29  TYR A O   1 
ATOM   120  C CB  . TYR A 1 29  ? -3.259  1.365   -0.163  1.00 20.72 ? 29  TYR A CB  1 
ATOM   121  C CG  . TYR A 1 29  ? -2.117  0.449   0.231   1.00 20.73 ? 29  TYR A CG  1 
ATOM   122  C CD1 . TYR A 1 29  ? -1.560  0.471   1.511   1.00 21.23 ? 29  TYR A CD1 1 
ATOM   123  C CD2 . TYR A 1 29  ? -1.599  -0.454  -0.698  1.00 20.00 ? 29  TYR A CD2 1 
ATOM   124  C CE1 . TYR A 1 29  ? -0.505  -0.392  1.849   1.00 21.86 ? 29  TYR A CE1 1 
ATOM   125  C CE2 . TYR A 1 29  ? -0.560  -1.311  -0.374  1.00 20.39 ? 29  TYR A CE2 1 
ATOM   126  C CZ  . TYR A 1 29  ? -0.018  -1.278  0.896   1.00 18.74 ? 29  TYR A CZ  1 
ATOM   127  O OH  . TYR A 1 29  ? 0.995   -2.152  1.193   1.00 22.03 ? 29  TYR A OH  1 
ATOM   128  N N   . PHE A 1 30  ? -2.622  3.968   2.328   1.00 22.19 ? 30  PHE A N   1 
ATOM   129  C CA  . PHE A 1 30  ? -1.697  5.043   2.686   1.00 21.61 ? 30  PHE A CA  1 
ATOM   130  C C   . PHE A 1 30  ? -0.279  4.513   2.898   1.00 22.66 ? 30  PHE A C   1 
ATOM   131  O O   . PHE A 1 30  ? -0.060  3.551   3.638   1.00 23.75 ? 30  PHE A O   1 
ATOM   132  C CB  . PHE A 1 30  ? -2.202  5.759   3.957   1.00 22.09 ? 30  PHE A CB  1 
ATOM   133  C CG  . PHE A 1 30  ? -1.339  6.914   4.405   1.00 22.69 ? 30  PHE A CG  1 
ATOM   134  C CD1 . PHE A 1 30  ? -0.948  7.905   3.510   1.00 20.27 ? 30  PHE A CD1 1 
ATOM   135  C CD2 . PHE A 1 30  ? -0.941  7.023   5.737   1.00 21.93 ? 30  PHE A CD2 1 
ATOM   136  C CE1 . PHE A 1 30  ? -0.175  8.989   3.930   1.00 21.74 ? 30  PHE A CE1 1 
ATOM   137  C CE2 . PHE A 1 30  ? -0.168  8.106   6.173   1.00 23.23 ? 30  PHE A CE2 1 
ATOM   138  C CZ  . PHE A 1 30  ? 0.217   9.092   5.265   1.00 21.17 ? 30  PHE A CZ  1 
ATOM   139  N N   . ILE A 1 31  ? 0.681   5.146   2.228   1.00 22.00 ? 31  ILE A N   1 
ATOM   140  C CA  . ILE A 1 31  ? 2.084   4.764   2.331   1.00 22.68 ? 31  ILE A CA  1 
ATOM   141  C C   . ILE A 1 31  ? 2.869   5.940   2.910   1.00 23.65 ? 31  ILE A C   1 
ATOM   142  O O   . ILE A 1 31  ? 2.707   7.075   2.465   1.00 23.05 ? 31  ILE A O   1 
ATOM   143  C CB  . ILE A 1 31  ? 2.654   4.405   0.942   1.00 22.43 ? 31  ILE A CB  1 
ATOM   144  C CG1 . ILE A 1 31  ? 1.844   3.255   0.336   1.00 23.77 ? 31  ILE A CG1 1 
ATOM   145  C CG2 . ILE A 1 31  ? 4.121   4.023   1.058   1.00 22.96 ? 31  ILE A CG2 1 
ATOM   146  C CD1 . ILE A 1 31  ? 2.241   2.907   -1.104  1.00 24.48 ? 31  ILE A CD1 1 
ATOM   147  N N   . MET A 1 32  ? 3.714   5.692   3.903   1.00 23.69 ? 32  MET A N   1 
ATOM   148  C CA  . MET A 1 32  ? 4.460   6.807   4.464   1.00 24.49 ? 32  MET A CA  1 
ATOM   149  C C   . MET A 1 32  ? 5.685   6.459   5.289   1.00 24.88 ? 32  MET A C   1 
ATOM   150  O O   . MET A 1 32  ? 5.761   5.406   5.926   1.00 24.91 ? 32  MET A O   1 
ATOM   151  C CB  . MET A 1 32  ? 3.535   7.684   5.319   1.00 23.52 ? 32  MET A CB  1 
ATOM   152  C CG  . MET A 1 32  ? 4.052   9.110   5.503   1.00 23.94 ? 32  MET A CG  1 
ATOM   153  S SD  . MET A 1 32  ? 3.314   10.037  6.865   1.00 24.60 ? 32  MET A SD  1 
ATOM   154  C CE  . MET A 1 32  ? 4.363   9.483   8.228   1.00 22.06 ? 32  MET A CE  1 
ATOM   155  N N   . GLY A 1 33  ? 6.636   7.383   5.261   1.00 25.21 ? 33  GLY A N   1 
ATOM   156  C CA  . GLY A 1 33  ? 7.859   7.269   6.027   1.00 25.33 ? 33  GLY A CA  1 
ATOM   157  C C   . GLY A 1 33  ? 8.007   8.638   6.672   1.00 26.92 ? 33  GLY A C   1 
ATOM   158  O O   . GLY A 1 33  ? 7.357   9.596   6.239   1.00 26.01 ? 33  GLY A O   1 
ATOM   159  N N   . SER A 1 34  ? 8.849   8.750   7.691   1.00 27.35 ? 34  SER A N   1 
ATOM   160  C CA  . SER A 1 34  ? 9.040   10.022  8.388   1.00 30.10 ? 34  SER A CA  1 
ATOM   161  C C   . SER A 1 34  ? 9.470   11.160  7.462   1.00 31.66 ? 34  SER A C   1 
ATOM   162  O O   . SER A 1 34  ? 9.205   12.327  7.738   1.00 32.56 ? 34  SER A O   1 
ATOM   163  C CB  . SER A 1 34  ? 10.086  9.861   9.489   1.00 29.57 ? 34  SER A CB  1 
ATOM   164  O OG  . SER A 1 34  ? 11.365  9.627   8.926   1.00 27.98 ? 34  SER A OG  1 
ATOM   165  N N   . ASN A 1 35  ? 10.131  10.825  6.361   1.00 32.85 ? 35  ASN A N   1 
ATOM   166  C CA  . ASN A 1 35  ? 10.596  11.851  5.439   1.00 35.53 ? 35  ASN A CA  1 
ATOM   167  C C   . ASN A 1 35  ? 9.541   12.318  4.441   1.00 35.34 ? 35  ASN A C   1 
ATOM   168  O O   . ASN A 1 35  ? 9.841   13.099  3.538   1.00 35.16 ? 35  ASN A O   1 
ATOM   169  C CB  . ASN A 1 35  ? 11.853  11.363  4.714   1.00 39.96 ? 35  ASN A CB  1 
ATOM   170  C CG  . ASN A 1 35  ? 11.715  9.944   4.186   1.00 45.13 ? 35  ASN A CG  1 
ATOM   171  O OD1 . ASN A 1 35  ? 11.293  9.032   4.907   1.00 48.41 ? 35  ASN A OD1 1 
ATOM   172  N ND2 . ASN A 1 35  ? 12.083  9.747   2.927   1.00 47.06 ? 35  ASN A ND2 1 
ATOM   173  N N   . ASN A 1 36  ? 8.305   11.857  4.617   1.00 34.19 ? 36  ASN A N   1 
ATOM   174  C CA  . ASN A 1 36  ? 7.206   12.238  3.728   1.00 33.12 ? 36  ASN A CA  1 
ATOM   175  C C   . ASN A 1 36  ? 6.319   13.327  4.332   1.00 34.77 ? 36  ASN A C   1 
ATOM   176  O O   . ASN A 1 36  ? 5.298   13.703  3.752   1.00 34.46 ? 36  ASN A O   1 
ATOM   177  C CB  . ASN A 1 36  ? 6.347   11.012  3.397   1.00 31.58 ? 36  ASN A CB  1 
ATOM   178  C CG  . ASN A 1 36  ? 7.112   9.956   2.626   1.00 29.79 ? 36  ASN A CG  1 
ATOM   179  O OD1 . ASN A 1 36  ? 7.053   8.776   2.950   1.00 30.07 ? 36  ASN A OD1 1 
ATOM   180  N ND2 . ASN A 1 36  ? 7.831   10.381  1.595   1.00 31.55 ? 36  ASN A ND2 1 
ATOM   181  N N   . THR A 1 37  ? 6.704   13.827  5.501   1.00 35.51 ? 37  THR A N   1 
ATOM   182  C CA  . THR A 1 37  ? 5.930   14.871  6.157   1.00 37.54 ? 37  THR A CA  1 
ATOM   183  C C   . THR A 1 37  ? 6.827   15.740  7.040   1.00 38.58 ? 37  THR A C   1 
ATOM   184  O O   . THR A 1 37  ? 7.778   15.250  7.650   1.00 37.37 ? 37  THR A O   1 
ATOM   185  C CB  . THR A 1 37  ? 4.797   14.263  7.020   1.00 37.61 ? 37  THR A CB  1 
ATOM   186  O OG1 . THR A 1 37  ? 3.984   15.313  7.561   1.00 37.63 ? 37  THR A OG1 1 
ATOM   187  C CG2 . THR A 1 37  ? 5.377   13.433  8.157   1.00 35.81 ? 37  THR A CG2 1 
ATOM   188  N N   . LYS A 1 38  ? 6.521   17.034  7.093   1.00 39.96 ? 38  LYS A N   1 
ATOM   189  C CA  . LYS A 1 38  ? 7.289   17.971  7.903   1.00 43.72 ? 38  LYS A CA  1 
ATOM   190  C C   . LYS A 1 38  ? 6.680   18.074  9.293   1.00 44.77 ? 38  LYS A C   1 
ATOM   191  O O   . LYS A 1 38  ? 7.219   18.740  10.175  1.00 45.23 ? 38  LYS A O   1 
ATOM   192  C CB  . LYS A 1 38  ? 7.328   19.343  7.226   1.00 45.41 ? 38  LYS A CB  1 
ATOM   193  C CG  . LYS A 1 38  ? 8.241   19.385  6.008   1.00 47.36 ? 38  LYS A CG  1 
ATOM   194  C CD  . LYS A 1 38  ? 7.996   20.613  5.145   1.00 50.01 ? 38  LYS A CD  1 
ATOM   195  C CE  . LYS A 1 38  ? 6.704   20.473  4.352   1.00 53.18 ? 38  LYS A CE  1 
ATOM   196  N NZ  . LYS A 1 38  ? 6.481   21.617  3.423   1.00 54.93 ? 38  LYS A NZ  1 
ATOM   197  N N   . ALA A 1 39  ? 5.549   17.400  9.478   1.00 45.25 ? 39  ALA A N   1 
ATOM   198  C CA  . ALA A 1 39  ? 4.858   17.382  10.760  1.00 44.35 ? 39  ALA A CA  1 
ATOM   199  C C   . ALA A 1 39  ? 5.302   16.122  11.485  1.00 44.77 ? 39  ALA A C   1 
ATOM   200  O O   . ALA A 1 39  ? 6.230   15.441  11.043  1.00 44.28 ? 39  ALA A O   1 
ATOM   201  C CB  . ALA A 1 39  ? 3.357   17.355  10.539  1.00 44.88 ? 39  ALA A CB  1 
ATOM   202  N N   . ASP A 1 40  ? 4.642   15.803  12.594  1.00 44.62 ? 40  ASP A N   1 
ATOM   203  C CA  . ASP A 1 40  ? 4.987   14.601  13.342  1.00 44.75 ? 40  ASP A CA  1 
ATOM   204  C C   . ASP A 1 40  ? 4.496   13.373  12.575  1.00 43.22 ? 40  ASP A C   1 
ATOM   205  O O   . ASP A 1 40  ? 3.296   13.222  12.325  1.00 40.88 ? 40  ASP A O   1 
ATOM   206  C CB  . ASP A 1 40  ? 4.342   14.625  14.724  1.00 47.77 ? 40  ASP A CB  1 
ATOM   207  C CG  . ASP A 1 40  ? 4.654   13.383  15.520  1.00 50.48 ? 40  ASP A CG  1 
ATOM   208  O OD1 . ASP A 1 40  ? 5.845   13.158  15.820  1.00 53.61 ? 40  ASP A OD1 1 
ATOM   209  O OD2 . ASP A 1 40  ? 3.713   12.626  15.835  1.00 54.15 ? 40  ASP A OD2 1 
ATOM   210  N N   . PRO A 1 41  ? 5.420   12.471  12.202  1.00 41.71 ? 41  PRO A N   1 
ATOM   211  C CA  . PRO A 1 41  ? 5.090   11.251  11.455  1.00 40.06 ? 41  PRO A CA  1 
ATOM   212  C C   . PRO A 1 41  ? 4.046   10.334  12.086  1.00 37.42 ? 41  PRO A C   1 
ATOM   213  O O   . PRO A 1 41  ? 3.120   9.893   11.413  1.00 34.49 ? 41  PRO A O   1 
ATOM   214  C CB  . PRO A 1 41  ? 6.449   10.567  11.285  1.00 40.30 ? 41  PRO A CB  1 
ATOM   215  C CG  . PRO A 1 41  ? 7.217   11.030  12.483  1.00 42.62 ? 41  PRO A CG  1 
ATOM   216  C CD  . PRO A 1 41  ? 6.851   12.495  12.553  1.00 42.29 ? 41  PRO A CD  1 
ATOM   217  N N   . VAL A 1 42  ? 4.203   10.038  13.372  1.00 37.62 ? 42  VAL A N   1 
ATOM   218  C CA  . VAL A 1 42  ? 3.261   9.171   14.071  1.00 35.87 ? 42  VAL A CA  1 
ATOM   219  C C   . VAL A 1 42  ? 1.863   9.788   14.082  1.00 34.88 ? 42  VAL A C   1 
ATOM   220  O O   . VAL A 1 42  ? 0.858   9.082   13.990  1.00 30.65 ? 42  VAL A O   1 
ATOM   221  C CB  . VAL A 1 42  ? 3.720   8.917   15.527  1.00 37.92 ? 42  VAL A CB  1 
ATOM   222  C CG1 . VAL A 1 42  ? 2.688   8.072   16.268  1.00 38.76 ? 42  VAL A CG1 1 
ATOM   223  C CG2 . VAL A 1 42  ? 5.075   8.210   15.522  1.00 38.26 ? 42  VAL A CG2 1 
ATOM   224  N N   . THR A 1 43  ? 1.809   11.110  14.181  1.00 34.36 ? 43  THR A N   1 
ATOM   225  C CA  . THR A 1 43  ? 0.537   11.820  14.201  1.00 35.59 ? 43  THR A CA  1 
ATOM   226  C C   . THR A 1 43  ? -0.153  11.780  12.841  1.00 33.70 ? 43  THR A C   1 
ATOM   227  O O   . THR A 1 43  ? -1.369  11.577  12.760  1.00 34.01 ? 43  THR A O   1 
ATOM   228  C CB  . THR A 1 43  ? 0.736   13.285  14.628  1.00 37.92 ? 43  THR A CB  1 
ATOM   229  O OG1 . THR A 1 43  ? 1.182   13.325  15.989  1.00 42.57 ? 43  THR A OG1 1 
ATOM   230  C CG2 . THR A 1 43  ? -0.563  14.053  14.512  1.00 41.13 ? 43  THR A CG2 1 
ATOM   231  N N   . VAL A 1 44  ? 0.617   11.973  11.774  1.00 29.83 ? 44  VAL A N   1 
ATOM   232  C CA  . VAL A 1 44  ? 0.054   11.938  10.432  1.00 28.61 ? 44  VAL A CA  1 
ATOM   233  C C   . VAL A 1 44  ? -0.536  10.550  10.179  1.00 28.97 ? 44  VAL A C   1 
ATOM   234  O O   . VAL A 1 44  ? -1.574  10.419  9.534   1.00 27.67 ? 44  VAL A O   1 
ATOM   235  C CB  . VAL A 1 44  ? 1.123   12.235  9.352   1.00 29.28 ? 44  VAL A CB  1 
ATOM   236  C CG1 . VAL A 1 44  ? 0.509   12.101  7.953   1.00 25.13 ? 44  VAL A CG1 1 
ATOM   237  C CG2 . VAL A 1 44  ? 1.682   13.635  9.544   1.00 25.79 ? 44  VAL A CG2 1 
ATOM   238  N N   . VAL A 1 45  ? 0.121   9.516   10.699  1.00 28.46 ? 45  VAL A N   1 
ATOM   239  C CA  . VAL A 1 45  ? -0.368  8.150   10.523  1.00 30.03 ? 45  VAL A CA  1 
ATOM   240  C C   . VAL A 1 45  ? -1.677  7.934   11.285  1.00 30.65 ? 45  VAL A C   1 
ATOM   241  O O   . VAL A 1 45  ? -2.618  7.334   10.761  1.00 28.84 ? 45  VAL A O   1 
ATOM   242  C CB  . VAL A 1 45  ? 0.678   7.109   10.995  1.00 29.64 ? 45  VAL A CB  1 
ATOM   243  C CG1 . VAL A 1 45  ? 0.044   5.727   11.099  1.00 26.59 ? 45  VAL A CG1 1 
ATOM   244  C CG2 . VAL A 1 45  ? 1.847   7.071   10.012  1.00 30.35 ? 45  VAL A CG2 1 
ATOM   245  N N   . GLN A 1 46  ? -1.733  8.423   12.520  1.00 31.12 ? 46  GLN A N   1 
ATOM   246  C CA  . GLN A 1 46  ? -2.935  8.277   13.333  1.00 31.13 ? 46  GLN A CA  1 
ATOM   247  C C   . GLN A 1 46  ? -4.104  9.004   12.675  1.00 31.06 ? 46  GLN A C   1 
ATOM   248  O O   . GLN A 1 46  ? -5.217  8.487   12.632  1.00 31.26 ? 46  GLN A O   1 
ATOM   249  C CB  . GLN A 1 46  ? -2.697  8.833   14.742  1.00 30.47 ? 46  GLN A CB  1 
ATOM   250  C CG  . GLN A 1 46  ? -1.558  8.146   15.482  1.00 31.50 ? 46  GLN A CG  1 
ATOM   251  C CD  . GLN A 1 46  ? -1.304  8.759   16.842  1.00 33.74 ? 46  GLN A CD  1 
ATOM   252  O OE1 . GLN A 1 46  ? -1.220  9.978   16.972  1.00 34.89 ? 46  GLN A OE1 1 
ATOM   253  N NE2 . GLN A 1 46  ? -1.174  7.916   17.866  1.00 33.25 ? 46  GLN A NE2 1 
ATOM   254  N N   . LYS A 1 47  ? -3.847  10.199  12.152  1.00 31.26 ? 47  LYS A N   1 
ATOM   255  C CA  . LYS A 1 47  ? -4.895  10.978  11.496  1.00 30.54 ? 47  LYS A CA  1 
ATOM   256  C C   . LYS A 1 47  ? -5.418  10.282  10.246  1.00 31.09 ? 47  LYS A C   1 
ATOM   257  O O   . LYS A 1 47  ? -6.626  10.255  10.007  1.00 32.15 ? 47  LYS A O   1 
ATOM   258  C CB  . LYS A 1 47  ? -4.374  12.369  11.128  1.00 33.11 ? 47  LYS A CB  1 
ATOM   259  C CG  . LYS A 1 47  ? -4.106  13.263  12.323  1.00 31.39 ? 47  LYS A CG  1 
ATOM   260  C CD  . LYS A 1 47  ? -3.443  14.561  11.891  1.00 33.65 ? 47  LYS A CD  1 
ATOM   261  C CE  . LYS A 1 47  ? -3.170  15.474  13.088  1.00 34.29 ? 47  LYS A CE  1 
ATOM   262  N NZ  . LYS A 1 47  ? -2.429  16.703  12.683  1.00 32.18 ? 47  LYS A NZ  1 
ATOM   263  N N   . ALA A 1 48  ? -4.506  9.734   9.446   1.00 29.14 ? 48  ALA A N   1 
ATOM   264  C CA  . ALA A 1 48  ? -4.878  9.033   8.223   1.00 28.91 ? 48  ALA A CA  1 
ATOM   265  C C   . ALA A 1 48  ? -5.744  7.819   8.549   1.00 28.48 ? 48  ALA A C   1 
ATOM   266  O O   . ALA A 1 48  ? -6.699  7.513   7.836   1.00 28.11 ? 48  ALA A O   1 
ATOM   267  C CB  . ALA A 1 48  ? -3.625  8.591   7.472   1.00 27.79 ? 48  ALA A CB  1 
ATOM   268  N N   . LEU A 1 49  ? -5.400  7.120   9.626   1.00 30.67 ? 49  LEU A N   1 
ATOM   269  C CA  . LEU A 1 49  ? -6.157  5.944   10.038  1.00 29.22 ? 49  LEU A CA  1 
ATOM   270  C C   . LEU A 1 49  ? -7.525  6.381   10.552  1.00 31.37 ? 49  LEU A C   1 
ATOM   271  O O   . LEU A 1 49  ? -8.543  5.749   10.261  1.00 27.37 ? 49  LEU A O   1 
ATOM   272  C CB  . LEU A 1 49  ? -5.397  5.181   11.124  1.00 30.52 ? 49  LEU A CB  1 
ATOM   273  C CG  . LEU A 1 49  ? -4.106  4.491   10.666  1.00 29.18 ? 49  LEU A CG  1 
ATOM   274  C CD1 . LEU A 1 49  ? -3.288  4.047   11.874  1.00 27.33 ? 49  LEU A CD1 1 
ATOM   275  C CD2 . LEU A 1 49  ? -4.461  3.309   9.776   1.00 29.47 ? 49  LEU A CD2 1 
ATOM   276  N N   . LYS A 1 50  ? -7.547  7.476   11.303  1.00 30.12 ? 50  LYS A N   1 
ATOM   277  C CA  . LYS A 1 50  ? -8.800  7.986   11.838  1.00 32.97 ? 50  LYS A CA  1 
ATOM   278  C C   . LYS A 1 50  ? -9.728  8.461   10.717  1.00 32.36 ? 50  LYS A C   1 
ATOM   279  O O   . LYS A 1 50  ? -10.944 8.283   10.794  1.00 30.66 ? 50  LYS A O   1 
ATOM   280  C CB  . LYS A 1 50  ? -8.537  9.132   12.815  1.00 35.73 ? 50  LYS A CB  1 
ATOM   281  C CG  . LYS A 1 50  ? -9.798  9.632   13.505  1.00 40.98 ? 50  LYS A CG  1 
ATOM   282  C CD  . LYS A 1 50  ? -9.504  10.787  14.446  1.00 43.02 ? 50  LYS A CD  1 
ATOM   283  C CE  . LYS A 1 50  ? -10.797 11.379  15.002  1.00 45.36 ? 50  LYS A CE  1 
ATOM   284  N NZ  . LYS A 1 50  ? -10.538 12.569  15.860  1.00 47.28 ? 50  LYS A NZ  1 
ATOM   285  N N   . GLY A 1 51  ? -9.144  9.052   9.676   1.00 30.61 ? 51  GLY A N   1 
ATOM   286  C CA  . GLY A 1 51  ? -9.929  9.542   8.555   1.00 30.00 ? 51  GLY A CA  1 
ATOM   287  C C   . GLY A 1 51  ? -10.550 8.441   7.714   1.00 31.03 ? 51  GLY A C   1 
ATOM   288  O O   . GLY A 1 51  ? -11.560 8.663   7.044   1.00 31.71 ? 51  GLY A O   1 
ATOM   289  N N   . GLY A 1 52  ? -9.948  7.255   7.733   1.00 32.39 ? 52  GLY A N   1 
ATOM   290  C CA  . GLY A 1 52  ? -10.487 6.148   6.963   1.00 30.91 ? 52  GLY A CA  1 
ATOM   291  C C   . GLY A 1 52  ? -9.542  5.325   6.094   1.00 30.45 ? 52  GLY A C   1 
ATOM   292  O O   . GLY A 1 52  ? -10.015 4.531   5.280   1.00 30.68 ? 52  GLY A O   1 
ATOM   293  N N   . ALA A 1 53  ? -8.227  5.494   6.227   1.00 27.04 ? 53  ALA A N   1 
ATOM   294  C CA  . ALA A 1 53  ? -7.312  4.684   5.415   1.00 26.11 ? 53  ALA A CA  1 
ATOM   295  C C   . ALA A 1 53  ? -7.583  3.217   5.756   1.00 25.29 ? 53  ALA A C   1 
ATOM   296  O O   . ALA A 1 53  ? -7.729  2.871   6.925   1.00 24.97 ? 53  ALA A O   1 
ATOM   297  C CB  . ALA A 1 53  ? -5.859  5.036   5.721   1.00 24.73 ? 53  ALA A CB  1 
ATOM   298  N N   . THR A 1 54  ? -7.650  2.361   4.738   1.00 23.99 ? 54  THR A N   1 
ATOM   299  C CA  . THR A 1 54  ? -7.936  0.943   4.944   1.00 22.72 ? 54  THR A CA  1 
ATOM   300  C C   . THR A 1 54  ? -6.715  0.034   5.115   1.00 23.92 ? 54  THR A C   1 
ATOM   301  O O   . THR A 1 54  ? -6.849  -1.106  5.552   1.00 23.20 ? 54  THR A O   1 
ATOM   302  C CB  . THR A 1 54  ? -8.799  0.376   3.792   1.00 23.21 ? 54  THR A CB  1 
ATOM   303  O OG1 . THR A 1 54  ? -8.157  0.627   2.530   1.00 24.66 ? 54  THR A OG1 1 
ATOM   304  C CG2 . THR A 1 54  ? -10.179 1.012   3.807   1.00 23.25 ? 54  THR A CG2 1 
ATOM   305  N N   . LEU A 1 55  ? -5.532  0.537   4.775   1.00 22.62 ? 55  LEU A N   1 
ATOM   306  C CA  . LEU A 1 55  ? -4.307  -0.241  4.894   1.00 21.49 ? 55  LEU A CA  1 
ATOM   307  C C   . LEU A 1 55  ? -3.150  0.746   4.957   1.00 23.27 ? 55  LEU A C   1 
ATOM   308  O O   . LEU A 1 55  ? -3.211  1.816   4.351   1.00 24.52 ? 55  LEU A O   1 
ATOM   309  C CB  . LEU A 1 55  ? -4.146  -1.152  3.673   1.00 22.31 ? 55  LEU A CB  1 
ATOM   310  C CG  . LEU A 1 55  ? -3.002  -2.170  3.624   1.00 19.86 ? 55  LEU A CG  1 
ATOM   311  C CD1 . LEU A 1 55  ? -3.206  -3.246  4.676   1.00 18.49 ? 55  LEU A CD1 1 
ATOM   312  C CD2 . LEU A 1 55  ? -2.949  -2.795  2.239   1.00 21.22 ? 55  LEU A CD2 1 
ATOM   313  N N   . TYR A 1 56  ? -2.102  0.401   5.696   1.00 22.54 ? 56  TYR A N   1 
ATOM   314  C CA  . TYR A 1 56  ? -0.947  1.279   5.801   1.00 22.15 ? 56  TYR A CA  1 
ATOM   315  C C   . TYR A 1 56  ? 0.362   0.556   5.539   1.00 23.28 ? 56  TYR A C   1 
ATOM   316  O O   . TYR A 1 56  ? 0.559   -0.579  5.985   1.00 23.68 ? 56  TYR A O   1 
ATOM   317  C CB  . TYR A 1 56  ? -0.895  1.944   7.188   1.00 21.93 ? 56  TYR A CB  1 
ATOM   318  C CG  . TYR A 1 56  ? 0.419   2.647   7.460   1.00 25.34 ? 56  TYR A CG  1 
ATOM   319  C CD1 . TYR A 1 56  ? 1.401   2.051   8.260   1.00 23.87 ? 56  TYR A CD1 1 
ATOM   320  C CD2 . TYR A 1 56  ? 0.704   3.883   6.879   1.00 23.60 ? 56  TYR A CD2 1 
ATOM   321  C CE1 . TYR A 1 56  ? 2.629   2.669   8.474   1.00 24.45 ? 56  TYR A CE1 1 
ATOM   322  C CE2 . TYR A 1 56  ? 1.934   4.510   7.086   1.00 24.57 ? 56  TYR A CE2 1 
ATOM   323  C CZ  . TYR A 1 56  ? 2.890   3.898   7.879   1.00 25.02 ? 56  TYR A CZ  1 
ATOM   324  O OH  . TYR A 1 56  ? 4.113   4.496   8.061   1.00 24.80 ? 56  TYR A OH  1 
ATOM   325  N N   . GLN A 1 57  ? 1.250   1.219   4.802   1.00 23.46 ? 57  GLN A N   1 
ATOM   326  C CA  . GLN A 1 57  ? 2.560   0.669   4.501   1.00 23.22 ? 57  GLN A CA  1 
ATOM   327  C C   . GLN A 1 57  ? 3.663   1.526   5.116   1.00 23.56 ? 57  GLN A C   1 
ATOM   328  O O   . GLN A 1 57  ? 3.761   2.723   4.852   1.00 23.77 ? 57  GLN A O   1 
ATOM   329  C CB  . GLN A 1 57  ? 2.796   0.578   2.989   1.00 24.32 ? 57  GLN A CB  1 
ATOM   330  C CG  . GLN A 1 57  ? 4.156   -0.038  2.637   1.00 25.03 ? 57  GLN A CG  1 
ATOM   331  C CD  . GLN A 1 57  ? 4.457   -0.017  1.147   1.00 26.67 ? 57  GLN A CD  1 
ATOM   332  O OE1 . GLN A 1 57  ? 5.519   0.439   0.734   1.00 26.42 ? 57  GLN A OE1 1 
ATOM   333  N NE2 . GLN A 1 57  ? 3.527   -0.519  0.336   1.00 22.30 ? 57  GLN A NE2 1 
ATOM   334  N N   . PHE A 1 58  ? 4.479   0.895   5.947   1.00 24.84 ? 58  PHE A N   1 
ATOM   335  C CA  . PHE A 1 58  ? 5.609   1.546   6.593   1.00 25.45 ? 58  PHE A CA  1 
ATOM   336  C C   . PHE A 1 58  ? 6.741   1.542   5.560   1.00 26.60 ? 58  PHE A C   1 
ATOM   337  O O   . PHE A 1 58  ? 7.296   0.488   5.236   1.00 25.08 ? 58  PHE A O   1 
ATOM   338  C CB  . PHE A 1 58  ? 6.013   0.744   7.832   1.00 26.38 ? 58  PHE A CB  1 
ATOM   339  C CG  . PHE A 1 58  ? 7.243   1.256   8.513   1.00 29.48 ? 58  PHE A CG  1 
ATOM   340  C CD1 . PHE A 1 58  ? 7.210   2.435   9.245   1.00 27.95 ? 58  PHE A CD1 1 
ATOM   341  C CD2 . PHE A 1 58  ? 8.445   0.559   8.414   1.00 29.11 ? 58  PHE A CD2 1 
ATOM   342  C CE1 . PHE A 1 58  ? 8.358   2.916   9.873   1.00 31.13 ? 58  PHE A CE1 1 
ATOM   343  C CE2 . PHE A 1 58  ? 9.598   1.032   9.037   1.00 31.20 ? 58  PHE A CE2 1 
ATOM   344  C CZ  . PHE A 1 58  ? 9.553   2.214   9.769   1.00 30.30 ? 58  PHE A CZ  1 
ATOM   345  N N   . ARG A 1 59  ? 7.064   2.718   5.032   1.00 28.08 ? 59  ARG A N   1 
ATOM   346  C CA  . ARG A 1 59  ? 8.107   2.852   4.021   1.00 30.26 ? 59  ARG A CA  1 
ATOM   347  C C   . ARG A 1 59  ? 9.106   3.912   4.461   1.00 31.61 ? 59  ARG A C   1 
ATOM   348  O O   . ARG A 1 59  ? 8.966   5.092   4.143   1.00 31.85 ? 59  ARG A O   1 
ATOM   349  C CB  . ARG A 1 59  ? 7.470   3.237   2.680   1.00 31.28 ? 59  ARG A CB  1 
ATOM   350  C CG  . ARG A 1 59  ? 8.444   3.431   1.525   1.00 33.56 ? 59  ARG A CG  1 
ATOM   351  C CD  . ARG A 1 59  ? 7.691   3.767   0.241   1.00 36.43 ? 59  ARG A CD  1 
ATOM   352  N NE  . ARG A 1 59  ? 8.579   3.965   -0.905  1.00 43.61 ? 59  ARG A NE  1 
ATOM   353  C CZ  . ARG A 1 59  ? 9.401   5.004   -1.059  1.00 46.48 ? 59  ARG A CZ  1 
ATOM   354  N NH1 . ARG A 1 59  ? 9.459   5.959   -0.139  1.00 47.84 ? 59  ARG A NH1 1 
ATOM   355  N NH2 . ARG A 1 59  ? 10.168  5.086   -2.137  1.00 47.28 ? 59  ARG A NH2 1 
ATOM   356  N N   . GLU A 1 60  ? 10.116  3.475   5.202   1.00 35.12 ? 60  GLU A N   1 
ATOM   357  C CA  . GLU A 1 60  ? 11.141  4.369   5.717   1.00 39.66 ? 60  GLU A CA  1 
ATOM   358  C C   . GLU A 1 60  ? 12.425  4.212   4.902   1.00 43.42 ? 60  GLU A C   1 
ATOM   359  O O   . GLU A 1 60  ? 13.244  3.337   5.180   1.00 42.17 ? 60  GLU A O   1 
ATOM   360  C CB  . GLU A 1 60  ? 11.402  4.044   7.193   1.00 39.12 ? 60  GLU A CB  1 
ATOM   361  C CG  . GLU A 1 60  ? 12.272  5.062   7.914   1.00 39.96 ? 60  GLU A CG  1 
ATOM   362  C CD  . GLU A 1 60  ? 11.557  6.382   8.148   1.00 38.90 ? 60  GLU A CD  1 
ATOM   363  O OE1 . GLU A 1 60  ? 12.242  7.376   8.450   1.00 39.53 ? 60  GLU A OE1 1 
ATOM   364  O OE2 . GLU A 1 60  ? 10.314  6.427   8.040   1.00 38.41 ? 60  GLU A OE2 1 
ATOM   365  N N   . LYS A 1 61  ? 12.596  5.067   3.896   1.00 48.16 ? 61  LYS A N   1 
ATOM   366  C CA  . LYS A 1 61  ? 13.778  5.002   3.043   1.00 52.93 ? 61  LYS A CA  1 
ATOM   367  C C   . LYS A 1 61  ? 14.052  6.317   2.318   1.00 54.90 ? 61  LYS A C   1 
ATOM   368  O O   . LYS A 1 61  ? 13.469  7.359   2.633   1.00 54.71 ? 61  LYS A O   1 
ATOM   369  C CB  . LYS A 1 61  ? 13.609  3.873   2.018   1.00 55.50 ? 61  LYS A CB  1 
ATOM   370  C CG  . LYS A 1 61  ? 12.412  4.055   1.094   1.00 55.86 ? 61  LYS A CG  1 
ATOM   371  C CD  . LYS A 1 61  ? 12.071  2.777   0.339   1.00 56.85 ? 61  LYS A CD  1 
ATOM   372  C CE  . LYS A 1 61  ? 13.190  2.342   -0.584  1.00 57.32 ? 61  LYS A CE  1 
ATOM   373  N NZ  . LYS A 1 61  ? 12.832  1.083   -1.293  1.00 58.33 ? 61  LYS A NZ  1 
ATOM   374  N N   . GLY A 1 62  ? 14.943  6.260   1.335   1.00 57.35 ? 62  GLY A N   1 
ATOM   375  C CA  . GLY A 1 62  ? 15.280  7.452   0.583   1.00 58.31 ? 62  GLY A CA  1 
ATOM   376  C C   . GLY A 1 62  ? 16.347  8.263   1.289   1.00 58.80 ? 62  GLY A C   1 
ATOM   377  O O   . GLY A 1 62  ? 17.206  7.709   1.976   1.00 58.28 ? 62  GLY A O   1 
ATOM   378  N N   . GLY A 1 63  ? 16.283  9.581   1.127   1.00 59.33 ? 63  GLY A N   1 
ATOM   379  C CA  . GLY A 1 63  ? 17.263  10.448  1.753   1.00 58.94 ? 63  GLY A CA  1 
ATOM   380  C C   . GLY A 1 63  ? 16.805  11.039  3.070   1.00 58.37 ? 63  GLY A C   1 
ATOM   381  O O   . GLY A 1 63  ? 15.698  11.576  3.176   1.00 58.92 ? 63  GLY A O   1 
ATOM   382  N N   . ASP A 1 64  ? 17.663  10.940  4.078   1.00 57.22 ? 64  ASP A N   1 
ATOM   383  C CA  . ASP A 1 64  ? 17.367  11.469  5.404   1.00 55.98 ? 64  ASP A CA  1 
ATOM   384  C C   . ASP A 1 64  ? 16.213  10.733  6.084   1.00 53.16 ? 64  ASP A C   1 
ATOM   385  O O   . ASP A 1 64  ? 15.370  11.346  6.737   1.00 52.55 ? 64  ASP A O   1 
ATOM   386  C CB  . ASP A 1 64  ? 17.049  12.966  5.317   1.00 59.65 ? 64  ASP A CB  1 
ATOM   387  C CG  . ASP A 1 64  ? 16.859  13.605  6.681   1.00 63.02 ? 64  ASP A CG  1 
ATOM   388  O OD1 . ASP A 1 64  ? 17.830  13.629  7.473   1.00 64.39 ? 64  ASP A OD1 1 
ATOM   389  O OD2 . ASP A 1 64  ? 15.738  14.084  6.959   1.00 64.55 ? 64  ASP A OD2 1 
ATOM   390  N N   . ALA A 1 65  ? 16.177  9.416   5.917   1.00 48.32 ? 65  ALA A N   1 
ATOM   391  C CA  . ALA A 1 65  ? 15.149  8.598   6.545   1.00 44.48 ? 65  ALA A CA  1 
ATOM   392  C C   . ALA A 1 65  ? 15.703  8.182   7.902   1.00 42.43 ? 65  ALA A C   1 
ATOM   393  O O   . ALA A 1 65  ? 16.912  8.240   8.123   1.00 41.62 ? 65  ALA A O   1 
ATOM   394  C CB  . ALA A 1 65  ? 14.864  7.365   5.699   1.00 43.12 ? 65  ALA A CB  1 
ATOM   395  N N   . LEU A 1 66  ? 14.827  7.768   8.810   1.00 39.70 ? 66  LEU A N   1 
ATOM   396  C CA  . LEU A 1 66  ? 15.269  7.331   10.128  1.00 38.16 ? 66  LEU A CA  1 
ATOM   397  C C   . LEU A 1 66  ? 16.061  6.028   9.987   1.00 36.33 ? 66  LEU A C   1 
ATOM   398  O O   . LEU A 1 66  ? 15.772  5.208   9.114   1.00 35.01 ? 66  LEU A O   1 
ATOM   399  C CB  . LEU A 1 66  ? 14.062  7.120   11.051  1.00 37.67 ? 66  LEU A CB  1 
ATOM   400  C CG  . LEU A 1 66  ? 13.236  8.352   11.445  1.00 37.22 ? 66  LEU A CG  1 
ATOM   401  C CD1 . LEU A 1 66  ? 12.008  7.905   12.225  1.00 37.57 ? 66  LEU A CD1 1 
ATOM   402  C CD2 . LEU A 1 66  ? 14.082  9.310   12.284  1.00 37.50 ? 66  LEU A CD2 1 
ATOM   403  N N   . THR A 1 67  ? 17.067  5.853   10.839  1.00 33.75 ? 67  THR A N   1 
ATOM   404  C CA  . THR A 1 67  ? 17.896  4.653   10.818  1.00 32.97 ? 67  THR A CA  1 
ATOM   405  C C   . THR A 1 67  ? 17.958  4.042   12.214  1.00 32.97 ? 67  THR A C   1 
ATOM   406  O O   . THR A 1 67  ? 17.563  4.672   13.193  1.00 34.13 ? 67  THR A O   1 
ATOM   407  C CB  . THR A 1 67  ? 19.346  4.966   10.377  1.00 32.51 ? 67  THR A CB  1 
ATOM   408  O OG1 . THR A 1 67  ? 19.919  5.924   11.276  1.00 33.19 ? 67  THR A OG1 1 
ATOM   409  C CG2 . THR A 1 67  ? 19.374  5.519   8.959   1.00 31.67 ? 67  THR A CG2 1 
ATOM   410  N N   . GLY A 1 68  ? 18.450  2.811   12.289  1.00 32.29 ? 68  GLY A N   1 
ATOM   411  C CA  . GLY A 1 68  ? 18.588  2.126   13.562  1.00 31.77 ? 68  GLY A CA  1 
ATOM   412  C C   . GLY A 1 68  ? 17.393  2.124   14.497  1.00 32.75 ? 68  GLY A C   1 
ATOM   413  O O   . GLY A 1 68  ? 16.251  1.945   14.073  1.00 30.09 ? 68  GLY A O   1 
ATOM   414  N N   . GLU A 1 69  ? 17.670  2.319   15.785  1.00 32.68 ? 69  GLU A N   1 
ATOM   415  C CA  . GLU A 1 69  ? 16.636  2.320   16.815  1.00 32.41 ? 69  GLU A CA  1 
ATOM   416  C C   . GLU A 1 69  ? 15.541  3.352   16.573  1.00 30.85 ? 69  GLU A C   1 
ATOM   417  O O   . GLU A 1 69  ? 14.369  3.092   16.837  1.00 30.06 ? 69  GLU A O   1 
ATOM   418  C CB  . GLU A 1 69  ? 17.262  2.552   18.195  1.00 32.69 ? 69  GLU A CB  1 
ATOM   419  C CG  . GLU A 1 69  ? 16.241  2.564   19.319  1.00 35.14 ? 69  GLU A CG  1 
ATOM   420  C CD  . GLU A 1 69  ? 16.846  2.831   20.680  1.00 33.41 ? 69  GLU A CD  1 
ATOM   421  O OE1 . GLU A 1 69  ? 17.580  3.834   20.821  1.00 36.18 ? 69  GLU A OE1 1 
ATOM   422  O OE2 . GLU A 1 69  ? 16.577  2.042   21.608  1.00 33.22 ? 69  GLU A OE2 1 
ATOM   423  N N   . ALA A 1 70  ? 15.922  4.527   16.080  1.00 31.46 ? 70  ALA A N   1 
ATOM   424  C CA  . ALA A 1 70  ? 14.949  5.578   15.808  1.00 29.89 ? 70  ALA A CA  1 
ATOM   425  C C   . ALA A 1 70  ? 13.936  5.085   14.779  1.00 31.61 ? 70  ALA A C   1 
ATOM   426  O O   . ALA A 1 70  ? 12.749  5.394   14.863  1.00 31.12 ? 70  ALA A O   1 
ATOM   427  C CB  . ALA A 1 70  ? 15.654  6.824   15.293  1.00 30.17 ? 70  ALA A CB  1 
ATOM   428  N N   . ARG A 1 71  ? 14.413  4.316   13.806  1.00 31.86 ? 71  ARG A N   1 
ATOM   429  C CA  . ARG A 1 71  ? 13.544  3.775   12.766  1.00 31.39 ? 71  ARG A CA  1 
ATOM   430  C C   . ARG A 1 71  ? 12.616  2.727   13.363  1.00 30.03 ? 71  ARG A C   1 
ATOM   431  O O   . ARG A 1 71  ? 11.423  2.697   13.065  1.00 32.41 ? 71  ARG A O   1 
ATOM   432  C CB  . ARG A 1 71  ? 14.388  3.161   11.641  1.00 30.63 ? 71  ARG A CB  1 
ATOM   433  C CG  . ARG A 1 71  ? 13.605  2.332   10.621  1.00 29.53 ? 71  ARG A CG  1 
ATOM   434  C CD  . ARG A 1 71  ? 14.459  2.067   9.385   1.00 30.43 ? 71  ARG A CD  1 
ATOM   435  N NE  . ARG A 1 71  ? 13.895  1.066   8.477   1.00 28.15 ? 71  ARG A NE  1 
ATOM   436  C CZ  . ARG A 1 71  ? 13.920  -0.243  8.700   1.00 31.25 ? 71  ARG A CZ  1 
ATOM   437  N NH1 . ARG A 1 71  ? 14.478  -0.721  9.808   1.00 29.11 ? 71  ARG A NH1 1 
ATOM   438  N NH2 . ARG A 1 71  ? 13.413  -1.082  7.805   1.00 29.99 ? 71  ARG A NH2 1 
ATOM   439  N N   . ILE A 1 72  ? 13.170  1.874   14.213  1.00 28.54 ? 72  ILE A N   1 
ATOM   440  C CA  . ILE A 1 72  ? 12.383  0.829   14.846  1.00 31.10 ? 72  ILE A CA  1 
ATOM   441  C C   . ILE A 1 72  ? 11.266  1.399   15.727  1.00 32.07 ? 72  ILE A C   1 
ATOM   442  O O   . ILE A 1 72  ? 10.150  0.887   15.708  1.00 31.36 ? 72  ILE A O   1 
ATOM   443  C CB  . ILE A 1 72  ? 13.273  -0.111  15.689  1.00 30.47 ? 72  ILE A CB  1 
ATOM   444  C CG1 . ILE A 1 72  ? 14.306  -0.800  14.791  1.00 32.96 ? 72  ILE A CG1 1 
ATOM   445  C CG2 . ILE A 1 72  ? 12.418  -1.180  16.364  1.00 32.45 ? 72  ILE A CG2 1 
ATOM   446  C CD1 . ILE A 1 72  ? 13.693  -1.615  13.662  1.00 31.86 ? 72  ILE A CD1 1 
ATOM   447  N N   . LYS A 1 73  ? 11.559  2.450   16.492  1.00 31.70 ? 73  LYS A N   1 
ATOM   448  C CA  . LYS A 1 73  ? 10.539  3.044   17.356  1.00 32.76 ? 73  LYS A CA  1 
ATOM   449  C C   . LYS A 1 73  ? 9.382   3.625   16.547  1.00 30.22 ? 73  LYS A C   1 
ATOM   450  O O   . LYS A 1 73  ? 8.226   3.467   16.918  1.00 28.52 ? 73  LYS A O   1 
ATOM   451  C CB  . LYS A 1 73  ? 11.143  4.122   18.263  1.00 35.18 ? 73  LYS A CB  1 
ATOM   452  C CG  . LYS A 1 73  ? 12.193  3.585   19.235  1.00 39.94 ? 73  LYS A CG  1 
ATOM   453  C CD  . LYS A 1 73  ? 11.689  2.337   19.956  1.00 43.62 ? 73  LYS A CD  1 
ATOM   454  C CE  . LYS A 1 73  ? 12.832  1.577   20.627  1.00 46.35 ? 73  LYS A CE  1 
ATOM   455  N NZ  . LYS A 1 73  ? 12.418  0.214   21.085  1.00 45.39 ? 73  LYS A NZ  1 
ATOM   456  N N   . PHE A 1 74  ? 9.687   4.299   15.443  1.00 29.67 ? 74  PHE A N   1 
ATOM   457  C CA  . PHE A 1 74  ? 8.632   4.851   14.608  1.00 29.06 ? 74  PHE A CA  1 
ATOM   458  C C   . PHE A 1 74  ? 7.813   3.684   14.062  1.00 30.32 ? 74  PHE A C   1 
ATOM   459  O O   . PHE A 1 74  ? 6.584   3.747   13.991  1.00 29.58 ? 74  PHE A O   1 
ATOM   460  C CB  . PHE A 1 74  ? 9.233   5.667   13.459  1.00 30.69 ? 74  PHE A CB  1 
ATOM   461  C CG  . PHE A 1 74  ? 8.236   6.080   12.413  1.00 28.42 ? 74  PHE A CG  1 
ATOM   462  C CD1 . PHE A 1 74  ? 7.028   6.674   12.769  1.00 30.53 ? 74  PHE A CD1 1 
ATOM   463  C CD2 . PHE A 1 74  ? 8.509   5.883   11.064  1.00 30.83 ? 74  PHE A CD2 1 
ATOM   464  C CE1 . PHE A 1 74  ? 6.105   7.063   11.795  1.00 29.28 ? 74  PHE A CE1 1 
ATOM   465  C CE2 . PHE A 1 74  ? 7.592   6.271   10.081  1.00 29.34 ? 74  PHE A CE2 1 
ATOM   466  C CZ  . PHE A 1 74  ? 6.391   6.858   10.449  1.00 28.04 ? 74  PHE A CZ  1 
ATOM   467  N N   . ALA A 1 75  ? 8.504   2.609   13.694  1.00 29.66 ? 75  ALA A N   1 
ATOM   468  C CA  . ALA A 1 75  ? 7.853   1.424   13.160  1.00 29.87 ? 75  ALA A CA  1 
ATOM   469  C C   . ALA A 1 75  ? 6.861   0.823   14.160  1.00 31.05 ? 75  ALA A C   1 
ATOM   470  O O   . ALA A 1 75  ? 5.720   0.515   13.803  1.00 29.35 ? 75  ALA A O   1 
ATOM   471  C CB  . ALA A 1 75  ? 8.900   0.391   12.781  1.00 28.59 ? 75  ALA A CB  1 
ATOM   472  N N   . GLU A 1 76  ? 7.302   0.662   15.405  1.00 31.34 ? 76  GLU A N   1 
ATOM   473  C CA  . GLU A 1 76  ? 6.474   0.091   16.466  1.00 33.24 ? 76  GLU A CA  1 
ATOM   474  C C   . GLU A 1 76  ? 5.283   0.977   16.805  1.00 33.00 ? 76  GLU A C   1 
ATOM   475  O O   . GLU A 1 76  ? 4.208   0.480   17.120  1.00 32.02 ? 76  GLU A O   1 
ATOM   476  C CB  . GLU A 1 76  ? 7.313   -0.134  17.728  1.00 35.35 ? 76  GLU A CB  1 
ATOM   477  C CG  . GLU A 1 76  ? 8.532   -1.016  17.506  1.00 39.34 ? 76  GLU A CG  1 
ATOM   478  C CD  . GLU A 1 76  ? 9.400   -1.151  18.750  1.00 41.61 ? 76  GLU A CD  1 
ATOM   479  O OE1 . GLU A 1 76  ? 9.691   -0.117  19.395  1.00 41.09 ? 76  GLU A OE1 1 
ATOM   480  O OE2 . GLU A 1 76  ? 9.800   -2.291  19.068  1.00 42.85 ? 76  GLU A OE2 1 
ATOM   481  N N   . LYS A 1 77  ? 5.484   2.290   16.751  1.00 34.02 ? 77  LYS A N   1 
ATOM   482  C CA  . LYS A 1 77  ? 4.411   3.228   17.045  1.00 34.58 ? 77  LYS A CA  1 
ATOM   483  C C   . LYS A 1 77  ? 3.386   3.230   15.915  1.00 34.22 ? 77  LYS A C   1 
ATOM   484  O O   . LYS A 1 77  ? 2.178   3.286   16.155  1.00 32.51 ? 77  LYS A O   1 
ATOM   485  C CB  . LYS A 1 77  ? 4.968   4.639   17.230  1.00 36.25 ? 77  LYS A CB  1 
ATOM   486  C CG  . LYS A 1 77  ? 5.724   4.857   18.538  1.00 39.58 ? 77  LYS A CG  1 
ATOM   487  C CD  . LYS A 1 77  ? 6.184   6.300   18.651  1.00 43.25 ? 77  LYS A CD  1 
ATOM   488  C CE  . LYS A 1 77  ? 6.913   6.559   19.961  1.00 44.93 ? 77  LYS A CE  1 
ATOM   489  N NZ  . LYS A 1 77  ? 8.155   5.747   20.081  1.00 46.46 ? 77  LYS A NZ  1 
ATOM   490  N N   . ALA A 1 78  ? 3.879   3.175   14.681  1.00 32.51 ? 78  ALA A N   1 
ATOM   491  C CA  . ALA A 1 78  ? 3.010   3.173   13.513  1.00 31.23 ? 78  ALA A CA  1 
ATOM   492  C C   . ALA A 1 78  ? 2.183   1.892   13.514  1.00 30.46 ? 78  ALA A C   1 
ATOM   493  O O   . ALA A 1 78  ? 0.995   1.902   13.184  1.00 30.56 ? 78  ALA A O   1 
ATOM   494  C CB  . ALA A 1 78  ? 3.845   3.268   12.240  1.00 31.81 ? 78  ALA A CB  1 
ATOM   495  N N   . GLN A 1 79  ? 2.818   0.789   13.896  1.00 30.61 ? 79  GLN A N   1 
ATOM   496  C CA  . GLN A 1 79  ? 2.135   -0.494  13.949  1.00 31.67 ? 79  GLN A CA  1 
ATOM   497  C C   . GLN A 1 79  ? 1.083   -0.502  15.058  1.00 30.81 ? 79  GLN A C   1 
ATOM   498  O O   . GLN A 1 79  ? -0.002  -1.058  14.891  1.00 31.48 ? 79  GLN A O   1 
ATOM   499  C CB  . GLN A 1 79  ? 3.140   -1.630  14.172  1.00 31.47 ? 79  GLN A CB  1 
ATOM   500  C CG  . GLN A 1 79  ? 2.485   -2.994  14.394  1.00 33.01 ? 79  GLN A CG  1 
ATOM   501  C CD  . GLN A 1 79  ? 3.489   -4.101  14.670  1.00 33.35 ? 79  GLN A CD  1 
ATOM   502  O OE1 . GLN A 1 79  ? 4.468   -3.899  15.384  1.00 35.47 ? 79  GLN A OE1 1 
ATOM   503  N NE2 . GLN A 1 79  ? 3.236   -5.284  14.120  1.00 33.80 ? 79  GLN A NE2 1 
ATOM   504  N N   . ALA A 1 80  ? 1.406   0.109   16.192  1.00 30.51 ? 80  ALA A N   1 
ATOM   505  C CA  . ALA A 1 80  ? 0.467   0.160   17.308  1.00 31.80 ? 80  ALA A CA  1 
ATOM   506  C C   . ALA A 1 80  ? -0.777  0.943   16.903  1.00 30.12 ? 80  ALA A C   1 
ATOM   507  O O   . ALA A 1 80  ? -1.892  0.561   17.245  1.00 32.51 ? 80  ALA A O   1 
ATOM   508  C CB  . ALA A 1 80  ? 1.125   0.810   18.533  1.00 30.49 ? 80  ALA A CB  1 
ATOM   509  N N   . ALA A 1 81  ? -0.581  2.034   16.167  1.00 29.71 ? 81  ALA A N   1 
ATOM   510  C CA  . ALA A 1 81  ? -1.700  2.859   15.717  1.00 28.93 ? 81  ALA A CA  1 
ATOM   511  C C   . ALA A 1 81  ? -2.577  2.077   14.745  1.00 28.10 ? 81  ALA A C   1 
ATOM   512  O O   . ALA A 1 81  ? -3.800  2.237   14.740  1.00 27.85 ? 81  ALA A O   1 
ATOM   513  C CB  . ALA A 1 81  ? -1.187  4.136   15.050  1.00 28.13 ? 81  ALA A CB  1 
ATOM   514  N N   . CYS A 1 82  ? -1.951  1.248   13.913  1.00 27.23 ? 82  CYS A N   1 
ATOM   515  C CA  . CYS A 1 82  ? -2.693  0.430   12.956  1.00 28.33 ? 82  CYS A CA  1 
ATOM   516  C C   . CYS A 1 82  ? -3.549  -0.588  13.703  1.00 30.42 ? 82  CYS A C   1 
ATOM   517  O O   . CYS A 1 82  ? -4.697  -0.842  13.336  1.00 29.26 ? 82  CYS A O   1 
ATOM   518  C CB  . CYS A 1 82  ? -1.736  -0.312  12.026  1.00 26.39 ? 82  CYS A CB  1 
ATOM   519  S SG  . CYS A 1 82  ? -0.963  0.721   10.788  1.00 25.31 ? 82  CYS A SG  1 
ATOM   520  N N   . ARG A 1 83  ? -2.968  -1.167  14.750  1.00 32.97 ? 83  ARG A N   1 
ATOM   521  C CA  . ARG A 1 83  ? -3.639  -2.167  15.574  1.00 37.83 ? 83  ARG A CA  1 
ATOM   522  C C   . ARG A 1 83  ? -4.875  -1.584  16.253  1.00 38.95 ? 83  ARG A C   1 
ATOM   523  O O   . ARG A 1 83  ? -5.963  -2.157  16.177  1.00 39.32 ? 83  ARG A O   1 
ATOM   524  C CB  . ARG A 1 83  ? -2.661  -2.706  16.631  1.00 40.47 ? 83  ARG A CB  1 
ATOM   525  C CG  . ARG A 1 83  ? -3.308  -3.364  17.848  1.00 46.49 ? 83  ARG A CG  1 
ATOM   526  C CD  . ARG A 1 83  ? -3.971  -4.699  17.532  1.00 50.89 ? 83  ARG A CD  1 
ATOM   527  N NE  . ARG A 1 83  ? -3.000  -5.746  17.217  1.00 56.25 ? 83  ARG A NE  1 
ATOM   528  C CZ  . ARG A 1 83  ? -3.325  -7.001  16.918  1.00 57.39 ? 83  ARG A CZ  1 
ATOM   529  N NH1 . ARG A 1 83  ? -4.600  -7.374  16.894  1.00 59.29 ? 83  ARG A NH1 1 
ATOM   530  N NH2 . ARG A 1 83  ? -2.378  -7.886  16.634  1.00 57.29 ? 83  ARG A NH2 1 
ATOM   531  N N   . GLU A 1 84  ? -4.701  -0.438  16.906  1.00 38.91 ? 84  GLU A N   1 
ATOM   532  C CA  . GLU A 1 84  ? -5.794  0.217   17.603  1.00 40.38 ? 84  GLU A CA  1 
ATOM   533  C C   . GLU A 1 84  ? -6.905  0.654   16.652  1.00 39.64 ? 84  GLU A C   1 
ATOM   534  O O   . GLU A 1 84  ? -8.071  0.729   17.043  1.00 38.46 ? 84  GLU A O   1 
ATOM   535  C CB  . GLU A 1 84  ? -5.274  1.429   18.372  1.00 44.59 ? 84  GLU A CB  1 
ATOM   536  C CG  . GLU A 1 84  ? -6.307  2.037   19.306  1.00 52.02 ? 84  GLU A CG  1 
ATOM   537  C CD  . GLU A 1 84  ? -5.730  3.127   20.181  1.00 55.99 ? 84  GLU A CD  1 
ATOM   538  O OE1 . GLU A 1 84  ? -5.345  4.185   19.635  1.00 56.65 ? 84  GLU A OE1 1 
ATOM   539  O OE2 . GLU A 1 84  ? -5.657  2.923   21.415  1.00 57.87 ? 84  GLU A OE2 1 
ATOM   540  N N   . ALA A 1 85  ? -6.542  0.940   15.405  1.00 35.89 ? 85  ALA A N   1 
ATOM   541  C CA  . ALA A 1 85  ? -7.517  1.361   14.409  1.00 34.33 ? 85  ALA A CA  1 
ATOM   542  C C   . ALA A 1 85  ? -8.061  0.150   13.651  1.00 33.25 ? 85  ALA A C   1 
ATOM   543  O O   . ALA A 1 85  ? -8.980  0.277   12.844  1.00 33.50 ? 85  ALA A O   1 
ATOM   544  C CB  . ALA A 1 85  ? -6.875  2.344   13.435  1.00 33.23 ? 85  ALA A CB  1 
ATOM   545  N N   . GLY A 1 86  ? -7.485  -1.021  13.908  1.00 32.37 ? 86  GLY A N   1 
ATOM   546  C CA  . GLY A 1 86  ? -7.935  -2.226  13.231  1.00 32.08 ? 86  GLY A CA  1 
ATOM   547  C C   . GLY A 1 86  ? -7.550  -2.296  11.761  1.00 31.34 ? 86  GLY A C   1 
ATOM   548  O O   . GLY A 1 86  ? -8.248  -2.912  10.958  1.00 31.27 ? 86  GLY A O   1 
ATOM   549  N N   . VAL A 1 87  ? -6.437  -1.666  11.404  1.00 31.32 ? 87  VAL A N   1 
ATOM   550  C CA  . VAL A 1 87  ? -5.955  -1.665  10.022  1.00 29.15 ? 87  VAL A CA  1 
ATOM   551  C C   . VAL A 1 87  ? -4.650  -2.461  9.922   1.00 28.52 ? 87  VAL A C   1 
ATOM   552  O O   . VAL A 1 87  ? -3.757  -2.305  10.755  1.00 27.29 ? 87  VAL A O   1 
ATOM   553  C CB  . VAL A 1 87  ? -5.700  -0.216  9.537   1.00 28.54 ? 87  VAL A CB  1 
ATOM   554  C CG1 . VAL A 1 87  ? -5.095  -0.217  8.147   1.00 27.13 ? 87  VAL A CG1 1 
ATOM   555  C CG2 . VAL A 1 87  ? -7.009  0.559   9.536   1.00 29.82 ? 87  VAL A CG2 1 
ATOM   556  N N   . PRO A 1 88  ? -4.519  -3.322  8.894   1.00 28.64 ? 88  PRO A N   1 
ATOM   557  C CA  . PRO A 1 88  ? -3.288  -4.108  8.751   1.00 26.70 ? 88  PRO A CA  1 
ATOM   558  C C   . PRO A 1 88  ? -2.055  -3.219  8.567   1.00 25.84 ? 88  PRO A C   1 
ATOM   559  O O   . PRO A 1 88  ? -2.132  -2.132  7.990   1.00 22.98 ? 88  PRO A O   1 
ATOM   560  C CB  . PRO A 1 88  ? -3.565  -4.974  7.519   1.00 28.70 ? 88  PRO A CB  1 
ATOM   561  C CG  . PRO A 1 88  ? -5.074  -5.100  7.518   1.00 28.86 ? 88  PRO A CG  1 
ATOM   562  C CD  . PRO A 1 88  ? -5.500  -3.692  7.856   1.00 26.44 ? 88  PRO A CD  1 
ATOM   563  N N   . PHE A 1 89  ? -0.922  -3.705  9.060   1.00 25.11 ? 89  PHE A N   1 
ATOM   564  C CA  . PHE A 1 89  ? 0.349   -2.996  8.989   1.00 24.94 ? 89  PHE A CA  1 
ATOM   565  C C   . PHE A 1 89  ? 1.238   -3.719  7.986   1.00 24.04 ? 89  PHE A C   1 
ATOM   566  O O   . PHE A 1 89  ? 1.558   -4.890  8.171   1.00 23.54 ? 89  PHE A O   1 
ATOM   567  C CB  . PHE A 1 89  ? 1.003   -2.996  10.378  1.00 24.84 ? 89  PHE A CB  1 
ATOM   568  C CG  . PHE A 1 89  ? 2.377   -2.386  10.422  1.00 23.89 ? 89  PHE A CG  1 
ATOM   569  C CD1 . PHE A 1 89  ? 2.550   -1.006  10.323  1.00 26.36 ? 89  PHE A CD1 1 
ATOM   570  C CD2 . PHE A 1 89  ? 3.498   -3.190  10.621  1.00 24.72 ? 89  PHE A CD2 1 
ATOM   571  C CE1 . PHE A 1 89  ? 3.824   -0.430  10.431  1.00 26.17 ? 89  PHE A CE1 1 
ATOM   572  C CE2 . PHE A 1 89  ? 4.784   -2.626  10.730  1.00 24.59 ? 89  PHE A CE2 1 
ATOM   573  C CZ  . PHE A 1 89  ? 4.944   -1.245  10.638  1.00 26.15 ? 89  PHE A CZ  1 
ATOM   574  N N   . ILE A 1 90  ? 1.632   -3.019  6.927   1.00 23.41 ? 90  ILE A N   1 
ATOM   575  C CA  . ILE A 1 90  ? 2.482   -3.604  5.890   1.00 22.87 ? 90  ILE A CA  1 
ATOM   576  C C   . ILE A 1 90  ? 3.852   -2.942  5.891   1.00 21.87 ? 90  ILE A C   1 
ATOM   577  O O   . ILE A 1 90  ? 3.954   -1.719  5.981   1.00 23.39 ? 90  ILE A O   1 
ATOM   578  C CB  . ILE A 1 90  ? 1.885   -3.411  4.473   1.00 23.50 ? 90  ILE A CB  1 
ATOM   579  C CG1 . ILE A 1 90  ? 0.442   -3.924  4.425   1.00 22.84 ? 90  ILE A CG1 1 
ATOM   580  C CG2 . ILE A 1 90  ? 2.765   -4.129  3.441   1.00 19.51 ? 90  ILE A CG2 1 
ATOM   581  C CD1 . ILE A 1 90  ? 0.294   -5.385  4.778   1.00 24.17 ? 90  ILE A CD1 1 
ATOM   582  N N   . VAL A 1 91  ? 4.898   -3.753  5.759   1.00 24.03 ? 91  VAL A N   1 
ATOM   583  C CA  . VAL A 1 91  ? 6.272   -3.254  5.747   1.00 24.00 ? 91  VAL A CA  1 
ATOM   584  C C   . VAL A 1 91  ? 6.865   -3.279  4.347   1.00 25.04 ? 91  VAL A C   1 
ATOM   585  O O   . VAL A 1 91  ? 6.740   -4.270  3.626   1.00 24.45 ? 91  VAL A O   1 
ATOM   586  C CB  . VAL A 1 91  ? 7.183   -4.106  6.669   1.00 25.51 ? 91  VAL A CB  1 
ATOM   587  C CG1 . VAL A 1 91  ? 8.611   -3.600  6.603   1.00 27.29 ? 91  VAL A CG1 1 
ATOM   588  C CG2 . VAL A 1 91  ? 6.666   -4.062  8.106   1.00 25.74 ? 91  VAL A CG2 1 
ATOM   589  N N   . ASN A 1 92  ? 7.517   -2.190  3.962   1.00 26.49 ? 92  ASN A N   1 
ATOM   590  C CA  . ASN A 1 92  ? 8.137   -2.128  2.648   1.00 27.86 ? 92  ASN A CA  1 
ATOM   591  C C   . ASN A 1 92  ? 9.551   -2.709  2.695   1.00 30.15 ? 92  ASN A C   1 
ATOM   592  O O   . ASN A 1 92  ? 10.330  -2.403  3.603   1.00 28.30 ? 92  ASN A O   1 
ATOM   593  C CB  . ASN A 1 92  ? 8.207   -0.679  2.149   1.00 27.83 ? 92  ASN A CB  1 
ATOM   594  C CG  . ASN A 1 92  ? 8.686   -0.582  0.700   1.00 31.40 ? 92  ASN A CG  1 
ATOM   595  O OD1 . ASN A 1 92  ? 8.022   -1.056  -0.221  1.00 29.23 ? 92  ASN A OD1 1 
ATOM   596  N ND2 . ASN A 1 92  ? 9.845   0.028   0.501   1.00 31.53 ? 92  ASN A ND2 1 
ATOM   597  N N   . ASP A 1 93  ? 9.853   -3.572  1.726   1.00 31.03 ? 93  ASP A N   1 
ATOM   598  C CA  . ASP A 1 93  ? 11.171  -4.188  1.561   1.00 32.47 ? 93  ASP A CA  1 
ATOM   599  C C   . ASP A 1 93  ? 11.753  -5.086  2.657   1.00 33.59 ? 93  ASP A C   1 
ATOM   600  O O   . ASP A 1 93  ? 12.145  -6.218  2.383   1.00 34.44 ? 93  ASP A O   1 
ATOM   601  C CB  . ASP A 1 93  ? 12.220  -3.104  1.253   1.00 34.50 ? 93  ASP A CB  1 
ATOM   602  C CG  . ASP A 1 93  ? 12.025  -2.446  -0.110  1.00 37.29 ? 93  ASP A CG  1 
ATOM   603  O OD1 . ASP A 1 93  ? 11.383  -3.041  -1.003  1.00 39.14 ? 93  ASP A OD1 1 
ATOM   604  O OD2 . ASP A 1 93  ? 12.541  -1.324  -0.296  1.00 41.97 ? 93  ASP A OD2 1 
ATOM   605  N N   . ASP A 1 94  ? 11.826  -4.579  3.884   1.00 33.28 ? 94  ASP A N   1 
ATOM   606  C CA  . ASP A 1 94  ? 12.436  -5.312  4.995   1.00 32.73 ? 94  ASP A CA  1 
ATOM   607  C C   . ASP A 1 94  ? 11.722  -6.575  5.465   1.00 32.10 ? 94  ASP A C   1 
ATOM   608  O O   . ASP A 1 94  ? 10.801  -6.507  6.277   1.00 34.91 ? 94  ASP A O   1 
ATOM   609  C CB  . ASP A 1 94  ? 12.624  -4.367  6.187   1.00 30.57 ? 94  ASP A CB  1 
ATOM   610  C CG  . ASP A 1 94  ? 13.759  -4.793  7.095   1.00 30.29 ? 94  ASP A CG  1 
ATOM   611  O OD1 . ASP A 1 94  ? 13.970  -6.011  7.257   1.00 29.44 ? 94  ASP A OD1 1 
ATOM   612  O OD2 . ASP A 1 94  ? 14.433  -3.905  7.660   1.00 31.08 ? 94  ASP A OD2 1 
ATOM   613  N N   . VAL A 1 95  ? 12.172  -7.731  4.980   1.00 32.21 ? 95  VAL A N   1 
ATOM   614  C CA  . VAL A 1 95  ? 11.562  -8.998  5.363   1.00 31.04 ? 95  VAL A CA  1 
ATOM   615  C C   . VAL A 1 95  ? 11.789  -9.328  6.836   1.00 32.62 ? 95  VAL A C   1 
ATOM   616  O O   . VAL A 1 95  ? 10.841  -9.672  7.543   1.00 32.71 ? 95  VAL A O   1 
ATOM   617  C CB  . VAL A 1 95  ? 12.091  -10.166 4.504   1.00 32.64 ? 95  VAL A CB  1 
ATOM   618  C CG1 . VAL A 1 95  ? 11.499  -11.486 4.991   1.00 32.81 ? 95  VAL A CG1 1 
ATOM   619  C CG2 . VAL A 1 95  ? 11.729  -9.942  3.041   1.00 33.21 ? 95  VAL A CG2 1 
ATOM   620  N N   . GLU A 1 96  ? 13.037  -9.231  7.296   1.00 32.34 ? 96  GLU A N   1 
ATOM   621  C CA  . GLU A 1 96  ? 13.357  -9.520  8.698   1.00 32.56 ? 96  GLU A CA  1 
ATOM   622  C C   . GLU A 1 96  ? 12.500  -8.684  9.629   1.00 30.28 ? 96  GLU A C   1 
ATOM   623  O O   . GLU A 1 96  ? 11.930  -9.199  10.590  1.00 30.71 ? 96  GLU A O   1 
ATOM   624  C CB  . GLU A 1 96  ? 14.833  -9.234  9.008   1.00 34.20 ? 96  GLU A CB  1 
ATOM   625  C CG  . GLU A 1 96  ? 15.824  -10.237 8.444   1.00 37.08 ? 96  GLU A CG  1 
ATOM   626  C CD  . GLU A 1 96  ? 15.844  -10.255 6.930   1.00 38.39 ? 96  GLU A CD  1 
ATOM   627  O OE1 . GLU A 1 96  ? 15.878  -9.167  6.318   1.00 41.63 ? 96  GLU A OE1 1 
ATOM   628  O OE2 . GLU A 1 96  ? 15.838  -11.361 6.351   1.00 43.12 ? 96  GLU A OE2 1 
ATOM   629  N N   . LEU A 1 97  ? 12.412  -7.389  9.346   1.00 31.40 ? 97  LEU A N   1 
ATOM   630  C CA  . LEU A 1 97  ? 11.609  -6.502  10.177  1.00 30.60 ? 97  LEU A CA  1 
ATOM   631  C C   . LEU A 1 97  ? 10.149  -6.943  10.204  1.00 31.31 ? 97  LEU A C   1 
ATOM   632  O O   . LEU A 1 97  ? 9.528   -6.973  11.265  1.00 30.85 ? 97  LEU A O   1 
ATOM   633  C CB  . LEU A 1 97  ? 11.701  -5.059  9.675   1.00 31.39 ? 97  LEU A CB  1 
ATOM   634  C CG  . LEU A 1 97  ? 10.912  -4.038  10.502  1.00 30.30 ? 97  LEU A CG  1 
ATOM   635  C CD1 . LEU A 1 97  ? 11.339  -4.096  11.966  1.00 31.47 ? 97  LEU A CD1 1 
ATOM   636  C CD2 . LEU A 1 97  ? 11.138  -2.650  9.944   1.00 33.39 ? 97  LEU A CD2 1 
ATOM   637  N N   . ALA A 1 98  ? 9.604   -7.288  9.037   1.00 30.70 ? 98  ALA A N   1 
ATOM   638  C CA  . ALA A 1 98  ? 8.213   -7.728  8.957   1.00 30.58 ? 98  ALA A CA  1 
ATOM   639  C C   . ALA A 1 98  ? 7.983   -8.935  9.857   1.00 30.81 ? 98  ALA A C   1 
ATOM   640  O O   . ALA A 1 98  ? 6.983   -9.000  10.580  1.00 29.97 ? 98  ALA A O   1 
ATOM   641  C CB  . ALA A 1 98  ? 7.844   -8.070  7.514   1.00 28.96 ? 98  ALA A CB  1 
ATOM   642  N N   . LEU A 1 99  ? 8.911   -9.884  9.822   1.00 30.45 ? 99  LEU A N   1 
ATOM   643  C CA  . LEU A 1 99  ? 8.793   -11.083 10.644  1.00 33.74 ? 99  LEU A CA  1 
ATOM   644  C C   . LEU A 1 99  ? 9.018   -10.782 12.123  1.00 34.26 ? 99  LEU A C   1 
ATOM   645  O O   . LEU A 1 99  ? 8.322   -11.321 12.982  1.00 35.39 ? 99  LEU A O   1 
ATOM   646  C CB  . LEU A 1 99  ? 9.781   -12.154 10.162  1.00 34.88 ? 99  LEU A CB  1 
ATOM   647  C CG  . LEU A 1 99  ? 9.516   -12.709 8.759   1.00 32.89 ? 99  LEU A CG  1 
ATOM   648  C CD1 . LEU A 1 99  ? 10.660  -13.608 8.327   1.00 35.64 ? 99  LEU A CD1 1 
ATOM   649  C CD2 . LEU A 1 99  ? 8.202   -13.467 8.757   1.00 34.38 ? 99  LEU A CD2 1 
ATOM   650  N N   . ASN A 1 100 ? 9.988   -9.920  12.416  1.00 35.87 ? 100 ASN A N   1 
ATOM   651  C CA  . ASN A 1 100 ? 10.297  -9.548  13.796  1.00 37.36 ? 100 ASN A CA  1 
ATOM   652  C C   . ASN A 1 100 ? 9.142   -8.801  14.462  1.00 37.03 ? 100 ASN A C   1 
ATOM   653  O O   . ASN A 1 100 ? 8.794   -9.069  15.616  1.00 37.83 ? 100 ASN A O   1 
ATOM   654  C CB  . ASN A 1 100 ? 11.549  -8.668  13.842  1.00 42.80 ? 100 ASN A CB  1 
ATOM   655  C CG  . ASN A 1 100 ? 11.889  -8.208  15.252  1.00 48.41 ? 100 ASN A CG  1 
ATOM   656  O OD1 . ASN A 1 100 ? 12.544  -7.182  15.442  1.00 53.14 ? 100 ASN A OD1 1 
ATOM   657  N ND2 . ASN A 1 100 ? 11.452  -8.975  16.248  1.00 50.02 ? 100 ASN A ND2 1 
ATOM   658  N N   . LEU A 1 101 ? 8.557   -7.850  13.742  1.00 35.13 ? 101 LEU A N   1 
ATOM   659  C CA  . LEU A 1 101 ? 7.442   -7.080  14.278  1.00 35.81 ? 101 LEU A CA  1 
ATOM   660  C C   . LEU A 1 101 ? 6.123   -7.823  14.147  1.00 35.10 ? 101 LEU A C   1 
ATOM   661  O O   . LEU A 1 101 ? 5.110   -7.389  14.690  1.00 35.27 ? 101 LEU A O   1 
ATOM   662  C CB  . LEU A 1 101 ? 7.315   -5.739  13.550  1.00 34.92 ? 101 LEU A CB  1 
ATOM   663  C CG  . LEU A 1 101 ? 8.390   -4.675  13.765  1.00 35.74 ? 101 LEU A CG  1 
ATOM   664  C CD1 . LEU A 1 101 ? 8.070   -3.476  12.888  1.00 33.59 ? 101 LEU A CD1 1 
ATOM   665  C CD2 . LEU A 1 101 ? 8.442   -4.270  15.240  1.00 34.15 ? 101 LEU A CD2 1 
ATOM   666  N N   . LYS A 1 102 ? 6.131   -8.945  13.436  1.00 35.19 ? 102 LYS A N   1 
ATOM   667  C CA  . LYS A 1 102 ? 4.903   -9.699  13.217  1.00 35.33 ? 102 LYS A CA  1 
ATOM   668  C C   . LYS A 1 102 ? 3.959   -8.810  12.407  1.00 33.60 ? 102 LYS A C   1 
ATOM   669  O O   . LYS A 1 102 ? 2.782   -8.664  12.746  1.00 34.09 ? 102 LYS A O   1 
ATOM   670  C CB  . LYS A 1 102 ? 4.236   -10.061 14.547  1.00 40.03 ? 102 LYS A CB  1 
ATOM   671  C CG  . LYS A 1 102 ? 4.989   -11.070 15.397  1.00 44.48 ? 102 LYS A CG  1 
ATOM   672  C CD  . LYS A 1 102 ? 5.037   -12.434 14.738  1.00 47.35 ? 102 LYS A CD  1 
ATOM   673  C CE  . LYS A 1 102 ? 5.522   -13.484 15.722  1.00 51.14 ? 102 LYS A CE  1 
ATOM   674  N NZ  . LYS A 1 102 ? 4.642   -13.514 16.931  1.00 53.22 ? 102 LYS A NZ  1 
ATOM   675  N N   . ALA A 1 103 ? 4.485   -8.202  11.348  1.00 30.64 ? 103 ALA A N   1 
ATOM   676  C CA  . ALA A 1 103 ? 3.680   -7.336  10.499  1.00 30.01 ? 103 ALA A CA  1 
ATOM   677  C C   . ALA A 1 103 ? 2.607   -8.186  9.839   1.00 29.08 ? 103 ALA A C   1 
ATOM   678  O O   . ALA A 1 103 ? 2.706   -9.407  9.799   1.00 30.70 ? 103 ALA A O   1 
ATOM   679  C CB  . ALA A 1 103 ? 4.550   -6.674  9.434   1.00 27.44 ? 103 ALA A CB  1 
ATOM   680  N N   . ASP A 1 104 ? 1.578   -7.536  9.324   1.00 28.77 ? 104 ASP A N   1 
ATOM   681  C CA  . ASP A 1 104 ? 0.495   -8.239  8.665   1.00 26.99 ? 104 ASP A CA  1 
ATOM   682  C C   . ASP A 1 104 ? 0.911   -8.607  7.251   1.00 27.42 ? 104 ASP A C   1 
ATOM   683  O O   . ASP A 1 104 ? 0.259   -9.409  6.589   1.00 28.61 ? 104 ASP A O   1 
ATOM   684  C CB  . ASP A 1 104 ? -0.748  -7.353  8.654   1.00 27.45 ? 104 ASP A CB  1 
ATOM   685  C CG  . ASP A 1 104 ? -1.294  -7.127  10.049  1.00 27.64 ? 104 ASP A CG  1 
ATOM   686  O OD1 . ASP A 1 104 ? -1.753  -8.119  10.650  1.00 29.98 ? 104 ASP A OD1 1 
ATOM   687  O OD2 . ASP A 1 104 ? -1.252  -5.978  10.548  1.00 24.42 ? 104 ASP A OD2 1 
ATOM   688  N N   . GLY A 1 105 ? 2.012   -8.026  6.792   1.00 24.90 ? 105 GLY A N   1 
ATOM   689  C CA  . GLY A 1 105 ? 2.463   -8.328  5.451   1.00 26.00 ? 105 GLY A CA  1 
ATOM   690  C C   . GLY A 1 105 ? 3.672   -7.529  5.027   1.00 25.08 ? 105 GLY A C   1 
ATOM   691  O O   . GLY A 1 105 ? 4.220   -6.737  5.801   1.00 24.62 ? 105 GLY A O   1 
ATOM   692  N N   . ILE A 1 106 ? 4.074   -7.729  3.780   1.00 24.25 ? 106 ILE A N   1 
ATOM   693  C CA  . ILE A 1 106 ? 5.229   -7.046  3.232   1.00 25.01 ? 106 ILE A CA  1 
ATOM   694  C C   . ILE A 1 106 ? 5.014   -6.720  1.758   1.00 24.81 ? 106 ILE A C   1 
ATOM   695  O O   . ILE A 1 106 ? 4.261   -7.403  1.053   1.00 24.61 ? 106 ILE A O   1 
ATOM   696  C CB  . ILE A 1 106 ? 6.509   -7.921  3.375   1.00 26.08 ? 106 ILE A CB  1 
ATOM   697  C CG1 . ILE A 1 106 ? 7.718   -7.171  2.809   1.00 28.86 ? 106 ILE A CG1 1 
ATOM   698  C CG2 . ILE A 1 106 ? 6.320   -9.243  2.658   1.00 28.04 ? 106 ILE A CG2 1 
ATOM   699  C CD1 . ILE A 1 106 ? 8.983   -7.961  2.803   1.00 30.90 ? 106 ILE A CD1 1 
ATOM   700  N N   . HIS A 1 107 ? 5.669   -5.658  1.309   1.00 24.68 ? 107 HIS A N   1 
ATOM   701  C CA  . HIS A 1 107 ? 5.598   -5.233  -0.083  1.00 25.05 ? 107 HIS A CA  1 
ATOM   702  C C   . HIS A 1 107 ? 7.035   -5.204  -0.612  1.00 26.24 ? 107 HIS A C   1 
ATOM   703  O O   . HIS A 1 107 ? 7.947   -4.727  0.067   1.00 24.21 ? 107 HIS A O   1 
ATOM   704  C CB  . HIS A 1 107 ? 4.989   -3.837  -0.199  1.00 26.42 ? 107 HIS A CB  1 
ATOM   705  C CG  . HIS A 1 107 ? 4.775   -3.398  -1.613  1.00 26.12 ? 107 HIS A CG  1 
ATOM   706  N ND1 . HIS A 1 107 ? 3.625   -3.684  -2.315  1.00 28.27 ? 107 HIS A ND1 1 
ATOM   707  C CD2 . HIS A 1 107 ? 5.603   -2.772  -2.485  1.00 28.49 ? 107 HIS A CD2 1 
ATOM   708  C CE1 . HIS A 1 107 ? 3.754   -3.262  -3.561  1.00 30.38 ? 107 HIS A CE1 1 
ATOM   709  N NE2 . HIS A 1 107 ? 4.947   -2.706  -3.691  1.00 30.31 ? 107 HIS A NE2 1 
ATOM   710  N N   . ILE A 1 108 ? 7.231   -5.722  -1.819  1.00 26.92 ? 108 ILE A N   1 
ATOM   711  C CA  . ILE A 1 108 ? 8.556   -5.764  -2.422  1.00 26.64 ? 108 ILE A CA  1 
ATOM   712  C C   . ILE A 1 108 ? 8.551   -5.285  -3.873  1.00 27.81 ? 108 ILE A C   1 
ATOM   713  O O   . ILE A 1 108 ? 7.513   -5.289  -4.541  1.00 26.99 ? 108 ILE A O   1 
ATOM   714  C CB  . ILE A 1 108 ? 9.141   -7.202  -2.373  1.00 25.66 ? 108 ILE A CB  1 
ATOM   715  C CG1 . ILE A 1 108 ? 8.255   -8.164  -3.175  1.00 26.51 ? 108 ILE A CG1 1 
ATOM   716  C CG2 . ILE A 1 108 ? 9.245   -7.669  -0.927  1.00 26.86 ? 108 ILE A CG2 1 
ATOM   717  C CD1 . ILE A 1 108 ? 8.737   -9.619  -3.169  1.00 21.04 ? 108 ILE A CD1 1 
ATOM   718  N N   . GLY A 1 109 ? 9.723   -4.864  -4.345  1.00 28.55 ? 109 GLY A N   1 
ATOM   719  C CA  . GLY A 1 109 ? 9.876   -4.406  -5.716  1.00 30.81 ? 109 GLY A CA  1 
ATOM   720  C C   . GLY A 1 109 ? 10.560  -5.473  -6.555  1.00 32.58 ? 109 GLY A C   1 
ATOM   721  O O   . GLY A 1 109 ? 10.993  -6.500  -6.027  1.00 33.11 ? 109 GLY A O   1 
ATOM   722  N N   . GLN A 1 110 ? 10.677  -5.227  -7.857  1.00 34.29 ? 110 GLN A N   1 
ATOM   723  C CA  . GLN A 1 110 ? 11.289  -6.182  -8.780  1.00 37.54 ? 110 GLN A CA  1 
ATOM   724  C C   . GLN A 1 110 ? 12.789  -6.397  -8.588  1.00 40.21 ? 110 GLN A C   1 
ATOM   725  O O   . GLN A 1 110 ? 13.280  -7.532  -8.639  1.00 38.08 ? 110 GLN A O   1 
ATOM   726  C CB  . GLN A 1 110 ? 11.047  -5.737  -10.229 1.00 36.52 ? 110 GLN A CB  1 
ATOM   727  C CG  . GLN A 1 110 ? 9.604   -5.813  -10.702 1.00 35.33 ? 110 GLN A CG  1 
ATOM   728  C CD  . GLN A 1 110 ? 9.080   -7.238  -10.754 1.00 36.69 ? 110 GLN A CD  1 
ATOM   729  O OE1 . GLN A 1 110 ? 9.776   -8.152  -11.210 1.00 34.51 ? 110 GLN A OE1 1 
ATOM   730  N NE2 . GLN A 1 110 ? 7.844   -7.437  -10.297 1.00 32.76 ? 110 GLN A NE2 1 
ATOM   731  N N   . GLU A 1 111 ? 13.505  -5.301  -8.361  1.00 43.36 ? 111 GLU A N   1 
ATOM   732  C CA  . GLU A 1 111 ? 14.955  -5.320  -8.213  1.00 48.64 ? 111 GLU A CA  1 
ATOM   733  C C   . GLU A 1 111 ? 15.602  -6.195  -7.139  1.00 50.14 ? 111 GLU A C   1 
ATOM   734  O O   . GLU A 1 111 ? 16.183  -7.236  -7.457  1.00 52.51 ? 111 GLU A O   1 
ATOM   735  C CB  . GLU A 1 111 ? 15.471  -3.880  -8.071  1.00 51.28 ? 111 GLU A CB  1 
ATOM   736  C CG  . GLU A 1 111 ? 14.864  -3.115  -6.911  1.00 54.53 ? 111 GLU A CG  1 
ATOM   737  C CD  . GLU A 1 111 ? 15.340  -1.681  -6.847  1.00 57.24 ? 111 GLU A CD  1 
ATOM   738  O OE1 . GLU A 1 111 ? 16.570  -1.461  -6.892  1.00 59.44 ? 111 GLU A OE1 1 
ATOM   739  O OE2 . GLU A 1 111 ? 14.485  -0.773  -6.746  1.00 59.69 ? 111 GLU A OE2 1 
ATOM   740  N N   . ASP A 1 112 ? 15.525  -5.786  -5.877  1.00 50.50 ? 112 ASP A N   1 
ATOM   741  C CA  . ASP A 1 112 ? 16.176  -6.555  -4.820  1.00 51.35 ? 112 ASP A CA  1 
ATOM   742  C C   . ASP A 1 112 ? 15.326  -7.541  -4.022  1.00 49.24 ? 112 ASP A C   1 
ATOM   743  O O   . ASP A 1 112 ? 15.238  -7.447  -2.797  1.00 49.09 ? 112 ASP A O   1 
ATOM   744  C CB  . ASP A 1 112 ? 16.922  -5.607  -3.860  1.00 55.82 ? 112 ASP A CB  1 
ATOM   745  C CG  . ASP A 1 112 ? 16.059  -4.449  -3.369  1.00 59.90 ? 112 ASP A CG  1 
ATOM   746  O OD1 . ASP A 1 112 ? 15.615  -3.632  -4.203  1.00 61.74 ? 112 ASP A OD1 1 
ATOM   747  O OD2 . ASP A 1 112 ? 15.833  -4.351  -2.142  1.00 62.22 ? 112 ASP A OD2 1 
ATOM   748  N N   . ALA A 1 113 ? 14.719  -8.499  -4.718  1.00 45.12 ? 113 ALA A N   1 
ATOM   749  C CA  . ALA A 1 113 ? 13.906  -9.510  -4.062  1.00 42.97 ? 113 ALA A CA  1 
ATOM   750  C C   . ALA A 1 113 ? 13.393  -10.580 -5.020  1.00 41.61 ? 113 ALA A C   1 
ATOM   751  O O   . ALA A 1 113 ? 13.064  -10.302 -6.174  1.00 42.41 ? 113 ALA A O   1 
ATOM   752  C CB  . ALA A 1 113 ? 12.736  -8.854  -3.348  1.00 43.38 ? 113 ALA A CB  1 
ATOM   753  N N   . ASN A 1 114 ? 13.352  -11.815 -4.532  1.00 39.62 ? 114 ASN A N   1 
ATOM   754  C CA  . ASN A 1 114 ? 12.842  -12.935 -5.310  1.00 38.06 ? 114 ASN A CA  1 
ATOM   755  C C   . ASN A 1 114 ? 11.491  -13.248 -4.673  1.00 36.73 ? 114 ASN A C   1 
ATOM   756  O O   . ASN A 1 114 ? 11.418  -13.876 -3.618  1.00 35.54 ? 114 ASN A O   1 
ATOM   757  C CB  . ASN A 1 114 ? 13.787  -14.139 -5.213  1.00 37.86 ? 114 ASN A CB  1 
ATOM   758  C CG  . ASN A 1 114 ? 13.331  -15.312 -6.070  1.00 38.84 ? 114 ASN A CG  1 
ATOM   759  O OD1 . ASN A 1 114 ? 14.149  -16.087 -6.564  1.00 40.72 ? 114 ASN A OD1 1 
ATOM   760  N ND2 . ASN A 1 114 ? 12.021  -15.454 -6.240  1.00 37.35 ? 114 ASN A ND2 1 
ATOM   761  N N   . ALA A 1 115 ? 10.429  -12.773 -5.318  1.00 36.64 ? 115 ALA A N   1 
ATOM   762  C CA  . ALA A 1 115 ? 9.061   -12.944 -4.832  1.00 35.93 ? 115 ALA A CA  1 
ATOM   763  C C   . ALA A 1 115 ? 8.714   -14.346 -4.350  1.00 35.94 ? 115 ALA A C   1 
ATOM   764  O O   . ALA A 1 115 ? 8.055   -14.507 -3.325  1.00 35.70 ? 115 ALA A O   1 
ATOM   765  C CB  . ALA A 1 115 ? 8.076   -12.513 -5.914  1.00 36.75 ? 115 ALA A CB  1 
ATOM   766  N N   . LYS A 1 116 ? 9.156   -15.358 -5.088  1.00 35.40 ? 116 LYS A N   1 
ATOM   767  C CA  . LYS A 1 116 ? 8.864   -16.736 -4.730  1.00 37.26 ? 116 LYS A CA  1 
ATOM   768  C C   . LYS A 1 116 ? 9.529   -17.117 -3.407  1.00 36.86 ? 116 LYS A C   1 
ATOM   769  O O   . LYS A 1 116 ? 8.935   -17.805 -2.578  1.00 35.94 ? 116 LYS A O   1 
ATOM   770  C CB  . LYS A 1 116 ? 9.316   -17.672 -5.854  1.00 40.00 ? 116 LYS A CB  1 
ATOM   771  C CG  . LYS A 1 116 ? 8.714   -19.053 -5.765  1.00 44.59 ? 116 LYS A CG  1 
ATOM   772  C CD  . LYS A 1 116 ? 9.099   -19.927 -6.949  1.00 47.79 ? 116 LYS A CD  1 
ATOM   773  C CE  . LYS A 1 116 ? 8.622   -21.356 -6.728  1.00 48.30 ? 116 LYS A CE  1 
ATOM   774  N NZ  . LYS A 1 116 ? 9.021   -22.265 -7.834  1.00 52.37 ? 116 LYS A NZ  1 
ATOM   775  N N   . GLU A 1 117 ? 10.758  -16.658 -3.201  1.00 35.72 ? 117 GLU A N   1 
ATOM   776  C CA  . GLU A 1 117 ? 11.466  -16.955 -1.960  1.00 35.13 ? 117 GLU A CA  1 
ATOM   777  C C   . GLU A 1 117 ? 10.881  -16.156 -0.800  1.00 32.63 ? 117 GLU A C   1 
ATOM   778  O O   . GLU A 1 117 ? 10.860  -16.623 0.337   1.00 33.28 ? 117 GLU A O   1 
ATOM   779  C CB  . GLU A 1 117 ? 12.956  -16.643 -2.114  1.00 35.98 ? 117 GLU A CB  1 
ATOM   780  C CG  . GLU A 1 117 ? 13.600  -17.382 -3.272  1.00 40.00 ? 117 GLU A CG  1 
ATOM   781  C CD  . GLU A 1 117 ? 15.096  -17.168 -3.347  1.00 43.02 ? 117 GLU A CD  1 
ATOM   782  O OE1 . GLU A 1 117 ? 15.538  -16.008 -3.223  1.00 43.99 ? 117 GLU A OE1 1 
ATOM   783  O OE2 . GLU A 1 117 ? 15.830  -18.161 -3.541  1.00 44.97 ? 117 GLU A OE2 1 
ATOM   784  N N   . VAL A 1 118 ? 10.403  -14.949 -1.082  1.00 31.38 ? 118 VAL A N   1 
ATOM   785  C CA  . VAL A 1 118 ? 9.815   -14.130 -0.032  1.00 28.52 ? 118 VAL A CA  1 
ATOM   786  C C   . VAL A 1 118 ? 8.521   -14.801 0.426   1.00 29.88 ? 118 VAL A C   1 
ATOM   787  O O   . VAL A 1 118 ? 8.272   -14.949 1.628   1.00 26.87 ? 118 VAL A O   1 
ATOM   788  C CB  . VAL A 1 118 ? 9.504   -12.705 -0.533  1.00 28.94 ? 118 VAL A CB  1 
ATOM   789  C CG1 . VAL A 1 118 ? 8.767   -11.931 0.539   1.00 27.25 ? 118 VAL A CG1 1 
ATOM   790  C CG2 . VAL A 1 118 ? 10.800  -11.985 -0.909  1.00 28.72 ? 118 VAL A CG2 1 
ATOM   791  N N   . ARG A 1 119 ? 7.702   -15.212 -0.540  1.00 27.80 ? 119 ARG A N   1 
ATOM   792  C CA  . ARG A 1 119 ? 6.441   -15.874 -0.225  1.00 30.46 ? 119 ARG A CA  1 
ATOM   793  C C   . ARG A 1 119 ? 6.657   -17.067 0.703   1.00 31.49 ? 119 ARG A C   1 
ATOM   794  O O   . ARG A 1 119 ? 5.882   -17.286 1.636   1.00 32.90 ? 119 ARG A O   1 
ATOM   795  C CB  . ARG A 1 119 ? 5.738   -16.344 -1.507  1.00 31.09 ? 119 ARG A CB  1 
ATOM   796  C CG  . ARG A 1 119 ? 4.669   -17.415 -1.269  1.00 31.60 ? 119 ARG A CG  1 
ATOM   797  C CD  . ARG A 1 119 ? 3.745   -17.043 -0.109  1.00 33.84 ? 119 ARG A CD  1 
ATOM   798  N NE  . ARG A 1 119 ? 2.796   -16.007 -0.479  1.00 31.41 ? 119 ARG A NE  1 
ATOM   799  C CZ  . ARG A 1 119 ? 2.147   -15.234 0.381   1.00 26.64 ? 119 ARG A CZ  1 
ATOM   800  N NH1 . ARG A 1 119 ? 2.337   -15.362 1.688   1.00 27.44 ? 119 ARG A NH1 1 
ATOM   801  N NH2 . ARG A 1 119 ? 1.292   -14.337 -0.078  1.00 25.84 ? 119 ARG A NH2 1 
ATOM   802  N N   . ALA A 1 120 ? 7.711   -17.834 0.446   1.00 31.22 ? 120 ALA A N   1 
ATOM   803  C CA  . ALA A 1 120 ? 8.014   -19.003 1.252   1.00 32.96 ? 120 ALA A CA  1 
ATOM   804  C C   . ALA A 1 120 ? 8.496   -18.654 2.659   1.00 33.66 ? 120 ALA A C   1 
ATOM   805  O O   . ALA A 1 120 ? 8.281   -19.419 3.596   1.00 35.77 ? 120 ALA A O   1 
ATOM   806  C CB  . ALA A 1 120 ? 9.059   -19.859 0.546   1.00 33.86 ? 120 ALA A CB  1 
ATOM   807  N N   . ALA A 1 121 ? 9.134   -17.499 2.805   1.00 31.56 ? 121 ALA A N   1 
ATOM   808  C CA  . ALA A 1 121 ? 9.672   -17.071 4.094   1.00 32.04 ? 121 ALA A CA  1 
ATOM   809  C C   . ALA A 1 121 ? 8.689   -16.370 5.036   1.00 31.96 ? 121 ALA A C   1 
ATOM   810  O O   . ALA A 1 121 ? 8.919   -16.310 6.244   1.00 32.03 ? 121 ALA A O   1 
ATOM   811  C CB  . ALA A 1 121 ? 10.885  -16.162 3.859   1.00 31.40 ? 121 ALA A CB  1 
ATOM   812  N N   . ILE A 1 122 ? 7.594   -15.851 4.493   1.00 32.40 ? 122 ILE A N   1 
ATOM   813  C CA  . ILE A 1 122 ? 6.630   -15.117 5.308   1.00 31.72 ? 122 ILE A CA  1 
ATOM   814  C C   . ILE A 1 122 ? 5.364   -15.873 5.696   1.00 31.63 ? 122 ILE A C   1 
ATOM   815  O O   . ILE A 1 122 ? 4.442   -15.285 6.265   1.00 31.38 ? 122 ILE A O   1 
ATOM   816  C CB  . ILE A 1 122 ? 6.208   -13.813 4.596   1.00 30.67 ? 122 ILE A CB  1 
ATOM   817  C CG1 . ILE A 1 122 ? 5.463   -14.147 3.301   1.00 30.16 ? 122 ILE A CG1 1 
ATOM   818  C CG2 . ILE A 1 122 ? 7.439   -12.972 4.289   1.00 30.78 ? 122 ILE A CG2 1 
ATOM   819  C CD1 . ILE A 1 122 ? 5.017   -12.930 2.518   1.00 31.09 ? 122 ILE A CD1 1 
ATOM   820  N N   . GLY A 1 123 ? 5.312   -17.166 5.401   1.00 31.54 ? 123 GLY A N   1 
ATOM   821  C CA  . GLY A 1 123 ? 4.121   -17.923 5.740   1.00 31.71 ? 123 GLY A CA  1 
ATOM   822  C C   . GLY A 1 123 ? 2.927   -17.369 4.982   1.00 32.97 ? 123 GLY A C   1 
ATOM   823  O O   . GLY A 1 123 ? 3.020   -17.134 3.775   1.00 35.05 ? 123 GLY A O   1 
ATOM   824  N N   . ASP A 1 124 ? 1.817   -17.134 5.679   1.00 30.75 ? 124 ASP A N   1 
ATOM   825  C CA  . ASP A 1 124 ? 0.610   -16.621 5.032   1.00 32.61 ? 124 ASP A CA  1 
ATOM   826  C C   . ASP A 1 124 ? 0.406   -15.108 5.145   1.00 30.83 ? 124 ASP A C   1 
ATOM   827  O O   . ASP A 1 124 ? -0.715  -14.611 4.998   1.00 30.30 ? 124 ASP A O   1 
ATOM   828  C CB  . ASP A 1 124 ? -0.625  -17.345 5.582   1.00 37.45 ? 124 ASP A CB  1 
ATOM   829  C CG  . ASP A 1 124 ? -0.550  -18.855 5.394   1.00 39.80 ? 124 ASP A CG  1 
ATOM   830  O OD1 . ASP A 1 124 ? -0.319  -19.308 4.252   1.00 41.75 ? 124 ASP A OD1 1 
ATOM   831  O OD2 . ASP A 1 124 ? -0.723  -19.589 6.389   1.00 43.40 ? 124 ASP A OD2 1 
ATOM   832  N N   . MET A 1 125 ? 1.480   -14.373 5.413   1.00 27.22 ? 125 MET A N   1 
ATOM   833  C CA  . MET A 1 125 ? 1.388   -12.921 5.502   1.00 28.41 ? 125 MET A CA  1 
ATOM   834  C C   . MET A 1 125 ? 0.990   -12.364 4.136   1.00 27.11 ? 125 MET A C   1 
ATOM   835  O O   . MET A 1 125 ? 1.172   -13.027 3.113   1.00 24.38 ? 125 MET A O   1 
ATOM   836  C CB  . MET A 1 125 ? 2.736   -12.323 5.906   1.00 28.79 ? 125 MET A CB  1 
ATOM   837  C CG  . MET A 1 125 ? 3.026   -12.364 7.398   1.00 33.88 ? 125 MET A CG  1 
ATOM   838  S SD  . MET A 1 125 ? 4.729   -11.839 7.769   1.00 39.14 ? 125 MET A SD  1 
ATOM   839  C CE  . MET A 1 125 ? 4.912   -10.481 6.624   1.00 29.20 ? 125 MET A CE  1 
ATOM   840  N N   . ILE A 1 126 ? 0.448   -11.150 4.126   1.00 25.51 ? 126 ILE A N   1 
ATOM   841  C CA  . ILE A 1 126 ? 0.055   -10.504 2.874   1.00 24.49 ? 126 ILE A CA  1 
ATOM   842  C C   . ILE A 1 126 ? 1.328   -10.146 2.097   1.00 25.35 ? 126 ILE A C   1 
ATOM   843  O O   . ILE A 1 126 ? 2.277   -9.594  2.659   1.00 24.25 ? 126 ILE A O   1 
ATOM   844  C CB  . ILE A 1 126 ? -0.750  -9.197  3.144   1.00 25.34 ? 126 ILE A CB  1 
ATOM   845  C CG1 . ILE A 1 126 ? -2.061  -9.526  3.869   1.00 25.42 ? 126 ILE A CG1 1 
ATOM   846  C CG2 . ILE A 1 126 ? -1.028  -8.467  1.835   1.00 25.06 ? 126 ILE A CG2 1 
ATOM   847  C CD1 . ILE A 1 126 ? -2.765  -8.311  4.459   1.00 26.17 ? 126 ILE A CD1 1 
ATOM   848  N N   . LEU A 1 127 ? 1.357   -10.470 0.810   1.00 24.60 ? 127 LEU A N   1 
ATOM   849  C CA  . LEU A 1 127 ? 2.524   -10.153 -0.006  1.00 24.54 ? 127 LEU A CA  1 
ATOM   850  C C   . LEU A 1 127 ? 2.127   -9.249  -1.160  1.00 24.95 ? 127 LEU A C   1 
ATOM   851  O O   . LEU A 1 127 ? 1.247   -9.590  -1.962  1.00 23.38 ? 127 LEU A O   1 
ATOM   852  C CB  . LEU A 1 127 ? 3.176   -11.431 -0.564  1.00 24.75 ? 127 LEU A CB  1 
ATOM   853  C CG  . LEU A 1 127 ? 4.314   -11.250 -1.589  1.00 23.90 ? 127 LEU A CG  1 
ATOM   854  C CD1 . LEU A 1 127 ? 5.470   -10.463 -0.964  1.00 22.28 ? 127 LEU A CD1 1 
ATOM   855  C CD2 . LEU A 1 127 ? 4.814   -12.611 -2.052  1.00 20.14 ? 127 LEU A CD2 1 
ATOM   856  N N   . GLY A 1 128 ? 2.770   -8.088  -1.224  1.00 23.28 ? 128 GLY A N   1 
ATOM   857  C CA  . GLY A 1 128 ? 2.517   -7.156  -2.299  1.00 23.47 ? 128 GLY A CA  1 
ATOM   858  C C   . GLY A 1 128 ? 3.748   -7.080  -3.192  1.00 24.09 ? 128 GLY A C   1 
ATOM   859  O O   . GLY A 1 128 ? 4.877   -7.230  -2.718  1.00 23.11 ? 128 GLY A O   1 
ATOM   860  N N   . VAL A 1 129 ? 3.538   -6.861  -4.485  1.00 23.35 ? 129 VAL A N   1 
ATOM   861  C CA  . VAL A 1 129 ? 4.650   -6.754  -5.426  1.00 24.92 ? 129 VAL A CA  1 
ATOM   862  C C   . VAL A 1 129 ? 4.401   -5.618  -6.418  1.00 26.50 ? 129 VAL A C   1 
ATOM   863  O O   . VAL A 1 129 ? 3.315   -5.507  -6.993  1.00 25.41 ? 129 VAL A O   1 
ATOM   864  C CB  . VAL A 1 129 ? 4.853   -8.080  -6.222  1.00 25.24 ? 129 VAL A CB  1 
ATOM   865  C CG1 . VAL A 1 129 ? 5.910   -7.896  -7.304  1.00 21.80 ? 129 VAL A CG1 1 
ATOM   866  C CG2 . VAL A 1 129 ? 5.275   -9.197  -5.279  1.00 25.23 ? 129 VAL A CG2 1 
ATOM   867  N N   . SER A 1 130 ? 5.404   -4.766  -6.608  1.00 27.07 ? 130 SER A N   1 
ATOM   868  C CA  . SER A 1 130 ? 5.285   -3.669  -7.562  1.00 30.09 ? 130 SER A CA  1 
ATOM   869  C C   . SER A 1 130 ? 5.486   -4.260  -8.953  1.00 32.36 ? 130 SER A C   1 
ATOM   870  O O   . SER A 1 130 ? 6.482   -4.931  -9.210  1.00 34.98 ? 130 SER A O   1 
ATOM   871  C CB  . SER A 1 130 ? 6.354   -2.601  -7.313  1.00 26.79 ? 130 SER A CB  1 
ATOM   872  O OG  . SER A 1 130 ? 6.260   -2.065  -6.007  1.00 29.93 ? 130 SER A OG  1 
ATOM   873  N N   . ALA A 1 131 ? 4.532   -4.022  -9.842  1.00 36.03 ? 131 ALA A N   1 
ATOM   874  C CA  . ALA A 1 131 ? 4.625   -4.530  -11.206 1.00 39.10 ? 131 ALA A CA  1 
ATOM   875  C C   . ALA A 1 131 ? 4.503   -3.345  -12.150 1.00 40.74 ? 131 ALA A C   1 
ATOM   876  O O   . ALA A 1 131 ? 3.785   -2.382  -11.867 1.00 39.53 ? 131 ALA A O   1 
ATOM   877  C CB  . ALA A 1 131 ? 3.513   -5.545  -11.479 1.00 39.02 ? 131 ALA A CB  1 
ATOM   878  N N   . HIS A 1 132 ? 5.204   -3.419  -13.274 1.00 42.55 ? 132 HIS A N   1 
ATOM   879  C CA  . HIS A 1 132 ? 5.180   -2.331  -14.237 1.00 45.51 ? 132 HIS A CA  1 
ATOM   880  C C   . HIS A 1 132 ? 4.795   -2.803  -15.632 1.00 45.65 ? 132 HIS A C   1 
ATOM   881  O O   . HIS A 1 132 ? 4.414   -1.996  -16.479 1.00 46.12 ? 132 HIS A O   1 
ATOM   882  C CB  . HIS A 1 132 ? 6.550   -1.661  -14.242 1.00 46.25 ? 132 HIS A CB  1 
ATOM   883  C CG  . HIS A 1 132 ? 7.085   -1.419  -12.866 1.00 48.61 ? 132 HIS A CG  1 
ATOM   884  N ND1 . HIS A 1 132 ? 6.576   -0.447  -12.030 1.00 49.84 ? 132 HIS A ND1 1 
ATOM   885  C CD2 . HIS A 1 132 ? 8.024   -2.077  -12.148 1.00 49.40 ? 132 HIS A CD2 1 
ATOM   886  C CE1 . HIS A 1 132 ? 7.176   -0.520  -10.856 1.00 50.15 ? 132 HIS A CE1 1 
ATOM   887  N NE2 . HIS A 1 132 ? 8.058   -1.502  -10.900 1.00 50.83 ? 132 HIS A NE2 1 
ATOM   888  N N   . THR A 1 133 ? 4.887   -4.110  -15.864 1.00 45.57 ? 133 THR A N   1 
ATOM   889  C CA  . THR A 1 133 ? 4.527   -4.678  -17.159 1.00 46.06 ? 133 THR A CA  1 
ATOM   890  C C   . THR A 1 133 ? 3.497   -5.797  -17.006 1.00 46.07 ? 133 THR A C   1 
ATOM   891  O O   . THR A 1 133 ? 3.377   -6.409  -15.940 1.00 43.51 ? 133 THR A O   1 
ATOM   892  C CB  . THR A 1 133 ? 5.756   -5.259  -17.896 1.00 46.66 ? 133 THR A CB  1 
ATOM   893  O OG1 . THR A 1 133 ? 6.296   -6.346  -17.140 1.00 48.50 ? 133 THR A OG1 1 
ATOM   894  C CG2 . THR A 1 133 ? 6.833   -4.195  -18.076 1.00 48.21 ? 133 THR A CG2 1 
ATOM   895  N N   . MET A 1 134 ? 2.759   -6.046  -18.085 1.00 45.14 ? 134 MET A N   1 
ATOM   896  C CA  . MET A 1 134 ? 1.746   -7.090  -18.123 1.00 44.15 ? 134 MET A CA  1 
ATOM   897  C C   . MET A 1 134 ? 2.339   -8.397  -17.617 1.00 43.32 ? 134 MET A C   1 
ATOM   898  O O   . MET A 1 134 ? 1.775   -9.048  -16.741 1.00 43.06 ? 134 MET A O   1 
ATOM   899  C CB  . MET A 1 134 ? 1.254   -7.278  -19.559 1.00 45.76 ? 134 MET A CB  1 
ATOM   900  C CG  . MET A 1 134 ? 0.318   -8.456  -19.761 1.00 48.54 ? 134 MET A CG  1 
ATOM   901  S SD  . MET A 1 134 ? -1.228  -8.249  -18.871 1.00 53.69 ? 134 MET A SD  1 
ATOM   902  C CE  . MET A 1 134 ? -2.036  -7.013  -19.885 1.00 52.37 ? 134 MET A CE  1 
ATOM   903  N N   . SER A 1 135 ? 3.489   -8.769  -18.170 1.00 42.11 ? 135 SER A N   1 
ATOM   904  C CA  . SER A 1 135 ? 4.157   -10.002 -17.786 1.00 41.68 ? 135 SER A CA  1 
ATOM   905  C C   . SER A 1 135 ? 4.602   -10.015 -16.327 1.00 39.67 ? 135 SER A C   1 
ATOM   906  O O   . SER A 1 135 ? 4.665   -11.077 -15.716 1.00 40.62 ? 135 SER A O   1 
ATOM   907  C CB  . SER A 1 135 ? 5.351   -10.259 -18.710 1.00 42.84 ? 135 SER A CB  1 
ATOM   908  O OG  . SER A 1 135 ? 6.181   -9.115  -18.797 1.00 49.26 ? 135 SER A OG  1 
ATOM   909  N N   . GLU A 1 136 ? 4.912   -8.851  -15.765 1.00 38.65 ? 136 GLU A N   1 
ATOM   910  C CA  . GLU A 1 136 ? 5.330   -8.794  -14.361 1.00 37.46 ? 136 GLU A CA  1 
ATOM   911  C C   . GLU A 1 136 ? 4.128   -9.064  -13.458 1.00 35.49 ? 136 GLU A C   1 
ATOM   912  O O   . GLU A 1 136 ? 4.259   -9.656  -12.389 1.00 34.33 ? 136 GLU A O   1 
ATOM   913  C CB  . GLU A 1 136 ? 5.945   -7.429  -14.017 1.00 36.66 ? 136 GLU A CB  1 
ATOM   914  C CG  . GLU A 1 136 ? 7.265   -7.158  -14.711 1.00 39.41 ? 136 GLU A CG  1 
ATOM   915  C CD  . GLU A 1 136 ? 7.985   -5.930  -14.179 1.00 41.86 ? 136 GLU A CD  1 
ATOM   916  O OE1 . GLU A 1 136 ? 7.332   -4.880  -14.004 1.00 42.85 ? 136 GLU A OE1 1 
ATOM   917  O OE2 . GLU A 1 136 ? 9.214   -6.014  -13.946 1.00 45.63 ? 136 GLU A OE2 1 
ATOM   918  N N   . VAL A 1 137 ? 2.954   -8.626  -13.893 1.00 35.08 ? 137 VAL A N   1 
ATOM   919  C CA  . VAL A 1 137 ? 1.743   -8.851  -13.116 1.00 34.86 ? 137 VAL A CA  1 
ATOM   920  C C   . VAL A 1 137 ? 1.511   -10.354 -13.005 1.00 35.38 ? 137 VAL A C   1 
ATOM   921  O O   . VAL A 1 137 ? 1.309   -10.887 -11.914 1.00 34.66 ? 137 VAL A O   1 
ATOM   922  C CB  . VAL A 1 137 ? 0.520   -8.219  -13.789 1.00 34.47 ? 137 VAL A CB  1 
ATOM   923  C CG1 . VAL A 1 137 ? -0.719  -8.446  -12.929 1.00 33.10 ? 137 VAL A CG1 1 
ATOM   924  C CG2 . VAL A 1 137 ? 0.765   -6.736  -14.008 1.00 33.59 ? 137 VAL A CG2 1 
ATOM   925  N N   . LYS A 1 138 ? 1.555   -11.027 -14.151 1.00 34.84 ? 138 LYS A N   1 
ATOM   926  C CA  . LYS A 1 138 ? 1.357   -12.467 -14.223 1.00 36.11 ? 138 LYS A CA  1 
ATOM   927  C C   . LYS A 1 138 ? 2.389   -13.244 -13.409 1.00 34.70 ? 138 LYS A C   1 
ATOM   928  O O   . LYS A 1 138 ? 2.055   -14.226 -12.744 1.00 34.04 ? 138 LYS A O   1 
ATOM   929  C CB  . LYS A 1 138 ? 1.390   -12.913 -15.687 1.00 35.94 ? 138 LYS A CB  1 
ATOM   930  C CG  . LYS A 1 138 ? 0.189   -12.429 -16.487 1.00 38.42 ? 138 LYS A CG  1 
ATOM   931  C CD  . LYS A 1 138 ? 0.462   -12.390 -17.983 1.00 41.70 ? 138 LYS A CD  1 
ATOM   932  C CE  . LYS A 1 138 ? 0.978   -13.717 -18.506 1.00 41.96 ? 138 LYS A CE  1 
ATOM   933  N NZ  . LYS A 1 138 ? 1.263   -13.644 -19.962 1.00 42.57 ? 138 LYS A NZ  1 
ATOM   934  N N   . GLN A 1 139 ? 3.642   -12.805 -13.450 1.00 33.96 ? 139 GLN A N   1 
ATOM   935  C CA  . GLN A 1 139 ? 4.685   -13.492 -12.704 1.00 31.49 ? 139 GLN A CA  1 
ATOM   936  C C   . GLN A 1 139 ? 4.497   -13.287 -11.197 1.00 29.98 ? 139 GLN A C   1 
ATOM   937  O O   . GLN A 1 139 ? 4.769   -14.184 -10.405 1.00 29.57 ? 139 GLN A O   1 
ATOM   938  C CB  . GLN A 1 139 ? 6.068   -12.985 -13.125 1.00 32.37 ? 139 GLN A CB  1 
ATOM   939  C CG  . GLN A 1 139 ? 7.220   -13.768 -12.505 1.00 33.49 ? 139 GLN A CG  1 
ATOM   940  C CD  . GLN A 1 139 ? 7.254   -15.218 -12.971 1.00 35.89 ? 139 GLN A CD  1 
ATOM   941  O OE1 . GLN A 1 139 ? 7.241   -15.490 -14.168 1.00 39.14 ? 139 GLN A OE1 1 
ATOM   942  N NE2 . GLN A 1 139 ? 7.298   -16.149 -12.026 1.00 35.74 ? 139 GLN A NE2 1 
ATOM   943  N N   . ALA A 1 140 ? 4.041   -12.101 -10.808 1.00 27.97 ? 140 ALA A N   1 
ATOM   944  C CA  . ALA A 1 140 ? 3.819   -11.806 -9.396  1.00 28.93 ? 140 ALA A CA  1 
ATOM   945  C C   . ALA A 1 140 ? 2.728   -12.731 -8.834  1.00 29.23 ? 140 ALA A C   1 
ATOM   946  O O   . ALA A 1 140 ? 2.885   -13.312 -7.763  1.00 24.43 ? 140 ALA A O   1 
ATOM   947  C CB  . ALA A 1 140 ? 3.424   -10.343 -9.222  1.00 26.42 ? 140 ALA A CB  1 
ATOM   948  N N   . GLU A 1 141 ? 1.625   -12.871 -9.560  1.00 29.81 ? 141 GLU A N   1 
ATOM   949  C CA  . GLU A 1 141 ? 0.561   -13.754 -9.106  1.00 31.80 ? 141 GLU A CA  1 
ATOM   950  C C   . GLU A 1 141 ? 1.093   -15.182 -9.026  1.00 32.24 ? 141 GLU A C   1 
ATOM   951  O O   . GLU A 1 141 ? 0.884   -15.877 -8.033  1.00 31.98 ? 141 GLU A O   1 
ATOM   952  C CB  . GLU A 1 141 ? -0.640  -13.687 -10.055 1.00 33.61 ? 141 GLU A CB  1 
ATOM   953  C CG  . GLU A 1 141 ? -1.658  -14.792 -9.822  1.00 33.82 ? 141 GLU A CG  1 
ATOM   954  C CD  . GLU A 1 141 ? -3.071  -14.397 -10.200 1.00 34.09 ? 141 GLU A CD  1 
ATOM   955  O OE1 . GLU A 1 141 ? -3.254  -13.638 -11.179 1.00 35.70 ? 141 GLU A OE1 1 
ATOM   956  O OE2 . GLU A 1 141 ? -4.007  -14.864 -9.523  1.00 35.47 ? 141 GLU A OE2 1 
ATOM   957  N N   . GLU A 1 142 ? 1.795   -15.607 -10.072 1.00 34.14 ? 142 GLU A N   1 
ATOM   958  C CA  . GLU A 1 142 ? 2.369   -16.946 -10.125 1.00 35.63 ? 142 GLU A CA  1 
ATOM   959  C C   . GLU A 1 142 ? 3.355   -17.163 -8.975  1.00 34.56 ? 142 GLU A C   1 
ATOM   960  O O   . GLU A 1 142 ? 3.431   -18.255 -8.417  1.00 33.77 ? 142 GLU A O   1 
ATOM   961  C CB  . GLU A 1 142 ? 3.073   -17.163 -11.471 1.00 39.85 ? 142 GLU A CB  1 
ATOM   962  C CG  . GLU A 1 142 ? 3.753   -18.514 -11.611 1.00 45.59 ? 142 GLU A CG  1 
ATOM   963  C CD  . GLU A 1 142 ? 4.382   -18.710 -12.984 1.00 51.18 ? 142 GLU A CD  1 
ATOM   964  O OE1 . GLU A 1 142 ? 3.641   -18.673 -13.990 1.00 54.40 ? 142 GLU A OE1 1 
ATOM   965  O OE2 . GLU A 1 142 ? 5.616   -18.900 -13.056 1.00 51.62 ? 142 GLU A OE2 1 
ATOM   966  N N   . ASP A 1 143 ? 4.106   -16.121 -8.624  1.00 32.87 ? 143 ASP A N   1 
ATOM   967  C CA  . ASP A 1 143 ? 5.075   -16.208 -7.530  1.00 31.99 ? 143 ASP A CA  1 
ATOM   968  C C   . ASP A 1 143 ? 4.450   -16.262 -6.129  1.00 31.91 ? 143 ASP A C   1 
ATOM   969  O O   . ASP A 1 143 ? 5.144   -16.531 -5.148  1.00 32.85 ? 143 ASP A O   1 
ATOM   970  C CB  . ASP A 1 143 ? 6.067   -15.045 -7.601  1.00 30.54 ? 143 ASP A CB  1 
ATOM   971  C CG  . ASP A 1 143 ? 7.063   -15.193 -8.742  1.00 32.92 ? 143 ASP A CG  1 
ATOM   972  O OD1 . ASP A 1 143 ? 7.266   -16.330 -9.224  1.00 31.95 ? 143 ASP A OD1 1 
ATOM   973  O OD2 . ASP A 1 143 ? 7.656   -14.177 -9.150  1.00 35.67 ? 143 ASP A OD2 1 
ATOM   974  N N   . GLY A 1 144 ? 3.149   -15.998 -6.028  1.00 31.33 ? 144 GLY A N   1 
ATOM   975  C CA  . GLY A 1 144 ? 2.488   -16.057 -4.734  1.00 29.73 ? 144 GLY A CA  1 
ATOM   976  C C   . GLY A 1 144 ? 1.977   -14.747 -4.157  1.00 29.01 ? 144 GLY A C   1 
ATOM   977  O O   . GLY A 1 144 ? 1.527   -14.705 -3.006  1.00 27.61 ? 144 GLY A O   1 
ATOM   978  N N   . ALA A 1 145 ? 2.035   -13.675 -4.941  1.00 26.32 ? 145 ALA A N   1 
ATOM   979  C CA  . ALA A 1 145 ? 1.572   -12.374 -4.465  1.00 27.01 ? 145 ALA A CA  1 
ATOM   980  C C   . ALA A 1 145 ? 0.066   -12.335 -4.215  1.00 27.28 ? 145 ALA A C   1 
ATOM   981  O O   . ALA A 1 145 ? -0.714  -12.963 -4.935  1.00 25.99 ? 145 ALA A O   1 
ATOM   982  C CB  . ALA A 1 145 ? 1.947   -11.290 -5.453  1.00 23.69 ? 145 ALA A CB  1 
ATOM   983  N N   . ASP A 1 146 ? -0.327  -11.582 -3.189  1.00 24.97 ? 146 ASP A N   1 
ATOM   984  C CA  . ASP A 1 146 ? -1.730  -11.420 -2.842  1.00 25.85 ? 146 ASP A CA  1 
ATOM   985  C C   . ASP A 1 146 ? -2.293  -10.195 -3.564  1.00 25.17 ? 146 ASP A C   1 
ATOM   986  O O   . ASP A 1 146 ? -3.496  -10.110 -3.816  1.00 23.58 ? 146 ASP A O   1 
ATOM   987  C CB  . ASP A 1 146 ? -1.886  -11.279 -1.324  1.00 24.86 ? 146 ASP A CB  1 
ATOM   988  C CG  . ASP A 1 146 ? -1.489  -12.541 -0.588  1.00 27.36 ? 146 ASP A CG  1 
ATOM   989  O OD1 . ASP A 1 146 ? -2.037  -13.614 -0.926  1.00 26.47 ? 146 ASP A OD1 1 
ATOM   990  O OD2 . ASP A 1 146 ? -0.633  -12.466 0.322   1.00 26.82 ? 146 ASP A OD2 1 
ATOM   991  N N   . TYR A 1 147 ? -1.413  -9.247  -3.887  1.00 22.85 ? 147 TYR A N   1 
ATOM   992  C CA  . TYR A 1 147 ? -1.805  -8.045  -4.617  1.00 24.49 ? 147 TYR A CA  1 
ATOM   993  C C   . TYR A 1 147 ? -0.599  -7.481  -5.365  1.00 25.39 ? 147 TYR A C   1 
ATOM   994  O O   . TYR A 1 147 ? 0.556   -7.803  -5.061  1.00 25.16 ? 147 TYR A O   1 
ATOM   995  C CB  . TYR A 1 147 ? -2.408  -6.974  -3.680  1.00 23.40 ? 147 TYR A CB  1 
ATOM   996  C CG  . TYR A 1 147 ? -1.415  -6.155  -2.875  1.00 22.77 ? 147 TYR A CG  1 
ATOM   997  C CD1 . TYR A 1 147 ? -0.789  -5.029  -3.426  1.00 22.38 ? 147 TYR A CD1 1 
ATOM   998  C CD2 . TYR A 1 147 ? -1.096  -6.508  -1.563  1.00 21.49 ? 147 TYR A CD2 1 
ATOM   999  C CE1 . TYR A 1 147 ? 0.132   -4.279  -2.688  1.00 19.03 ? 147 TYR A CE1 1 
ATOM   1000 C CE2 . TYR A 1 147 ? -0.179  -5.771  -0.818  1.00 21.05 ? 147 TYR A CE2 1 
ATOM   1001 C CZ  . TYR A 1 147 ? 0.434   -4.664  -1.383  1.00 22.29 ? 147 TYR A CZ  1 
ATOM   1002 O OH  . TYR A 1 147 ? 1.371   -3.978  -0.651  1.00 24.42 ? 147 TYR A OH  1 
ATOM   1003 N N   . VAL A 1 148 ? -0.879  -6.658  -6.361  1.00 25.29 ? 148 VAL A N   1 
ATOM   1004 C CA  . VAL A 1 148 ? 0.167   -6.044  -7.157  1.00 26.60 ? 148 VAL A CA  1 
ATOM   1005 C C   . VAL A 1 148 ? -0.021  -4.541  -7.130  1.00 26.32 ? 148 VAL A C   1 
ATOM   1006 O O   . VAL A 1 148 ? -1.148  -4.053  -7.223  1.00 26.33 ? 148 VAL A O   1 
ATOM   1007 C CB  . VAL A 1 148 ? 0.103   -6.509  -8.631  1.00 28.51 ? 148 VAL A CB  1 
ATOM   1008 C CG1 . VAL A 1 148 ? 1.004   -5.639  -9.483  1.00 32.43 ? 148 VAL A CG1 1 
ATOM   1009 C CG2 . VAL A 1 148 ? 0.518   -7.966  -8.739  1.00 28.65 ? 148 VAL A CG2 1 
ATOM   1010 N N   . GLY A 1 149 ? 1.086   -3.816  -6.989  1.00 25.29 ? 149 GLY A N   1 
ATOM   1011 C CA  . GLY A 1 149 ? 1.025   -2.365  -6.991  1.00 25.13 ? 149 GLY A CA  1 
ATOM   1012 C C   . GLY A 1 149 ? 1.445   -1.926  -8.380  1.00 26.20 ? 149 GLY A C   1 
ATOM   1013 O O   . GLY A 1 149 ? 2.577   -2.176  -8.787  1.00 25.56 ? 149 GLY A O   1 
ATOM   1014 N N   . LEU A 1 150 ? 0.530   -1.309  -9.123  1.00 28.53 ? 150 LEU A N   1 
ATOM   1015 C CA  . LEU A 1 150 ? 0.823   -0.852  -10.479 1.00 30.28 ? 150 LEU A CA  1 
ATOM   1016 C C   . LEU A 1 150 ? 0.994   0.653   -10.554 1.00 30.08 ? 150 LEU A C   1 
ATOM   1017 O O   . LEU A 1 150 ? 0.204   1.407   -9.992  1.00 30.01 ? 150 LEU A O   1 
ATOM   1018 C CB  . LEU A 1 150 ? -0.294  -1.249  -11.454 1.00 31.81 ? 150 LEU A CB  1 
ATOM   1019 C CG  . LEU A 1 150 ? -0.308  -2.620  -12.132 1.00 32.64 ? 150 LEU A CG  1 
ATOM   1020 C CD1 . LEU A 1 150 ? -1.386  -2.613  -13.210 1.00 32.44 ? 150 LEU A CD1 1 
ATOM   1021 C CD2 . LEU A 1 150 ? 1.048   -2.919  -12.765 1.00 33.82 ? 150 LEU A CD2 1 
ATOM   1022 N N   . GLY A 1 151 ? 2.023   1.080   -11.271 1.00 31.71 ? 151 GLY A N   1 
ATOM   1023 C CA  . GLY A 1 151 ? 2.276   2.497   -11.425 1.00 34.36 ? 151 GLY A CA  1 
ATOM   1024 C C   . GLY A 1 151 ? 3.626   2.762   -12.061 1.00 36.41 ? 151 GLY A C   1 
ATOM   1025 O O   . GLY A 1 151 ? 4.296   1.828   -12.508 1.00 38.07 ? 151 GLY A O   1 
ATOM   1026 N N   . PRO A 1 152 ? 4.046   4.034   -12.128 1.00 36.15 ? 152 PRO A N   1 
ATOM   1027 C CA  . PRO A 1 152 ? 3.250   5.154   -11.619 1.00 36.16 ? 152 PRO A CA  1 
ATOM   1028 C C   . PRO A 1 152 ? 2.084   5.447   -12.555 1.00 36.61 ? 152 PRO A C   1 
ATOM   1029 O O   . PRO A 1 152 ? 2.222   5.340   -13.775 1.00 37.30 ? 152 PRO A O   1 
ATOM   1030 C CB  . PRO A 1 152 ? 4.264   6.293   -11.563 1.00 37.66 ? 152 PRO A CB  1 
ATOM   1031 C CG  . PRO A 1 152 ? 5.161   5.985   -12.731 1.00 37.24 ? 152 PRO A CG  1 
ATOM   1032 C CD  . PRO A 1 152 ? 5.367   4.490   -12.595 1.00 36.67 ? 152 PRO A CD  1 
ATOM   1033 N N   . ILE A 1 153 ? 0.928   5.789   -11.994 1.00 35.45 ? 153 ILE A N   1 
ATOM   1034 C CA  . ILE A 1 153 ? -0.236  6.093   -12.821 1.00 34.36 ? 153 ILE A CA  1 
ATOM   1035 C C   . ILE A 1 153 ? -0.130  7.513   -13.375 1.00 35.41 ? 153 ILE A C   1 
ATOM   1036 O O   . ILE A 1 153 ? -0.399  7.749   -14.556 1.00 35.99 ? 153 ILE A O   1 
ATOM   1037 C CB  . ILE A 1 153 ? -1.562  5.967   -12.019 1.00 33.58 ? 153 ILE A CB  1 
ATOM   1038 C CG1 . ILE A 1 153 ? -1.700  4.557   -11.430 1.00 29.45 ? 153 ILE A CG1 1 
ATOM   1039 C CG2 . ILE A 1 153 ? -2.745  6.276   -12.931 1.00 30.38 ? 153 ILE A CG2 1 
ATOM   1040 C CD1 . ILE A 1 153 ? -1.767  3.451   -12.465 1.00 26.14 ? 153 ILE A CD1 1 
ATOM   1041 N N   . TYR A 1 154 ? 0.251   8.455   -12.516 1.00 34.61 ? 154 TYR A N   1 
ATOM   1042 C CA  . TYR A 1 154 ? 0.406   9.853   -12.913 1.00 37.09 ? 154 TYR A CA  1 
ATOM   1043 C C   . TYR A 1 154 ? 1.805   10.341  -12.537 1.00 40.11 ? 154 TYR A C   1 
ATOM   1044 O O   . TYR A 1 154 ? 2.452   9.757   -11.670 1.00 39.01 ? 154 TYR A O   1 
ATOM   1045 C CB  . TYR A 1 154 ? -0.634  10.743  -12.220 1.00 35.87 ? 154 TYR A CB  1 
ATOM   1046 C CG  . TYR A 1 154 ? -2.070  10.326  -12.448 1.00 34.39 ? 154 TYR A CG  1 
ATOM   1047 C CD1 . TYR A 1 154 ? -2.788  9.669   -11.449 1.00 32.95 ? 154 TYR A CD1 1 
ATOM   1048 C CD2 . TYR A 1 154 ? -2.701  10.563  -13.670 1.00 32.35 ? 154 TYR A CD2 1 
ATOM   1049 C CE1 . TYR A 1 154 ? -4.097  9.255   -11.657 1.00 32.27 ? 154 TYR A CE1 1 
ATOM   1050 C CE2 . TYR A 1 154 ? -4.018  10.146  -13.893 1.00 33.48 ? 154 TYR A CE2 1 
ATOM   1051 C CZ  . TYR A 1 154 ? -4.707  9.491   -12.876 1.00 32.07 ? 154 TYR A CZ  1 
ATOM   1052 O OH  . TYR A 1 154 ? -5.995  9.059   -13.077 1.00 30.22 ? 154 TYR A OH  1 
ATOM   1053 N N   . PRO A 1 155 ? 2.285   11.419  -13.192 1.00 44.15 ? 155 PRO A N   1 
ATOM   1054 C CA  . PRO A 1 155 ? 3.602   12.038  -12.977 1.00 48.52 ? 155 PRO A CA  1 
ATOM   1055 C C   . PRO A 1 155 ? 3.968   12.373  -11.523 1.00 52.66 ? 155 PRO A C   1 
ATOM   1056 O O   . PRO A 1 155 ? 4.887   13.154  -11.269 1.00 53.97 ? 155 PRO A O   1 
ATOM   1057 C CB  . PRO A 1 155 ? 3.539   13.280  -13.862 1.00 47.61 ? 155 PRO A CB  1 
ATOM   1058 C CG  . PRO A 1 155 ? 2.743   12.792  -15.029 1.00 45.74 ? 155 PRO A CG  1 
ATOM   1059 C CD  . PRO A 1 155 ? 1.610   12.044  -14.348 1.00 45.39 ? 155 PRO A CD  1 
ATOM   1060 N N   . THR A 1 156 ? 3.246   11.777  -10.581 1.00 57.18 ? 156 THR A N   1 
ATOM   1061 C CA  . THR A 1 156 ? 3.483   11.969  -9.152  1.00 59.64 ? 156 THR A CA  1 
ATOM   1062 C C   . THR A 1 156 ? 3.504   13.425  -8.710  1.00 60.96 ? 156 THR A C   1 
ATOM   1063 O O   . THR A 1 156 ? 3.077   13.743  -7.595  1.00 62.11 ? 156 THR A O   1 
ATOM   1064 C CB  . THR A 1 156 ? 4.803   11.297  -8.712  1.00 60.95 ? 156 THR A CB  1 
ATOM   1065 O OG1 . THR A 1 156 ? 4.780   9.912   -9.089  1.00 61.50 ? 156 THR A OG1 1 
ATOM   1066 C CG2 . THR A 1 156 ? 4.974   11.398  -7.195  1.00 61.48 ? 156 THR A CG2 1 
ATOM   1067 N N   . VAL A 1 168 ? -3.483  4.367   -16.636 1.00 40.47 ? 168 VAL A N   1 
ATOM   1068 C CA  . VAL A 1 168 ? -4.548  3.403   -16.382 1.00 40.90 ? 168 VAL A CA  1 
ATOM   1069 C C   . VAL A 1 168 ? -4.769  2.476   -17.575 1.00 41.20 ? 168 VAL A C   1 
ATOM   1070 O O   . VAL A 1 168 ? -5.659  1.623   -17.548 1.00 40.66 ? 168 VAL A O   1 
ATOM   1071 C CB  . VAL A 1 168 ? -5.895  4.110   -16.057 1.00 41.19 ? 168 VAL A CB  1 
ATOM   1072 C CG1 . VAL A 1 168 ? -5.706  5.097   -14.910 1.00 38.99 ? 168 VAL A CG1 1 
ATOM   1073 C CG2 . VAL A 1 168 ? -6.430  4.814   -17.290 1.00 40.40 ? 168 VAL A CG2 1 
ATOM   1074 N N   . SER A 1 169 ? -3.961  2.641   -18.617 1.00 40.42 ? 169 SER A N   1 
ATOM   1075 C CA  . SER A 1 169 ? -4.092  1.812   -19.810 1.00 42.67 ? 169 SER A CA  1 
ATOM   1076 C C   . SER A 1 169 ? -3.652  0.373   -19.543 1.00 41.56 ? 169 SER A C   1 
ATOM   1077 O O   . SER A 1 169 ? -4.217  -0.568  -20.108 1.00 42.23 ? 169 SER A O   1 
ATOM   1078 C CB  . SER A 1 169 ? -3.282  2.408   -20.970 1.00 44.19 ? 169 SER A CB  1 
ATOM   1079 O OG  . SER A 1 169 ? -1.902  2.495   -20.653 1.00 50.42 ? 169 SER A OG  1 
ATOM   1080 N N   . LEU A 1 170 ? -2.646  0.201   -18.688 1.00 39.55 ? 170 LEU A N   1 
ATOM   1081 C CA  . LEU A 1 170 ? -2.170  -1.135  -18.350 1.00 38.80 ? 170 LEU A CA  1 
ATOM   1082 C C   . LEU A 1 170 ? -3.204  -1.833  -17.475 1.00 38.73 ? 170 LEU A C   1 
ATOM   1083 O O   . LEU A 1 170 ? -3.439  -3.031  -17.617 1.00 40.21 ? 170 LEU A O   1 
ATOM   1084 C CB  . LEU A 1 170 ? -0.833  -1.078  -17.604 1.00 38.26 ? 170 LEU A CB  1 
ATOM   1085 C CG  . LEU A 1 170 ? -0.333  -2.438  -17.097 1.00 38.63 ? 170 LEU A CG  1 
ATOM   1086 C CD1 . LEU A 1 170 ? -0.167  -3.401  -18.265 1.00 37.40 ? 170 LEU A CD1 1 
ATOM   1087 C CD2 . LEU A 1 170 ? 0.985   -2.267  -16.356 1.00 37.26 ? 170 LEU A CD2 1 
ATOM   1088 N N   . ILE A 1 171 ? -3.821  -1.073  -16.573 1.00 37.26 ? 171 ILE A N   1 
ATOM   1089 C CA  . ILE A 1 171 ? -4.836  -1.622  -15.683 1.00 36.52 ? 171 ILE A CA  1 
ATOM   1090 C C   . ILE A 1 171 ? -5.985  -2.177  -16.520 1.00 38.02 ? 171 ILE A C   1 
ATOM   1091 O O   . ILE A 1 171 ? -6.431  -3.307  -16.304 1.00 35.59 ? 171 ILE A O   1 
ATOM   1092 C CB  . ILE A 1 171 ? -5.375  -0.541  -14.724 1.00 35.40 ? 171 ILE A CB  1 
ATOM   1093 C CG1 . ILE A 1 171 ? -4.252  -0.078  -13.790 1.00 32.30 ? 171 ILE A CG1 1 
ATOM   1094 C CG2 . ILE A 1 171 ? -6.569  -1.082  -13.933 1.00 35.28 ? 171 ILE A CG2 1 
ATOM   1095 C CD1 . ILE A 1 171 ? -4.619  1.112   -12.913 1.00 32.81 ? 171 ILE A CD1 1 
ATOM   1096 N N   . GLU A 1 172 ? -6.449  -1.380  -17.481 1.00 38.36 ? 172 GLU A N   1 
ATOM   1097 C CA  . GLU A 1 172 ? -7.538  -1.787  -18.366 1.00 40.10 ? 172 GLU A CA  1 
ATOM   1098 C C   . GLU A 1 172 ? -7.147  -3.043  -19.146 1.00 40.40 ? 172 GLU A C   1 
ATOM   1099 O O   . GLU A 1 172 ? -7.943  -3.976  -19.282 1.00 40.60 ? 172 GLU A O   1 
ATOM   1100 C CB  . GLU A 1 172 ? -7.875  -0.655  -19.343 1.00 40.89 ? 172 GLU A CB  1 
ATOM   1101 C CG  . GLU A 1 172 ? -8.268  0.643   -18.661 1.00 43.65 ? 172 GLU A CG  1 
ATOM   1102 C CD  . GLU A 1 172 ? -8.467  1.791   -19.634 1.00 45.78 ? 172 GLU A CD  1 
ATOM   1103 O OE1 . GLU A 1 172 ? -7.532  2.089   -20.412 1.00 46.67 ? 172 GLU A OE1 1 
ATOM   1104 O OE2 . GLU A 1 172 ? -9.556  2.404   -19.615 1.00 47.40 ? 172 GLU A OE2 1 
ATOM   1105 N N   . ALA A 1 173 ? -5.916  -3.055  -19.656 1.00 40.33 ? 173 ALA A N   1 
ATOM   1106 C CA  . ALA A 1 173 ? -5.398  -4.187  -20.419 1.00 39.39 ? 173 ALA A CA  1 
ATOM   1107 C C   . ALA A 1 173 ? -5.331  -5.452  -19.569 1.00 39.87 ? 173 ALA A C   1 
ATOM   1108 O O   . ALA A 1 173 ? -5.616  -6.552  -20.050 1.00 38.91 ? 173 ALA A O   1 
ATOM   1109 C CB  . ALA A 1 173 ? -4.013  -3.858  -20.965 1.00 40.68 ? 173 ALA A CB  1 
ATOM   1110 N N   . VAL A 1 174 ? -4.941  -5.296  -18.307 1.00 39.59 ? 174 VAL A N   1 
ATOM   1111 C CA  . VAL A 1 174 ? -4.853  -6.434  -17.402 1.00 37.46 ? 174 VAL A CA  1 
ATOM   1112 C C   . VAL A 1 174 ? -6.235  -7.049  -17.186 1.00 36.52 ? 174 VAL A C   1 
ATOM   1113 O O   . VAL A 1 174 ? -6.413  -8.253  -17.352 1.00 38.21 ? 174 VAL A O   1 
ATOM   1114 C CB  . VAL A 1 174 ? -4.253  -6.020  -16.038 1.00 37.32 ? 174 VAL A CB  1 
ATOM   1115 C CG1 . VAL A 1 174 ? -4.341  -7.176  -15.048 1.00 35.74 ? 174 VAL A CG1 1 
ATOM   1116 C CG2 . VAL A 1 174 ? -2.801  -5.591  -16.223 1.00 35.63 ? 174 VAL A CG2 1 
ATOM   1117 N N   . ARG A 1 175 ? -7.212  -6.225  -16.822 1.00 36.26 ? 175 ARG A N   1 
ATOM   1118 C CA  . ARG A 1 175 ? -8.565  -6.716  -16.589 1.00 38.56 ? 175 ARG A CA  1 
ATOM   1119 C C   . ARG A 1 175 ? -9.191  -7.303  -17.854 1.00 41.07 ? 175 ARG A C   1 
ATOM   1120 O O   . ARG A 1 175 ? -9.942  -8.280  -17.794 1.00 41.41 ? 175 ARG A O   1 
ATOM   1121 C CB  . ARG A 1 175 ? -9.459  -5.594  -16.047 1.00 36.67 ? 175 ARG A CB  1 
ATOM   1122 C CG  . ARG A 1 175 ? -9.046  -5.077  -14.665 1.00 36.63 ? 175 ARG A CG  1 
ATOM   1123 C CD  . ARG A 1 175 ? -8.778  -6.222  -13.691 1.00 31.04 ? 175 ARG A CD  1 
ATOM   1124 N NE  . ARG A 1 175 ? -8.604  -5.755  -12.316 1.00 31.65 ? 175 ARG A NE  1 
ATOM   1125 C CZ  . ARG A 1 175 ? -7.965  -6.438  -11.370 1.00 30.54 ? 175 ARG A CZ  1 
ATOM   1126 N NH1 . ARG A 1 175 ? -7.429  -7.618  -11.650 1.00 28.45 ? 175 ARG A NH1 1 
ATOM   1127 N NH2 . ARG A 1 175 ? -7.871  -5.946  -10.141 1.00 32.51 ? 175 ARG A NH2 1 
ATOM   1128 N N   . ARG A 1 176 ? -8.871  -6.699  -18.993 1.00 41.51 ? 176 ARG A N   1 
ATOM   1129 C CA  . ARG A 1 176 ? -9.387  -7.138  -20.284 1.00 42.14 ? 176 ARG A CA  1 
ATOM   1130 C C   . ARG A 1 176 ? -9.028  -8.600  -20.535 1.00 41.23 ? 176 ARG A C   1 
ATOM   1131 O O   . ARG A 1 176 ? -9.830  -9.363  -21.076 1.00 39.90 ? 176 ARG A O   1 
ATOM   1132 C CB  . ARG A 1 176 ? -8.800  -6.264  -21.393 1.00 44.42 ? 176 ARG A CB  1 
ATOM   1133 C CG  . ARG A 1 176 ? -9.481  -6.395  -22.741 1.00 48.54 ? 176 ARG A CG  1 
ATOM   1134 C CD  . ARG A 1 176 ? -8.772  -5.521  -23.762 1.00 52.28 ? 176 ARG A CD  1 
ATOM   1135 N NE  . ARG A 1 176 ? -8.726  -4.123  -23.342 1.00 53.85 ? 176 ARG A NE  1 
ATOM   1136 C CZ  . ARG A 1 176 ? -7.679  -3.323  -23.519 1.00 56.25 ? 176 ARG A CZ  1 
ATOM   1137 N NH1 . ARG A 1 176 ? -6.580  -3.782  -24.110 1.00 57.34 ? 176 ARG A NH1 1 
ATOM   1138 N NH2 . ARG A 1 176 ? -7.725  -2.063  -23.103 1.00 56.95 ? 176 ARG A NH2 1 
ATOM   1139 N N   . GLN A 1 177 ? -7.820  -8.981  -20.130 1.00 38.42 ? 177 GLN A N   1 
ATOM   1140 C CA  . GLN A 1 177 ? -7.338  -10.344 -20.319 1.00 38.26 ? 177 GLN A CA  1 
ATOM   1141 C C   . GLN A 1 177 ? -7.892  -11.362 -19.327 1.00 36.18 ? 177 GLN A C   1 
ATOM   1142 O O   . GLN A 1 177 ? -7.706  -12.565 -19.497 1.00 35.14 ? 177 GLN A O   1 
ATOM   1143 C CB  . GLN A 1 177 ? -5.817  -10.366 -20.259 1.00 39.74 ? 177 GLN A CB  1 
ATOM   1144 C CG  . GLN A 1 177 ? -5.153  -9.855  -21.510 1.00 43.39 ? 177 GLN A CG  1 
ATOM   1145 C CD  . GLN A 1 177 ? -3.652  -9.860  -21.395 1.00 45.17 ? 177 GLN A CD  1 
ATOM   1146 O OE1 . GLN A 1 177 ? -3.056  -10.813 -20.884 1.00 46.47 ? 177 GLN A OE1 1 
ATOM   1147 N NE2 . GLN A 1 177 ? -3.021  -8.799  -21.882 1.00 48.18 ? 177 GLN A NE2 1 
ATOM   1148 N N   . GLY A 1 178 ? -8.565  -10.877 -18.291 1.00 35.90 ? 178 GLY A N   1 
ATOM   1149 C CA  . GLY A 1 178 ? -9.129  -11.778 -17.305 1.00 34.11 ? 178 GLY A CA  1 
ATOM   1150 C C   . GLY A 1 178 ? -8.272  -11.967 -16.067 1.00 32.55 ? 178 GLY A C   1 
ATOM   1151 O O   . GLY A 1 178 ? -8.582  -12.813 -15.231 1.00 32.74 ? 178 GLY A O   1 
ATOM   1152 N N   . ILE A 1 179 ? -7.184  -11.213 -15.949 1.00 31.63 ? 179 ILE A N   1 
ATOM   1153 C CA  . ILE A 1 179 ? -6.332  -11.317 -14.764 1.00 29.68 ? 179 ILE A CA  1 
ATOM   1154 C C   . ILE A 1 179 ? -7.123  -10.692 -13.610 1.00 29.08 ? 179 ILE A C   1 
ATOM   1155 O O   . ILE A 1 179 ? -7.486  -9.516  -13.659 1.00 28.11 ? 179 ILE A O   1 
ATOM   1156 C CB  . ILE A 1 179 ? -5.000  -10.576 -14.980 1.00 31.02 ? 179 ILE A CB  1 
ATOM   1157 C CG1 . ILE A 1 179 ? -4.201  -11.290 -16.077 1.00 29.02 ? 179 ILE A CG1 1 
ATOM   1158 C CG2 . ILE A 1 179 ? -4.214  -10.514 -13.670 1.00 29.43 ? 179 ILE A CG2 1 
ATOM   1159 C CD1 . ILE A 1 179 ? -3.040  -10.491 -16.633 1.00 30.88 ? 179 ILE A CD1 1 
ATOM   1160 N N   . SER A 1 180 ? -7.398  -11.490 -12.581 1.00 28.85 ? 180 SER A N   1 
ATOM   1161 C CA  . SER A 1 180 ? -8.199  -11.038 -11.443 1.00 28.55 ? 180 SER A CA  1 
ATOM   1162 C C   . SER A 1 180 ? -7.450  -10.647 -10.167 1.00 28.89 ? 180 SER A C   1 
ATOM   1163 O O   . SER A 1 180 ? -8.076  -10.281 -9.172  1.00 30.27 ? 180 SER A O   1 
ATOM   1164 C CB  . SER A 1 180 ? -9.215  -12.121 -11.081 1.00 27.89 ? 180 SER A CB  1 
ATOM   1165 O OG  . SER A 1 180 ? -8.542  -13.312 -10.684 1.00 28.59 ? 180 SER A OG  1 
ATOM   1166 N N   . ILE A 1 181 ? -6.127  -10.718 -10.180 1.00 28.28 ? 181 ILE A N   1 
ATOM   1167 C CA  . ILE A 1 181 ? -5.362  -10.377 -8.985  1.00 29.32 ? 181 ILE A CA  1 
ATOM   1168 C C   . ILE A 1 181 ? -5.719  -8.981  -8.444  1.00 27.26 ? 181 ILE A C   1 
ATOM   1169 O O   . ILE A 1 181 ? -5.959  -8.050  -9.216  1.00 27.45 ? 181 ILE A O   1 
ATOM   1170 C CB  . ILE A 1 181 ? -3.847  -10.434 -9.270  1.00 30.71 ? 181 ILE A CB  1 
ATOM   1171 C CG1 . ILE A 1 181 ? -3.069  -10.403 -7.954  1.00 32.04 ? 181 ILE A CG1 1 
ATOM   1172 C CG2 . ILE A 1 181 ? -3.436  -9.258  -10.151 1.00 32.64 ? 181 ILE A CG2 1 
ATOM   1173 C CD1 . ILE A 1 181 ? -1.600  -10.747 -8.107  1.00 35.88 ? 181 ILE A CD1 1 
ATOM   1174 N N   . PRO A 1 182 ? -5.801  -8.832  -7.109  1.00 24.68 ? 182 PRO A N   1 
ATOM   1175 C CA  . PRO A 1 182 ? -6.126  -7.511  -6.567  1.00 23.60 ? 182 PRO A CA  1 
ATOM   1176 C C   . PRO A 1 182 ? -5.064  -6.522  -7.019  1.00 24.87 ? 182 PRO A C   1 
ATOM   1177 O O   . PRO A 1 182 ? -3.866  -6.821  -6.985  1.00 24.71 ? 182 PRO A O   1 
ATOM   1178 C CB  . PRO A 1 182 ? -6.103  -7.736  -5.059  1.00 23.19 ? 182 PRO A CB  1 
ATOM   1179 C CG  . PRO A 1 182 ? -6.611  -9.148  -4.933  1.00 22.25 ? 182 PRO A CG  1 
ATOM   1180 C CD  . PRO A 1 182 ? -5.861  -9.863  -6.055  1.00 25.17 ? 182 PRO A CD  1 
ATOM   1181 N N   . ILE A 1 183 ? -5.510  -5.348  -7.446  1.00 26.69 ? 183 ILE A N   1 
ATOM   1182 C CA  . ILE A 1 183 ? -4.610  -4.317  -7.936  1.00 27.56 ? 183 ILE A CA  1 
ATOM   1183 C C   . ILE A 1 183 ? -4.810  -2.981  -7.250  1.00 26.79 ? 183 ILE A C   1 
ATOM   1184 O O   . ILE A 1 183 ? -5.943  -2.547  -7.029  1.00 27.23 ? 183 ILE A O   1 
ATOM   1185 C CB  . ILE A 1 183 ? -4.799  -4.098  -9.457  1.00 29.15 ? 183 ILE A CB  1 
ATOM   1186 C CG1 . ILE A 1 183 ? -4.304  -5.330  -10.217 1.00 30.85 ? 183 ILE A CG1 1 
ATOM   1187 C CG2 . ILE A 1 183 ? -4.056  -2.836  -9.910  1.00 27.34 ? 183 ILE A CG2 1 
ATOM   1188 C CD1 . ILE A 1 183 ? -4.570  -5.279  -11.715 1.00 34.60 ? 183 ILE A CD1 1 
ATOM   1189 N N   . VAL A 1 184 ? -3.701  -2.335  -6.905  1.00 25.87 ? 184 VAL A N   1 
ATOM   1190 C CA  . VAL A 1 184 ? -3.767  -1.014  -6.297  1.00 25.55 ? 184 VAL A CA  1 
ATOM   1191 C C   . VAL A 1 184 ? -2.920  -0.074  -7.160  1.00 26.63 ? 184 VAL A C   1 
ATOM   1192 O O   . VAL A 1 184 ? -1.799  -0.413  -7.555  1.00 25.42 ? 184 VAL A O   1 
ATOM   1193 C CB  . VAL A 1 184 ? -3.254  -1.013  -4.832  1.00 26.11 ? 184 VAL A CB  1 
ATOM   1194 C CG1 . VAL A 1 184 ? -1.774  -1.350  -4.775  1.00 25.10 ? 184 VAL A CG1 1 
ATOM   1195 C CG2 . VAL A 1 184 ? -3.526  0.340   -4.197  1.00 26.63 ? 184 VAL A CG2 1 
ATOM   1196 N N   . GLY A 1 185 ? -3.482  1.085   -7.484  1.00 24.86 ? 185 GLY A N   1 
ATOM   1197 C CA  . GLY A 1 185 ? -2.769  2.055   -8.292  1.00 28.53 ? 185 GLY A CA  1 
ATOM   1198 C C   . GLY A 1 185 ? -1.914  2.939   -7.410  1.00 27.34 ? 185 GLY A C   1 
ATOM   1199 O O   . GLY A 1 185 ? -2.247  3.154   -6.247  1.00 27.11 ? 185 GLY A O   1 
ATOM   1200 N N   . ILE A 1 186 ? -0.807  3.437   -7.949  1.00 29.18 ? 186 ILE A N   1 
ATOM   1201 C CA  . ILE A 1 186 ? 0.088   4.308   -7.187  1.00 29.85 ? 186 ILE A CA  1 
ATOM   1202 C C   . ILE A 1 186 ? 0.856   5.226   -8.126  1.00 30.55 ? 186 ILE A C   1 
ATOM   1203 O O   . ILE A 1 186 ? 1.124   4.864   -9.267  1.00 31.63 ? 186 ILE A O   1 
ATOM   1204 C CB  . ILE A 1 186 ? 1.115   3.492   -6.369  1.00 31.74 ? 186 ILE A CB  1 
ATOM   1205 C CG1 . ILE A 1 186 ? 1.902   4.425   -5.440  1.00 32.22 ? 186 ILE A CG1 1 
ATOM   1206 C CG2 . ILE A 1 186 ? 2.076   2.761   -7.312  1.00 32.15 ? 186 ILE A CG2 1 
ATOM   1207 C CD1 . ILE A 1 186 ? 2.820   3.709   -4.474  1.00 34.68 ? 186 ILE A CD1 1 
ATOM   1208 N N   . GLY A 1 187 ? 1.200   6.416   -7.642  1.00 31.51 ? 187 GLY A N   1 
ATOM   1209 C CA  . GLY A 1 187 ? 1.953   7.353   -8.458  1.00 32.18 ? 187 GLY A CA  1 
ATOM   1210 C C   . GLY A 1 187 ? 1.196   8.610   -8.835  1.00 31.50 ? 187 GLY A C   1 
ATOM   1211 O O   . GLY A 1 187 ? 0.460   8.623   -9.817  1.00 31.33 ? 187 GLY A O   1 
ATOM   1212 N N   . GLY A 1 188 ? 1.382   9.667   -8.051  1.00 32.44 ? 188 GLY A N   1 
ATOM   1213 C CA  . GLY A 1 188 ? 0.718   10.932  -8.323  1.00 32.96 ? 188 GLY A CA  1 
ATOM   1214 C C   . GLY A 1 188 ? -0.794  10.928  -8.184  1.00 32.29 ? 188 GLY A C   1 
ATOM   1215 O O   . GLY A 1 188 ? -1.485  11.699  -8.853  1.00 31.15 ? 188 GLY A O   1 
ATOM   1216 N N   . ILE A 1 189 ? -1.317  10.075  -7.310  1.00 30.85 ? 189 ILE A N   1 
ATOM   1217 C CA  . ILE A 1 189 ? -2.758  10.000  -7.120  1.00 30.02 ? 189 ILE A CA  1 
ATOM   1218 C C   . ILE A 1 189 ? -3.259  11.038  -6.137  1.00 30.44 ? 189 ILE A C   1 
ATOM   1219 O O   . ILE A 1 189 ? -2.689  11.218  -5.059  1.00 33.89 ? 189 ILE A O   1 
ATOM   1220 C CB  . ILE A 1 189 ? -3.184  8.585   -6.651  1.00 29.57 ? 189 ILE A CB  1 
ATOM   1221 C CG1 . ILE A 1 189 ? -3.046  7.605   -7.823  1.00 24.32 ? 189 ILE A CG1 1 
ATOM   1222 C CG2 . ILE A 1 189 ? -4.632  8.603   -6.140  1.00 25.26 ? 189 ILE A CG2 1 
ATOM   1223 C CD1 . ILE A 1 189 ? -3.135  6.166   -7.424  1.00 27.57 ? 189 ILE A CD1 1 
ATOM   1224 N N   . THR A 1 190 ? -4.332  11.723  -6.524  1.00 30.82 ? 190 THR A N   1 
ATOM   1225 C CA  . THR A 1 190 ? -4.946  12.753  -5.693  1.00 29.44 ? 190 THR A CA  1 
ATOM   1226 C C   . THR A 1 190 ? -6.435  12.459  -5.600  1.00 29.13 ? 190 THR A C   1 
ATOM   1227 O O   . THR A 1 190 ? -6.933  11.547  -6.255  1.00 28.07 ? 190 THR A O   1 
ATOM   1228 C CB  . THR A 1 190 ? -4.808  14.152  -6.320  1.00 31.98 ? 190 THR A CB  1 
ATOM   1229 O OG1 . THR A 1 190 ? -5.606  14.209  -7.511  1.00 27.38 ? 190 THR A OG1 1 
ATOM   1230 C CG2 . THR A 1 190 ? -3.351  14.454  -6.668  1.00 31.57 ? 190 THR A CG2 1 
ATOM   1231 N N   . ILE A 1 191 ? -7.152  13.251  -4.810  1.00 29.99 ? 191 ILE A N   1 
ATOM   1232 C CA  . ILE A 1 191 ? -8.585  13.051  -4.668  1.00 31.20 ? 191 ILE A CA  1 
ATOM   1233 C C   . ILE A 1 191 ? -9.297  13.334  -6.000  1.00 32.31 ? 191 ILE A C   1 
ATOM   1234 O O   . ILE A 1 191 ? -10.389 12.826  -6.242  1.00 31.94 ? 191 ILE A O   1 
ATOM   1235 C CB  . ILE A 1 191 ? -9.169  13.951  -3.531  1.00 31.45 ? 191 ILE A CB  1 
ATOM   1236 C CG1 . ILE A 1 191 ? -10.637 13.600  -3.277  1.00 33.98 ? 191 ILE A CG1 1 
ATOM   1237 C CG2 . ILE A 1 191 ? -9.039  15.423  -3.894  1.00 32.36 ? 191 ILE A CG2 1 
ATOM   1238 C CD1 . ILE A 1 191 ? -10.855 12.203  -2.697  1.00 33.15 ? 191 ILE A CD1 1 
ATOM   1239 N N   . ASP A 1 192 ? -8.664  14.106  -6.883  1.00 31.52 ? 192 ASP A N   1 
ATOM   1240 C CA  . ASP A 1 192 ? -9.294  14.429  -8.164  1.00 32.35 ? 192 ASP A CA  1 
ATOM   1241 C C   . ASP A 1 192 ? -8.997  13.511  -9.354  1.00 32.97 ? 192 ASP A C   1 
ATOM   1242 O O   . ASP A 1 192 ? -9.711  13.557  -10.354 1.00 35.05 ? 192 ASP A O   1 
ATOM   1243 C CB  . ASP A 1 192 ? -9.004  15.887  -8.545  1.00 31.98 ? 192 ASP A CB  1 
ATOM   1244 C CG  . ASP A 1 192 ? -9.710  16.877  -7.627  1.00 31.41 ? 192 ASP A CG  1 
ATOM   1245 O OD1 . ASP A 1 192 ? -10.862 16.596  -7.232  1.00 34.57 ? 192 ASP A OD1 1 
ATOM   1246 O OD2 . ASP A 1 192 ? -9.132  17.939  -7.310  1.00 29.95 ? 192 ASP A OD2 1 
ATOM   1247 N N   . ASN A 1 193 ? -7.963  12.677  -9.260  1.00 32.05 ? 193 ASN A N   1 
ATOM   1248 C CA  . ASN A 1 193 ? -7.653  11.766  -10.362 1.00 30.94 ? 193 ASN A CA  1 
ATOM   1249 C C   . ASN A 1 193 ? -7.736  10.282  -9.961  1.00 29.32 ? 193 ASN A C   1 
ATOM   1250 O O   . ASN A 1 193 ? -7.374  9.402   -10.736 1.00 27.68 ? 193 ASN A O   1 
ATOM   1251 C CB  . ASN A 1 193 ? -6.261  12.070  -10.951 1.00 29.28 ? 193 ASN A CB  1 
ATOM   1252 C CG  . ASN A 1 193 ? -5.140  11.794  -9.972  1.00 29.41 ? 193 ASN A CG  1 
ATOM   1253 O OD1 . ASN A 1 193 ? -5.290  10.979  -9.068  1.00 27.73 ? 193 ASN A OD1 1 
ATOM   1254 N ND2 . ASN A 1 193 ? -3.997  12.463  -10.158 1.00 26.73 ? 193 ASN A ND2 1 
ATOM   1255 N N   . ALA A 1 194 ? -8.226  10.011  -8.754  1.00 28.49 ? 194 ALA A N   1 
ATOM   1256 C CA  . ALA A 1 194 ? -8.351  8.637   -8.266  1.00 28.38 ? 194 ALA A CA  1 
ATOM   1257 C C   . ALA A 1 194 ? -9.447  7.837   -8.990  1.00 28.00 ? 194 ALA A C   1 
ATOM   1258 O O   . ALA A 1 194 ? -9.219  6.711   -9.426  1.00 28.72 ? 194 ALA A O   1 
ATOM   1259 C CB  . ALA A 1 194 ? -8.622  8.644   -6.752  1.00 25.93 ? 194 ALA A CB  1 
ATOM   1260 N N   . ALA A 1 195 ? -10.630 8.425   -9.123  1.00 28.75 ? 195 ALA A N   1 
ATOM   1261 C CA  . ALA A 1 195 ? -11.757 7.755   -9.772  1.00 29.40 ? 195 ALA A CA  1 
ATOM   1262 C C   . ALA A 1 195 ? -11.412 6.987   -11.047 1.00 30.23 ? 195 ALA A C   1 
ATOM   1263 O O   . ALA A 1 195 ? -11.795 5.823   -11.195 1.00 32.04 ? 195 ALA A O   1 
ATOM   1264 C CB  . ALA A 1 195 ? -12.883 8.766   -10.049 1.00 29.31 ? 195 ALA A CB  1 
ATOM   1265 N N   . PRO A 1 196 ? -10.688 7.618   -11.987 1.00 30.66 ? 196 PRO A N   1 
ATOM   1266 C CA  . PRO A 1 196 ? -10.347 6.899   -13.220 1.00 29.16 ? 196 PRO A CA  1 
ATOM   1267 C C   . PRO A 1 196 ? -9.563  5.600   -12.974 1.00 29.74 ? 196 PRO A C   1 
ATOM   1268 O O   . PRO A 1 196 ? -9.616  4.670   -13.780 1.00 28.79 ? 196 PRO A O   1 
ATOM   1269 C CB  . PRO A 1 196 ? -9.535  7.929   -14.009 1.00 31.26 ? 196 PRO A CB  1 
ATOM   1270 C CG  . PRO A 1 196 ? -10.129 9.246   -13.560 1.00 29.32 ? 196 PRO A CG  1 
ATOM   1271 C CD  . PRO A 1 196 ? -10.270 9.032   -12.063 1.00 30.90 ? 196 PRO A CD  1 
ATOM   1272 N N   . VAL A 1 197 ? -8.838  5.539   -11.862 1.00 28.96 ? 197 VAL A N   1 
ATOM   1273 C CA  . VAL A 1 197 ? -8.058  4.352   -11.532 1.00 28.31 ? 197 VAL A CA  1 
ATOM   1274 C C   . VAL A 1 197 ? -8.971  3.194   -11.132 1.00 27.17 ? 197 VAL A C   1 
ATOM   1275 O O   . VAL A 1 197 ? -8.705  2.046   -11.473 1.00 27.90 ? 197 VAL A O   1 
ATOM   1276 C CB  . VAL A 1 197 ? -7.068  4.627   -10.374 1.00 29.06 ? 197 VAL A CB  1 
ATOM   1277 C CG1 . VAL A 1 197 ? -6.229  3.381   -10.096 1.00 28.07 ? 197 VAL A CG1 1 
ATOM   1278 C CG2 . VAL A 1 197 ? -6.171  5.804   -10.725 1.00 29.50 ? 197 VAL A CG2 1 
ATOM   1279 N N   . ILE A 1 198 ? -10.039 3.498   -10.403 1.00 28.54 ? 198 ILE A N   1 
ATOM   1280 C CA  . ILE A 1 198 ? -10.987 2.472   -9.970  1.00 28.58 ? 198 ILE A CA  1 
ATOM   1281 C C   . ILE A 1 198 ? -11.836 2.027   -11.162 1.00 29.68 ? 198 ILE A C   1 
ATOM   1282 O O   . ILE A 1 198 ? -12.133 0.843   -11.327 1.00 28.56 ? 198 ILE A O   1 
ATOM   1283 C CB  . ILE A 1 198 ? -11.926 3.002   -8.860  1.00 27.81 ? 198 ILE A CB  1 
ATOM   1284 C CG1 . ILE A 1 198 ? -11.098 3.495   -7.668  1.00 28.71 ? 198 ILE A CG1 1 
ATOM   1285 C CG2 . ILE A 1 198 ? -12.898 1.900   -8.419  1.00 28.22 ? 198 ILE A CG2 1 
ATOM   1286 C CD1 . ILE A 1 198 ? -10.125 2.463   -7.125  1.00 26.17 ? 198 ILE A CD1 1 
ATOM   1287 N N   . GLN A 1 199 ? -12.224 2.991   -11.991 1.00 29.93 ? 199 GLN A N   1 
ATOM   1288 C CA  . GLN A 1 199 ? -13.028 2.699   -13.168 1.00 32.18 ? 199 GLN A CA  1 
ATOM   1289 C C   . GLN A 1 199 ? -12.258 1.815   -14.137 1.00 31.58 ? 199 GLN A C   1 
ATOM   1290 O O   . GLN A 1 199 ? -12.841 0.946   -14.786 1.00 31.39 ? 199 GLN A O   1 
ATOM   1291 C CB  . GLN A 1 199 ? -13.439 3.998   -13.853 1.00 33.94 ? 199 GLN A CB  1 
ATOM   1292 C CG  . GLN A 1 199 ? -14.286 4.881   -12.962 1.00 36.23 ? 199 GLN A CG  1 
ATOM   1293 C CD  . GLN A 1 199 ? -14.650 6.187   -13.624 1.00 41.98 ? 199 GLN A CD  1 
ATOM   1294 O OE1 . GLN A 1 199 ? -13.777 6.953   -14.037 1.00 42.02 ? 199 GLN A OE1 1 
ATOM   1295 N NE2 . GLN A 1 199 ? -15.946 6.455   -13.729 1.00 43.31 ? 199 GLN A NE2 1 
ATOM   1296 N N   . ALA A 1 200 ? -10.949 2.035   -14.229 1.00 30.16 ? 200 ALA A N   1 
ATOM   1297 C CA  . ALA A 1 200 ? -10.107 1.235   -15.112 1.00 30.45 ? 200 ALA A CA  1 
ATOM   1298 C C   . ALA A 1 200 ? -10.063 -0.219  -14.636 1.00 30.91 ? 200 ALA A C   1 
ATOM   1299 O O   . ALA A 1 200 ? -9.650  -1.116  -15.376 1.00 31.61 ? 200 ALA A O   1 
ATOM   1300 C CB  . ALA A 1 200 ? -8.700  1.813   -15.158 1.00 28.98 ? 200 ALA A CB  1 
ATOM   1301 N N   . GLY A 1 201 ? -10.483 -0.453  -13.398 1.00 30.23 ? 201 GLY A N   1 
ATOM   1302 C CA  . GLY A 1 201 ? -10.478 -1.808  -12.876 1.00 31.24 ? 201 GLY A CA  1 
ATOM   1303 C C   . GLY A 1 201 ? -9.627  -2.050  -11.641 1.00 31.01 ? 201 GLY A C   1 
ATOM   1304 O O   . GLY A 1 201 ? -9.574  -3.172  -11.148 1.00 32.38 ? 201 GLY A O   1 
ATOM   1305 N N   . ALA A 1 202 ? -8.958  -1.018  -11.134 1.00 30.07 ? 202 ALA A N   1 
ATOM   1306 C CA  . ALA A 1 202 ? -8.130  -1.189  -9.941  1.00 30.18 ? 202 ALA A CA  1 
ATOM   1307 C C   . ALA A 1 202 ? -9.030  -1.405  -8.731  1.00 28.11 ? 202 ALA A C   1 
ATOM   1308 O O   . ALA A 1 202 ? -10.189 -0.999  -8.735  1.00 29.04 ? 202 ALA A O   1 
ATOM   1309 C CB  . ALA A 1 202 ? -7.242  0.044   -9.718  1.00 28.75 ? 202 ALA A CB  1 
ATOM   1310 N N   . ASP A 1 203 ? -8.490  -2.032  -7.691  1.00 28.48 ? 203 ASP A N   1 
ATOM   1311 C CA  . ASP A 1 203 ? -9.259  -2.296  -6.474  1.00 27.95 ? 203 ASP A CA  1 
ATOM   1312 C C   . ASP A 1 203 ? -9.056  -1.235  -5.407  1.00 27.83 ? 203 ASP A C   1 
ATOM   1313 O O   . ASP A 1 203 ? -9.634  -1.303  -4.322  1.00 29.63 ? 203 ASP A O   1 
ATOM   1314 C CB  . ASP A 1 203 ? -8.881  -3.664  -5.923  1.00 26.27 ? 203 ASP A CB  1 
ATOM   1315 C CG  . ASP A 1 203 ? -9.161  -4.763  -6.909  1.00 23.98 ? 203 ASP A CG  1 
ATOM   1316 O OD1 . ASP A 1 203 ? -8.217  -5.462  -7.333  1.00 22.39 ? 203 ASP A OD1 1 
ATOM   1317 O OD2 . ASP A 1 203 ? -10.343 -4.916  -7.270  1.00 26.58 ? 203 ASP A OD2 1 
ATOM   1318 N N   . GLY A 1 204 ? -8.234  -0.244  -5.722  1.00 27.44 ? 204 GLY A N   1 
ATOM   1319 C CA  . GLY A 1 204 ? -7.986  0.814   -4.767  1.00 24.83 ? 204 GLY A CA  1 
ATOM   1320 C C   . GLY A 1 204 ? -6.857  1.700   -5.228  1.00 25.16 ? 204 GLY A C   1 
ATOM   1321 O O   . GLY A 1 204 ? -6.263  1.461   -6.283  1.00 24.87 ? 204 GLY A O   1 
ATOM   1322 N N   . VAL A 1 205 ? -6.573  2.731   -4.441  1.00 23.96 ? 205 VAL A N   1 
ATOM   1323 C CA  . VAL A 1 205 ? -5.496  3.657   -4.749  1.00 22.58 ? 205 VAL A CA  1 
ATOM   1324 C C   . VAL A 1 205 ? -4.602  3.823   -3.526  1.00 23.73 ? 205 VAL A C   1 
ATOM   1325 O O   . VAL A 1 205 ? -5.068  3.763   -2.385  1.00 23.32 ? 205 VAL A O   1 
ATOM   1326 C CB  . VAL A 1 205 ? -6.035  5.046   -5.162  1.00 23.27 ? 205 VAL A CB  1 
ATOM   1327 C CG1 . VAL A 1 205 ? -6.771  4.938   -6.492  1.00 21.87 ? 205 VAL A CG1 1 
ATOM   1328 C CG2 . VAL A 1 205 ? -6.954  5.596   -4.081  1.00 18.67 ? 205 VAL A CG2 1 
ATOM   1329 N N   . SER A 1 206 ? -3.310  3.994   -3.773  1.00 23.47 ? 206 SER A N   1 
ATOM   1330 C CA  . SER A 1 206 ? -2.359  4.193   -2.694  1.00 26.94 ? 206 SER A CA  1 
ATOM   1331 C C   . SER A 1 206 ? -1.768  5.573   -2.920  1.00 25.74 ? 206 SER A C   1 
ATOM   1332 O O   . SER A 1 206 ? -1.649  6.031   -4.054  1.00 25.57 ? 206 SER A O   1 
ATOM   1333 C CB  . SER A 1 206 ? -1.261  3.120   -2.711  1.00 25.85 ? 206 SER A CB  1 
ATOM   1334 O OG  . SER A 1 206 ? -0.501  3.190   -3.902  1.00 36.74 ? 206 SER A OG  1 
ATOM   1335 N N   . MET A 1 207 ? -1.423  6.247   -1.837  1.00 26.24 ? 207 MET A N   1 
ATOM   1336 C CA  . MET A 1 207 ? -0.880  7.582   -1.954  1.00 27.62 ? 207 MET A CA  1 
ATOM   1337 C C   . MET A 1 207 ? 0.045   7.908   -0.800  1.00 28.38 ? 207 MET A C   1 
ATOM   1338 O O   . MET A 1 207 ? 0.020   7.253   0.248   1.00 27.51 ? 207 MET A O   1 
ATOM   1339 C CB  . MET A 1 207 ? -2.018  8.607   -1.996  1.00 28.46 ? 207 MET A CB  1 
ATOM   1340 C CG  . MET A 1 207 ? -2.764  8.810   -0.676  1.00 27.84 ? 207 MET A CG  1 
ATOM   1341 S SD  . MET A 1 207 ? -3.623  7.357   -0.015  1.00 30.50 ? 207 MET A SD  1 
ATOM   1342 C CE  . MET A 1 207 ? -4.858  7.048   -1.335  1.00 24.60 ? 207 MET A CE  1 
ATOM   1343 N N   . ILE A 1 208 ? 0.868   8.927   -1.012  1.00 29.46 ? 208 ILE A N   1 
ATOM   1344 C CA  . ILE A 1 208 ? 1.797   9.385   0.001   1.00 28.94 ? 208 ILE A CA  1 
ATOM   1345 C C   . ILE A 1 208 ? 1.487   10.842  0.339   1.00 29.44 ? 208 ILE A C   1 
ATOM   1346 O O   . ILE A 1 208 ? 0.800   11.122  1.321   1.00 29.96 ? 208 ILE A O   1 
ATOM   1347 C CB  . ILE A 1 208 ? 3.268   9.261   -0.483  1.00 29.25 ? 208 ILE A CB  1 
ATOM   1348 C CG1 . ILE A 1 208 ? 3.587   7.798   -0.798  1.00 31.74 ? 208 ILE A CG1 1 
ATOM   1349 C CG2 . ILE A 1 208 ? 4.218   9.774   0.590   1.00 27.26 ? 208 ILE A CG2 1 
ATOM   1350 C CD1 . ILE A 1 208 ? 5.027   7.535   -1.224  1.00 32.22 ? 208 ILE A CD1 1 
ATOM   1351 N N   . SER A 1 209 ? 1.967   11.761  -0.496  1.00 30.39 ? 209 SER A N   1 
ATOM   1352 C CA  . SER A 1 209 ? 1.786   13.198  -0.275  1.00 30.73 ? 209 SER A CA  1 
ATOM   1353 C C   . SER A 1 209 ? 0.351   13.730  -0.231  1.00 30.72 ? 209 SER A C   1 
ATOM   1354 O O   . SER A 1 209 ? 0.067   14.667  0.517   1.00 30.40 ? 209 SER A O   1 
ATOM   1355 C CB  . SER A 1 209 ? 2.593   13.986  -1.317  1.00 31.33 ? 209 SER A CB  1 
ATOM   1356 O OG  . SER A 1 209 ? 2.251   13.585  -2.635  1.00 32.36 ? 209 SER A OG  1 
ATOM   1357 N N   . ALA A 1 210 ? -0.551  13.154  -1.024  1.00 31.17 ? 210 ALA A N   1 
ATOM   1358 C CA  . ALA A 1 210 ? -1.941  13.606  -1.027  1.00 31.43 ? 210 ALA A CA  1 
ATOM   1359 C C   . ALA A 1 210 ? -2.493  13.634  0.399   1.00 32.65 ? 210 ALA A C   1 
ATOM   1360 O O   . ALA A 1 210 ? -3.416  14.389  0.697   1.00 34.28 ? 210 ALA A O   1 
ATOM   1361 C CB  . ALA A 1 210 ? -2.797  12.699  -1.904  1.00 32.06 ? 210 ALA A CB  1 
ATOM   1362 N N   . ILE A 1 211 ? -1.929  12.807  1.276   1.00 31.90 ? 211 ILE A N   1 
ATOM   1363 C CA  . ILE A 1 211 ? -2.360  12.772  2.670   1.00 32.04 ? 211 ILE A CA  1 
ATOM   1364 C C   . ILE A 1 211 ? -1.277  13.242  3.647   1.00 31.91 ? 211 ILE A C   1 
ATOM   1365 O O   . ILE A 1 211 ? -1.553  14.062  4.524   1.00 30.88 ? 211 ILE A O   1 
ATOM   1366 C CB  . ILE A 1 211 ? -2.817  11.350  3.099   1.00 31.83 ? 211 ILE A CB  1 
ATOM   1367 C CG1 . ILE A 1 211 ? -4.127  10.985  2.386   1.00 31.42 ? 211 ILE A CG1 1 
ATOM   1368 C CG2 . ILE A 1 211 ? -2.997  11.293  4.618   1.00 30.69 ? 211 ILE A CG2 1 
ATOM   1369 C CD1 . ILE A 1 211 ? -4.612  9.584   2.657   1.00 29.95 ? 211 ILE A CD1 1 
ATOM   1370 N N   . SER A 1 212 ? -0.055  12.730  3.498   1.00 30.61 ? 212 SER A N   1 
ATOM   1371 C CA  . SER A 1 212 ? 1.032   13.095  4.410   1.00 33.05 ? 212 SER A CA  1 
ATOM   1372 C C   . SER A 1 212 ? 1.347   14.586  4.426   1.00 35.21 ? 212 SER A C   1 
ATOM   1373 O O   . SER A 1 212 ? 1.689   15.146  5.471   1.00 34.74 ? 212 SER A O   1 
ATOM   1374 C CB  . SER A 1 212 ? 2.312   12.313  4.078   1.00 30.27 ? 212 SER A CB  1 
ATOM   1375 O OG  . SER A 1 212 ? 2.851   12.686  2.822   1.00 31.42 ? 212 SER A OG  1 
ATOM   1376 N N   . GLN A 1 213 ? 1.229   15.231  3.272   1.00 36.40 ? 213 GLN A N   1 
ATOM   1377 C CA  . GLN A 1 213 ? 1.520   16.653  3.178   1.00 39.48 ? 213 GLN A CA  1 
ATOM   1378 C C   . GLN A 1 213 ? 0.274   17.529  3.194   1.00 39.70 ? 213 GLN A C   1 
ATOM   1379 O O   . GLN A 1 213 ? 0.371   18.754  3.151   1.00 40.42 ? 213 GLN A O   1 
ATOM   1380 C CB  . GLN A 1 213 ? 2.350   16.921  1.921   1.00 40.12 ? 213 GLN A CB  1 
ATOM   1381 C CG  . GLN A 1 213 ? 3.788   16.434  2.048   1.00 44.41 ? 213 GLN A CG  1 
ATOM   1382 C CD  . GLN A 1 213 ? 4.490   16.330  0.715   1.00 46.87 ? 213 GLN A CD  1 
ATOM   1383 O OE1 . GLN A 1 213 ? 4.409   17.235  -0.115  1.00 48.57 ? 213 GLN A OE1 1 
ATOM   1384 N NE2 . GLN A 1 213 ? 5.193   15.224  0.502   1.00 49.32 ? 213 GLN A NE2 1 
ATOM   1385 N N   . ALA A 1 214 ? -0.894  16.900  3.262   1.00 39.14 ? 214 ALA A N   1 
ATOM   1386 C CA  . ALA A 1 214 ? -2.151  17.638  3.292   1.00 39.38 ? 214 ALA A CA  1 
ATOM   1387 C C   . ALA A 1 214 ? -2.230  18.436  4.592   1.00 39.59 ? 214 ALA A C   1 
ATOM   1388 O O   . ALA A 1 214 ? -1.686  18.030  5.615   1.00 37.80 ? 214 ALA A O   1 
ATOM   1389 C CB  . ALA A 1 214 ? -3.336  16.671  3.189   1.00 39.64 ? 214 ALA A CB  1 
ATOM   1390 N N   . GLU A 1 215 ? -2.904  19.578  4.544   1.00 40.66 ? 215 GLU A N   1 
ATOM   1391 C CA  . GLU A 1 215 ? -3.039  20.424  5.721   1.00 41.52 ? 215 GLU A CA  1 
ATOM   1392 C C   . GLU A 1 215 ? -3.912  19.718  6.765   1.00 39.85 ? 215 GLU A C   1 
ATOM   1393 O O   . GLU A 1 215 ? -3.754  19.923  7.969   1.00 37.28 ? 215 GLU A O   1 
ATOM   1394 C CB  . GLU A 1 215 ? -3.643  21.770  5.315   1.00 45.68 ? 215 GLU A CB  1 
ATOM   1395 C CG  . GLU A 1 215 ? -3.549  22.847  6.373   1.00 50.25 ? 215 GLU A CG  1 
ATOM   1396 C CD  . GLU A 1 215 ? -4.842  23.022  7.132   1.00 54.25 ? 215 GLU A CD  1 
ATOM   1397 O OE1 . GLU A 1 215 ? -5.850  23.427  6.511   1.00 57.27 ? 215 GLU A OE1 1 
ATOM   1398 O OE2 . GLU A 1 215 ? -4.850  22.755  8.351   1.00 56.18 ? 215 GLU A OE2 1 
ATOM   1399 N N   . ASP A 1 216 ? -4.828  18.883  6.286   1.00 37.60 ? 216 ASP A N   1 
ATOM   1400 C CA  . ASP A 1 216 ? -5.707  18.118  7.160   1.00 37.12 ? 216 ASP A CA  1 
ATOM   1401 C C   . ASP A 1 216 ? -5.663  16.670  6.670   1.00 36.12 ? 216 ASP A C   1 
ATOM   1402 O O   . ASP A 1 216 ? -6.480  16.255  5.841   1.00 33.68 ? 216 ASP A O   1 
ATOM   1403 C CB  . ASP A 1 216 ? -7.143  18.645  7.088   1.00 38.89 ? 216 ASP A CB  1 
ATOM   1404 C CG  . ASP A 1 216 ? -7.981  18.242  8.305   1.00 42.00 ? 216 ASP A CG  1 
ATOM   1405 O OD1 . ASP A 1 216 ? -7.932  17.062  8.721   1.00 38.89 ? 216 ASP A OD1 1 
ATOM   1406 O OD2 . ASP A 1 216 ? -8.699  19.114  8.842   1.00 44.81 ? 216 ASP A OD2 1 
ATOM   1407 N N   . PRO A 1 217 ? -4.683  15.892  7.160   1.00 35.96 ? 217 PRO A N   1 
ATOM   1408 C CA  . PRO A 1 217 ? -4.501  14.481  6.795   1.00 35.54 ? 217 PRO A CA  1 
ATOM   1409 C C   . PRO A 1 217 ? -5.740  13.626  7.062   1.00 34.45 ? 217 PRO A C   1 
ATOM   1410 O O   . PRO A 1 217 ? -6.128  12.811  6.228   1.00 33.11 ? 217 PRO A O   1 
ATOM   1411 C CB  . PRO A 1 217 ? -3.314  14.054  7.661   1.00 35.80 ? 217 PRO A CB  1 
ATOM   1412 C CG  . PRO A 1 217 ? -2.510  15.310  7.772   1.00 35.97 ? 217 PRO A CG  1 
ATOM   1413 C CD  . PRO A 1 217 ? -3.579  16.357  8.020   1.00 36.46 ? 217 PRO A CD  1 
ATOM   1414 N N   . GLU A 1 218 ? -6.351  13.821  8.229   1.00 34.78 ? 218 GLU A N   1 
ATOM   1415 C CA  . GLU A 1 218 ? -7.537  13.064  8.615   1.00 35.22 ? 218 GLU A CA  1 
ATOM   1416 C C   . GLU A 1 218 ? -8.669  13.293  7.631   1.00 34.54 ? 218 GLU A C   1 
ATOM   1417 O O   . GLU A 1 218 ? -9.354  12.357  7.226   1.00 35.24 ? 218 GLU A O   1 
ATOM   1418 C CB  . GLU A 1 218 ? -8.006  13.468  10.016  1.00 34.87 ? 218 GLU A CB  1 
ATOM   1419 C CG  . GLU A 1 218 ? -9.112  12.571  10.567  1.00 36.93 ? 218 GLU A CG  1 
ATOM   1420 C CD  . GLU A 1 218 ? -9.707  13.092  11.864  1.00 40.24 ? 218 GLU A CD  1 
ATOM   1421 O OE1 . GLU A 1 218 ? -8.940  13.517  12.754  1.00 39.50 ? 218 GLU A OE1 1 
ATOM   1422 O OE2 . GLU A 1 218 ? -10.947 13.066  11.995  1.00 41.83 ? 218 GLU A OE2 1 
ATOM   1423 N N   . SER A 1 219 ? -8.863  14.552  7.255   1.00 35.56 ? 219 SER A N   1 
ATOM   1424 C CA  . SER A 1 219 ? -9.910  14.921  6.320   1.00 34.21 ? 219 SER A CA  1 
ATOM   1425 C C   . SER A 1 219 ? -9.583  14.417  4.912   1.00 34.28 ? 219 SER A C   1 
ATOM   1426 O O   . SER A 1 219 ? -10.473 13.986  4.173   1.00 35.46 ? 219 SER A O   1 
ATOM   1427 C CB  . SER A 1 219 ? -10.076 16.440  6.320   1.00 36.03 ? 219 SER A CB  1 
ATOM   1428 O OG  . SER A 1 219 ? -11.315 16.811  5.756   1.00 37.38 ? 219 SER A OG  1 
ATOM   1429 N N   . ALA A 1 220 ? -8.307  14.462  4.538   1.00 32.09 ? 220 ALA A N   1 
ATOM   1430 C CA  . ALA A 1 220 ? -7.903  13.986  3.217   1.00 31.37 ? 220 ALA A CA  1 
ATOM   1431 C C   . ALA A 1 220 ? -8.220  12.499  3.083   1.00 29.76 ? 220 ALA A C   1 
ATOM   1432 O O   . ALA A 1 220 ? -8.763  12.054  2.066   1.00 28.64 ? 220 ALA A O   1 
ATOM   1433 C CB  . ALA A 1 220 ? -6.414  14.223  2.999   1.00 27.96 ? 220 ALA A CB  1 
ATOM   1434 N N   . ALA A 1 221 ? -7.882  11.737  4.118   1.00 29.39 ? 221 ALA A N   1 
ATOM   1435 C CA  . ALA A 1 221 ? -8.129  10.301  4.123   1.00 29.19 ? 221 ALA A CA  1 
ATOM   1436 C C   . ALA A 1 221 ? -9.620  10.012  3.991   1.00 28.13 ? 221 ALA A C   1 
ATOM   1437 O O   . ALA A 1 221 ? -10.028 9.113   3.248   1.00 28.39 ? 221 ALA A O   1 
ATOM   1438 C CB  . ALA A 1 221 ? -7.590  9.685   5.410   1.00 28.14 ? 221 ALA A CB  1 
ATOM   1439 N N   . ARG A 1 222 ? -10.428 10.781  4.711   1.00 28.62 ? 222 ARG A N   1 
ATOM   1440 C CA  . ARG A 1 222 ? -11.880 10.610  4.691   1.00 29.44 ? 222 ARG A CA  1 
ATOM   1441 C C   . ARG A 1 222 ? -12.459 10.827  3.294   1.00 29.39 ? 222 ARG A C   1 
ATOM   1442 O O   . ARG A 1 222 ? -13.299 10.048  2.834   1.00 29.47 ? 222 ARG A O   1 
ATOM   1443 C CB  . ARG A 1 222 ? -12.527 11.572  5.687   1.00 30.40 ? 222 ARG A CB  1 
ATOM   1444 C CG  . ARG A 1 222 ? -14.022 11.394  5.828   1.00 35.16 ? 222 ARG A CG  1 
ATOM   1445 C CD  . ARG A 1 222 ? -14.563 12.174  7.016   1.00 39.32 ? 222 ARG A CD  1 
ATOM   1446 N NE  . ARG A 1 222 ? -13.999 11.724  8.290   1.00 39.53 ? 222 ARG A NE  1 
ATOM   1447 C CZ  . ARG A 1 222 ? -13.194 12.459  9.054   1.00 40.33 ? 222 ARG A CZ  1 
ATOM   1448 N NH1 . ARG A 1 222 ? -12.732 11.968  10.199  1.00 39.39 ? 222 ARG A NH1 1 
ATOM   1449 N NH2 . ARG A 1 222 ? -12.851 13.686  8.672   1.00 41.69 ? 222 ARG A NH2 1 
ATOM   1450 N N   . LYS A 1 223 ? -12.017 11.889  2.625   1.00 29.42 ? 223 LYS A N   1 
ATOM   1451 C CA  . LYS A 1 223 ? -12.479 12.174  1.269   1.00 29.95 ? 223 LYS A CA  1 
ATOM   1452 C C   . LYS A 1 223 ? -12.156 10.997  0.353   1.00 29.23 ? 223 LYS A C   1 
ATOM   1453 O O   . LYS A 1 223 ? -13.008 10.544  -0.418  1.00 27.87 ? 223 LYS A O   1 
ATOM   1454 C CB  . LYS A 1 223 ? -11.816 13.439  0.729   1.00 31.01 ? 223 LYS A CB  1 
ATOM   1455 C CG  . LYS A 1 223 ? -12.424 14.732  1.234   1.00 37.14 ? 223 LYS A CG  1 
ATOM   1456 C CD  . LYS A 1 223 ? -11.908 15.915  0.419   1.00 42.88 ? 223 LYS A CD  1 
ATOM   1457 C CE  . LYS A 1 223 ? -12.575 17.214  0.835   1.00 45.74 ? 223 LYS A CE  1 
ATOM   1458 N NZ  . LYS A 1 223 ? -12.006 18.384  0.104   1.00 49.50 ? 223 LYS A NZ  1 
ATOM   1459 N N   . PHE A 1 224 ? -10.920 10.506  0.434   1.00 28.60 ? 224 PHE A N   1 
ATOM   1460 C CA  . PHE A 1 224 ? -10.504 9.363   -0.373  1.00 27.07 ? 224 PHE A CA  1 
ATOM   1461 C C   . PHE A 1 224 ? -11.415 8.170   -0.065  1.00 26.70 ? 224 PHE A C   1 
ATOM   1462 O O   . PHE A 1 224 ? -11.934 7.512   -0.965  1.00 23.88 ? 224 PHE A O   1 
ATOM   1463 C CB  . PHE A 1 224 ? -9.059  8.976   -0.049  1.00 27.58 ? 224 PHE A CB  1 
ATOM   1464 C CG  . PHE A 1 224 ? -8.033  9.670   -0.894  1.00 27.83 ? 224 PHE A CG  1 
ATOM   1465 C CD1 . PHE A 1 224 ? -7.142  10.574  -0.325  1.00 26.59 ? 224 PHE A CD1 1 
ATOM   1466 C CD2 . PHE A 1 224 ? -7.944  9.408   -2.259  1.00 27.01 ? 224 PHE A CD2 1 
ATOM   1467 C CE1 . PHE A 1 224 ? -6.175  11.206  -1.100  1.00 27.66 ? 224 PHE A CE1 1 
ATOM   1468 C CE2 . PHE A 1 224 ? -6.982  10.038  -3.043  1.00 28.10 ? 224 PHE A CE2 1 
ATOM   1469 C CZ  . PHE A 1 224 ? -6.095  10.940  -2.460  1.00 25.63 ? 224 PHE A CZ  1 
ATOM   1470 N N   . ARG A 1 225 ? -11.586 7.901   1.223   1.00 28.66 ? 225 ARG A N   1 
ATOM   1471 C CA  . ARG A 1 225 ? -12.421 6.799   1.688   1.00 30.58 ? 225 ARG A CA  1 
ATOM   1472 C C   . ARG A 1 225 ? -13.787 6.864   1.008   1.00 29.83 ? 225 ARG A C   1 
ATOM   1473 O O   . ARG A 1 225 ? -14.226 5.898   0.389   1.00 28.99 ? 225 ARG A O   1 
ATOM   1474 C CB  . ARG A 1 225 ? -12.565 6.880   3.212   1.00 32.67 ? 225 ARG A CB  1 
ATOM   1475 C CG  . ARG A 1 225 ? -13.358 5.750   3.847   1.00 37.00 ? 225 ARG A CG  1 
ATOM   1476 C CD  . ARG A 1 225 ? -12.787 4.385   3.485   1.00 40.81 ? 225 ARG A CD  1 
ATOM   1477 N NE  . ARG A 1 225 ? -13.234 3.358   4.425   1.00 46.27 ? 225 ARG A NE  1 
ATOM   1478 C CZ  . ARG A 1 225 ? -13.574 2.119   4.085   1.00 47.48 ? 225 ARG A CZ  1 
ATOM   1479 N NH1 . ARG A 1 225 ? -13.527 1.737   2.814   1.00 45.45 ? 225 ARG A NH1 1 
ATOM   1480 N NH2 . ARG A 1 225 ? -13.965 1.261   5.021   1.00 47.40 ? 225 ARG A NH2 1 
ATOM   1481 N N   . GLU A 1 226 ? -14.444 8.013   1.117   1.00 31.71 ? 226 GLU A N   1 
ATOM   1482 C CA  . GLU A 1 226 ? -15.751 8.216   0.501   1.00 32.01 ? 226 GLU A CA  1 
ATOM   1483 C C   . GLU A 1 226 ? -15.721 8.125   -1.025  1.00 31.64 ? 226 GLU A C   1 
ATOM   1484 O O   . GLU A 1 226 ? -16.614 7.531   -1.638  1.00 30.62 ? 226 GLU A O   1 
ATOM   1485 C CB  . GLU A 1 226 ? -16.304 9.578   0.899   1.00 35.23 ? 226 GLU A CB  1 
ATOM   1486 C CG  . GLU A 1 226 ? -16.842 9.649   2.305   1.00 42.14 ? 226 GLU A CG  1 
ATOM   1487 C CD  . GLU A 1 226 ? -17.265 11.055  2.674   1.00 46.84 ? 226 GLU A CD  1 
ATOM   1488 O OE1 . GLU A 1 226 ? -17.941 11.705  1.843   1.00 49.03 ? 226 GLU A OE1 1 
ATOM   1489 O OE2 . GLU A 1 226 ? -16.926 11.506  3.789   1.00 49.37 ? 226 GLU A OE2 1 
ATOM   1490 N N   . GLU A 1 227 ? -14.699 8.723   -1.635  1.00 32.31 ? 227 GLU A N   1 
ATOM   1491 C CA  . GLU A 1 227 ? -14.563 8.727   -3.093  1.00 30.54 ? 227 GLU A CA  1 
ATOM   1492 C C   . GLU A 1 227 ? -14.435 7.326   -3.671  1.00 31.87 ? 227 GLU A C   1 
ATOM   1493 O O   . GLU A 1 227 ? -15.135 6.976   -4.626  1.00 31.41 ? 227 GLU A O   1 
ATOM   1494 C CB  . GLU A 1 227 ? -13.346 9.563   -3.518  1.00 30.14 ? 227 GLU A CB  1 
ATOM   1495 C CG  . GLU A 1 227 ? -13.080 9.583   -5.030  1.00 30.38 ? 227 GLU A CG  1 
ATOM   1496 C CD  . GLU A 1 227 ? -14.017 10.509  -5.806  1.00 32.41 ? 227 GLU A CD  1 
ATOM   1497 O OE1 . GLU A 1 227 ? -15.045 10.936  -5.241  1.00 31.48 ? 227 GLU A OE1 1 
ATOM   1498 O OE2 . GLU A 1 227 ? -13.730 10.805  -6.990  1.00 30.68 ? 227 GLU A OE2 1 
ATOM   1499 N N   . ILE A 1 228 ? -13.540 6.524   -3.099  1.00 31.45 ? 228 ILE A N   1 
ATOM   1500 C CA  . ILE A 1 228 ? -13.334 5.165   -3.584  1.00 33.14 ? 228 ILE A CA  1 
ATOM   1501 C C   . ILE A 1 228 ? -14.552 4.268   -3.319  1.00 32.64 ? 228 ILE A C   1 
ATOM   1502 O O   . ILE A 1 228 ? -14.867 3.402   -4.136  1.00 32.06 ? 228 ILE A O   1 
ATOM   1503 C CB  . ILE A 1 228 ? -12.040 4.543   -2.976  1.00 34.28 ? 228 ILE A CB  1 
ATOM   1504 C CG1 . ILE A 1 228 ? -10.803 5.036   -3.747  1.00 36.94 ? 228 ILE A CG1 1 
ATOM   1505 C CG2 . ILE A 1 228 ? -12.069 3.029   -3.105  1.00 32.90 ? 228 ILE A CG2 1 
ATOM   1506 C CD1 . ILE A 1 228 ? -10.729 6.527   -3.985  1.00 35.97 ? 228 ILE A CD1 1 
ATOM   1507 N N   . GLN A 1 229 ? -15.237 4.479   -2.194  1.00 33.89 ? 229 GLN A N   1 
ATOM   1508 C CA  . GLN A 1 229 ? -16.436 3.693   -1.877  1.00 34.29 ? 229 GLN A CA  1 
ATOM   1509 C C   . GLN A 1 229 ? -17.426 3.877   -3.023  1.00 33.23 ? 229 GLN A C   1 
ATOM   1510 O O   . GLN A 1 229 ? -17.932 2.916   -3.606  1.00 31.75 ? 229 GLN A O   1 
ATOM   1511 C CB  . GLN A 1 229 ? -17.122 4.204   -0.605  1.00 38.63 ? 229 GLN A CB  1 
ATOM   1512 C CG  . GLN A 1 229 ? -16.359 4.051   0.698   1.00 46.45 ? 229 GLN A CG  1 
ATOM   1513 C CD  . GLN A 1 229 ? -17.057 4.765   1.855   1.00 50.12 ? 229 GLN A CD  1 
ATOM   1514 O OE1 . GLN A 1 229 ? -16.636 4.664   3.011   1.00 52.11 ? 229 GLN A OE1 1 
ATOM   1515 N NE2 . GLN A 1 229 ? -18.125 5.497   1.542   1.00 51.53 ? 229 GLN A NE2 1 
ATOM   1516 N N   . THR A 1 230 ? -17.697 5.141   -3.330  1.00 32.41 ? 230 THR A N   1 
ATOM   1517 C CA  . THR A 1 230 ? -18.629 5.499   -4.386  1.00 33.29 ? 230 THR A CA  1 
ATOM   1518 C C   . THR A 1 230 ? -18.360 4.779   -5.701  1.00 32.36 ? 230 THR A C   1 
ATOM   1519 O O   . THR A 1 230 ? -19.269 4.184   -6.273  1.00 33.19 ? 230 THR A O   1 
ATOM   1520 C CB  . THR A 1 230 ? -18.611 7.020   -4.639  1.00 33.40 ? 230 THR A CB  1 
ATOM   1521 O OG1 . THR A 1 230 ? -19.134 7.693   -3.490  1.00 32.58 ? 230 THR A OG1 1 
ATOM   1522 C CG2 . THR A 1 230 ? -19.449 7.379   -5.863  1.00 33.45 ? 230 THR A CG2 1 
ATOM   1523 N N   . TYR A 1 231 ? -17.117 4.819   -6.169  1.00 31.34 ? 231 TYR A N   1 
ATOM   1524 C CA  . TYR A 1 231 ? -16.781 4.189   -7.435  1.00 32.27 ? 231 TYR A CA  1 
ATOM   1525 C C   . TYR A 1 231 ? -16.687 2.672   -7.429  1.00 33.29 ? 231 TYR A C   1 
ATOM   1526 O O   . TYR A 1 231 ? -16.749 2.046   -8.484  1.00 31.87 ? 231 TYR A O   1 
ATOM   1527 C CB  . TYR A 1 231 ? -15.500 4.803   -8.008  1.00 32.06 ? 231 TYR A CB  1 
ATOM   1528 C CG  . TYR A 1 231 ? -15.740 6.189   -8.554  1.00 32.00 ? 231 TYR A CG  1 
ATOM   1529 C CD1 . TYR A 1 231 ? -15.678 7.310   -7.725  1.00 30.36 ? 231 TYR A CD1 1 
ATOM   1530 C CD2 . TYR A 1 231 ? -16.134 6.371   -9.883  1.00 32.61 ? 231 TYR A CD2 1 
ATOM   1531 C CE1 . TYR A 1 231 ? -16.011 8.580   -8.203  1.00 32.96 ? 231 TYR A CE1 1 
ATOM   1532 C CE2 . TYR A 1 231 ? -16.467 7.636   -10.374 1.00 32.69 ? 231 TYR A CE2 1 
ATOM   1533 C CZ  . TYR A 1 231 ? -16.407 8.733   -9.529  1.00 33.45 ? 231 TYR A CZ  1 
ATOM   1534 O OH  . TYR A 1 231 ? -16.754 9.975   -10.005 1.00 34.22 ? 231 TYR A OH  1 
ATOM   1535 N N   . LYS A 1 232 ? -16.527 2.073   -6.255  1.00 35.82 ? 232 LYS A N   1 
ATOM   1536 C CA  . LYS A 1 232 ? -16.476 0.620   -6.190  1.00 40.38 ? 232 LYS A CA  1 
ATOM   1537 C C   . LYS A 1 232 ? -17.922 0.131   -6.096  1.00 41.82 ? 232 LYS A C   1 
ATOM   1538 O O   . LYS A 1 232 ? -18.259 -0.946  -6.582  1.00 43.28 ? 232 LYS A O   1 
ATOM   1539 C CB  . LYS A 1 232 ? -15.656 0.157   -4.979  1.00 41.13 ? 232 LYS A CB  1 
ATOM   1540 C CG  . LYS A 1 232 ? -14.183 0.559   -5.062  1.00 41.26 ? 232 LYS A CG  1 
ATOM   1541 C CD  . LYS A 1 232 ? -13.351 0.008   -3.908  1.00 41.65 ? 232 LYS A CD  1 
ATOM   1542 C CE  . LYS A 1 232 ? -13.089 -1.479  -4.059  1.00 41.43 ? 232 LYS A CE  1 
ATOM   1543 N NZ  . LYS A 1 232 ? -12.138 -1.979  -3.021  1.00 41.98 ? 232 LYS A NZ  1 
ATOM   1544 N N   . THR A 1 233 ? -18.775 0.953   -5.497  1.00 44.31 ? 233 THR A N   1 
ATOM   1545 C CA  . THR A 1 233 ? -20.190 0.627   -5.340  1.00 46.62 ? 233 THR A CA  1 
ATOM   1546 C C   . THR A 1 233 ? -20.948 0.890   -6.638  1.00 47.52 ? 233 THR A C   1 
ATOM   1547 O O   . THR A 1 233 ? -21.683 1.895   -6.696  1.00 48.18 ? 233 THR A O   1 
ATOM   1548 C CB  . THR A 1 233 ? -20.821 1.462   -4.213  1.00 46.66 ? 233 THR A CB  1 
ATOM   1549 O OG1 . THR A 1 233 ? -20.159 1.161   -2.979  1.00 51.59 ? 233 THR A OG1 1 
ATOM   1550 C CG2 . THR A 1 233 ? -22.304 1.148   -4.072  1.00 50.24 ? 233 THR A CG2 1 
HETATM 1551 O O   . HOH B 2 .   ? -0.747  -15.556 -5.803  1.00 29.90 ? 236 HOH A O   1 
HETATM 1552 O O   . HOH B 2 .   ? -3.006  -17.022 -5.505  1.00 45.67 ? 237 HOH A O   1 
HETATM 1553 O O   . HOH B 2 .   ? -5.151  -15.818 -3.777  1.00 29.33 ? 238 HOH A O   1 
HETATM 1554 O O   . HOH B 2 .   ? -6.881  -17.865 -2.304  1.00 40.75 ? 239 HOH A O   1 
HETATM 1555 O O   . HOH B 2 .   ? -7.168  -17.624 0.491   1.00 40.04 ? 240 HOH A O   1 
HETATM 1556 O O   . HOH B 2 .   ? -12.597 -14.293 -1.923  1.00 32.05 ? 241 HOH A O   1 
HETATM 1557 O O   . HOH B 2 .   ? -14.381 -14.505 0.624   1.00 44.14 ? 242 HOH A O   1 
HETATM 1558 O O   . HOH B 2 .   ? -13.910 -7.191  -2.273  1.00 38.17 ? 243 HOH A O   1 
HETATM 1559 O O   . HOH B 2 .   ? -13.532 -4.444  -2.946  1.00 32.56 ? 244 HOH A O   1 
HETATM 1560 O O   . HOH B 2 .   ? -13.147 -10.984 -5.570  1.00 43.80 ? 245 HOH A O   1 
HETATM 1561 O O   . HOH B 2 .   ? -1.783  -13.695 2.401   1.00 23.42 ? 246 HOH A O   1 
HETATM 1562 O O   . HOH B 2 .   ? -9.213  -13.425 4.228   1.00 28.06 ? 247 HOH A O   1 
HETATM 1563 O O   . HOH B 2 .   ? -4.732  -13.997 -1.831  1.00 24.54 ? 248 HOH A O   1 
HETATM 1564 O O   . HOH B 2 .   ? -10.706 -13.475 -8.356  1.00 54.12 ? 249 HOH A O   1 
HETATM 1565 O O   . HOH B 2 .   ? -12.875 -12.057 -9.589  1.00 46.92 ? 250 HOH A O   1 
HETATM 1566 O O   . HOH B 2 .   ? -17.862 -14.093 -2.059  1.00 47.63 ? 251 HOH A O   1 
HETATM 1567 O O   . HOH B 2 .   ? -17.036 -10.623 -3.659  1.00 55.00 ? 252 HOH A O   1 
HETATM 1568 O O   . HOH B 2 .   ? -14.167 -9.338  2.183   1.00 56.37 ? 253 HOH A O   1 
HETATM 1569 O O   . HOH B 2 .   ? -11.164 -2.776  4.643   1.00 38.90 ? 254 HOH A O   1 
HETATM 1570 O O   . HOH B 2 .   ? -13.198 -11.437 -12.060 1.00 38.51 ? 255 HOH A O   1 
HETATM 1571 O O   . HOH B 2 .   ? -10.425 -9.577  -15.119 1.00 46.21 ? 256 HOH A O   1 
HETATM 1572 O O   . HOH B 2 .   ? -8.994  -1.862  6.751   1.00 21.63 ? 257 HOH A O   1 
HETATM 1573 O O   . HOH B 2 .   ? -11.898 2.811   6.432   1.00 39.75 ? 258 HOH A O   1 
HETATM 1574 O O   . HOH B 2 .   ? -9.011  3.430   9.170   1.00 34.88 ? 259 HOH A O   1 
HETATM 1575 O O   . HOH B 2 .   ? -5.975  6.757   14.478  1.00 30.04 ? 260 HOH A O   1 
HETATM 1576 O O   . HOH B 2 .   ? -8.467  5.827   14.666  1.00 46.85 ? 261 HOH A O   1 
HETATM 1577 O O   . HOH B 2 .   ? -4.629  4.836   15.605  1.00 36.41 ? 262 HOH A O   1 
HETATM 1578 O O   . HOH B 2 .   ? 1.490   4.741   18.671  1.00 41.47 ? 263 HOH A O   1 
HETATM 1579 O O   . HOH B 2 .   ? -1.271  3.902   19.230  1.00 39.31 ? 264 HOH A O   1 
HETATM 1580 O O   . HOH B 2 .   ? 3.827   -1.838  17.733  1.00 36.76 ? 265 HOH A O   1 
HETATM 1581 O O   . HOH B 2 .   ? 8.432   2.598   20.009  1.00 38.06 ? 266 HOH A O   1 
HETATM 1582 O O   . HOH B 2 .   ? 8.887   7.494   16.350  1.00 46.82 ? 267 HOH A O   1 
HETATM 1583 O O   . HOH B 2 .   ? 11.652  7.447   16.247  1.00 29.16 ? 268 HOH A O   1 
HETATM 1584 O O   . HOH B 2 .   ? -13.270 3.186   0.652   1.00 33.10 ? 269 HOH A O   1 
HETATM 1585 O O   . HOH B 2 .   ? -0.278  11.482  -3.393  1.00 27.79 ? 270 HOH A O   1 
HETATM 1586 O O   . HOH B 2 .   ? 0.053   7.882   -5.645  1.00 25.56 ? 271 HOH A O   1 
HETATM 1587 O O   . HOH B 2 .   ? -5.504  14.825  -2.982  1.00 25.88 ? 272 HOH A O   1 
HETATM 1588 O O   . HOH B 2 .   ? -8.362  13.657  -0.118  1.00 40.33 ? 273 HOH A O   1 
HETATM 1589 O O   . HOH B 2 .   ? -14.810 12.270  -0.989  1.00 30.14 ? 274 HOH A O   1 
HETATM 1590 O O   . HOH B 2 .   ? -14.980 11.624  -9.345  1.00 35.86 ? 275 HOH A O   1 
HETATM 1591 O O   . HOH B 2 .   ? -11.413 11.288  -8.083  1.00 31.57 ? 276 HOH A O   1 
HETATM 1592 O O   . HOH B 2 .   ? 7.855   6.500   1.986   1.00 37.82 ? 277 HOH A O   1 
HETATM 1593 O O   . HOH B 2 .   ? 11.364  0.945   2.462   1.00 49.01 ? 278 HOH A O   1 
HETATM 1594 O O   . HOH B 2 .   ? 13.435  -7.165  0.412   1.00 42.68 ? 279 HOH A O   1 
HETATM 1595 O O   . HOH B 2 .   ? 15.240  -5.371  0.107   1.00 48.03 ? 280 HOH A O   1 
HETATM 1596 O O   . HOH B 2 .   ? 14.952  -8.383  3.913   1.00 42.57 ? 281 HOH A O   1 
HETATM 1597 O O   . HOH B 2 .   ? 16.656  -5.972  7.663   1.00 39.89 ? 282 HOH A O   1 
HETATM 1598 O O   . HOH B 2 .   ? 17.237  -7.085  10.120  1.00 29.64 ? 283 HOH A O   1 
HETATM 1599 O O   . HOH B 2 .   ? 14.824  -5.743  11.559  1.00 38.75 ? 284 HOH A O   1 
HETATM 1600 O O   . HOH B 2 .   ? 15.163  -3.553  10.140  1.00 32.12 ? 285 HOH A O   1 
HETATM 1601 O O   . HOH B 2 .   ? 16.313  -2.927  6.117   1.00 38.19 ? 286 HOH A O   1 
HETATM 1602 O O   . HOH B 2 .   ? 15.255  -3.538  3.561   1.00 55.73 ? 287 HOH A O   1 
HETATM 1603 O O   . HOH B 2 .   ? 9.391   8.998   -0.513  1.00 41.95 ? 288 HOH A O   1 
HETATM 1604 O O   . HOH B 2 .   ? 9.196   14.148  10.051  1.00 66.91 ? 289 HOH A O   1 
HETATM 1605 O O   . HOH B 2 .   ? 1.758   20.802  2.058   1.00 52.95 ? 290 HOH A O   1 
HETATM 1606 O O   . HOH B 2 .   ? 16.963  3.756   7.090   1.00 33.09 ? 291 HOH A O   1 
HETATM 1607 O O   . HOH B 2 .   ? 17.771  8.148   12.386  1.00 39.93 ? 292 HOH A O   1 
HETATM 1608 O O   . HOH B 2 .   ? 18.657  5.569   16.018  1.00 26.26 ? 293 HOH A O   1 
HETATM 1609 O O   . HOH B 2 .   ? 20.803  4.029   17.221  1.00 29.22 ? 294 HOH A O   1 
HETATM 1610 O O   . HOH B 2 .   ? 20.451  4.472   20.013  1.00 37.36 ? 295 HOH A O   1 
HETATM 1611 O O   . HOH B 2 .   ? 16.246  0.143   11.967  1.00 25.78 ? 296 HOH A O   1 
HETATM 1612 O O   . HOH B 2 .   ? 15.298  -1.382  22.190  1.00 48.62 ? 297 HOH A O   1 
HETATM 1613 O O   . HOH B 2 .   ? -3.190  -8.196  13.171  1.00 59.41 ? 298 HOH A O   1 
HETATM 1614 O O   . HOH B 2 .   ? 4.545   -15.320 9.038   1.00 45.62 ? 299 HOH A O   1 
HETATM 1615 O O   . HOH B 2 .   ? 14.442  -12.208 -1.979  1.00 40.49 ? 300 HOH A O   1 
HETATM 1616 O O   . HOH B 2 .   ? 12.455  -18.482 1.131   1.00 33.13 ? 301 HOH A O   1 
HETATM 1617 O O   . HOH B 2 .   ? 12.936  -20.477 -0.950  1.00 39.08 ? 302 HOH A O   1 
HETATM 1618 O O   . HOH B 2 .   ? 4.489   -19.504 2.306   1.00 40.22 ? 303 HOH A O   1 
HETATM 1619 O O   . HOH B 2 .   ? 10.361  -9.187  -6.605  1.00 36.16 ? 304 HOH A O   1 
HETATM 1620 O O   . HOH B 2 .   ? 7.131   -19.810 -2.527  1.00 29.98 ? 305 HOH A O   1 
HETATM 1621 O O   . HOH B 2 .   ? 5.935   -21.020 -0.628  1.00 40.97 ? 306 HOH A O   1 
HETATM 1622 O O   . HOH B 2 .   ? 5.128   -19.189 -4.502  1.00 37.29 ? 307 HOH A O   1 
HETATM 1623 O O   . HOH B 2 .   ? 3.937   -16.141 -15.094 1.00 45.24 ? 308 HOH A O   1 
HETATM 1624 O O   . HOH B 2 .   ? 0.864   -16.920 -15.498 1.00 37.95 ? 309 HOH A O   1 
HETATM 1625 O O   . HOH B 2 .   ? 4.764   -13.767 -16.981 1.00 37.81 ? 310 HOH A O   1 
HETATM 1626 O O   . HOH B 2 .   ? 8.880   -10.574 -12.787 1.00 35.65 ? 311 HOH A O   1 
HETATM 1627 O O   . HOH B 2 .   ? 6.853   -10.012 -10.890 1.00 29.65 ? 312 HOH A O   1 
HETATM 1628 O O   . HOH B 2 .   ? -2.028  -13.866 -13.783 1.00 27.62 ? 313 HOH A O   1 
HETATM 1629 O O   . HOH B 2 .   ? -5.606  -13.807 -12.206 1.00 41.57 ? 314 HOH A O   1 
HETATM 1630 O O   . HOH B 2 .   ? -10.811 4.886   -16.250 1.00 35.24 ? 315 HOH A O   1 
HETATM 1631 O O   . HOH B 2 .   ? -0.538  14.266  -9.356  1.00 37.09 ? 316 HOH A O   1 
HETATM 1632 O O   . HOH B 2 .   ? -5.120  -12.216 -3.738  1.00 30.03 ? 317 HOH A O   1 
HETATM 1633 O O   . HOH B 2 .   ? -8.947  -3.691  8.546   1.00 34.92 ? 318 HOH A O   1 
HETATM 1634 O O   . HOH B 2 .   ? 4.325   17.904  5.231   1.00 45.85 ? 319 HOH A O   1 
HETATM 1635 O O   . HOH B 2 .   ? 0.455   17.291  7.237   1.00 40.09 ? 320 HOH A O   1 
HETATM 1636 O O   . HOH B 2 .   ? -10.998 16.148  10.390  1.00 38.24 ? 321 HOH A O   1 
HETATM 1637 O O   . HOH B 2 .   ? 10.569  0.054   5.387   1.00 55.63 ? 322 HOH A O   1 
HETATM 1638 O O   . HOH B 2 .   ? 17.263  -1.763  13.510  1.00 22.86 ? 323 HOH A O   1 
HETATM 1639 O O   . HOH B 2 .   ? 12.828  12.060  1.748   1.00 56.17 ? 324 HOH A O   1 
HETATM 1640 O O   . HOH B 2 .   ? 1.624   -3.252  18.500  1.00 43.78 ? 325 HOH A O   1 
HETATM 1641 O O   . HOH B 2 .   ? -2.186  -0.388  19.794  1.00 43.10 ? 326 HOH A O   1 
HETATM 1642 O O   . HOH B 2 .   ? -1.017  6.556   21.112  1.00 52.75 ? 327 HOH A O   1 
HETATM 1643 O O   . HOH B 2 .   ? 0.873   -6.065  12.413  1.00 40.82 ? 328 HOH A O   1 
HETATM 1644 O O   . HOH B 2 .   ? -3.149  -4.262  12.567  1.00 45.80 ? 329 HOH A O   1 
HETATM 1645 O O   . HOH B 2 .   ? 7.063   -13.647 12.783  1.00 56.04 ? 330 HOH A O   1 
HETATM 1646 O O   . HOH B 2 .   ? 4.992   -13.399 11.012  1.00 58.02 ? 331 HOH A O   1 
HETATM 1647 O O   . HOH B 2 .   ? 8.184   -12.623 16.743  1.00 55.34 ? 332 HOH A O   1 
HETATM 1648 O O   . HOH B 2 .   ? 11.886  -9.669  -9.941  1.00 40.46 ? 333 HOH A O   1 
HETATM 1649 O O   . HOH B 2 .   ? 13.376  -8.957  -12.429 1.00 47.60 ? 334 HOH A O   1 
HETATM 1650 O O   . HOH B 2 .   ? 10.343  -15.349 -8.293  1.00 55.82 ? 335 HOH A O   1 
HETATM 1651 O O   . HOH B 2 .   ? 9.877   -17.849 -9.995  1.00 54.99 ? 336 HOH A O   1 
HETATM 1652 O O   . HOH B 2 .   ? 8.142   -19.112 -12.777 1.00 61.08 ? 337 HOH A O   1 
HETATM 1653 O O   . HOH B 2 .   ? -0.045  -15.943 -13.293 1.00 43.31 ? 338 HOH A O   1 
HETATM 1654 O O   . HOH B 2 .   ? 7.949   -11.055 -15.498 1.00 44.05 ? 339 HOH A O   1 
HETATM 1655 O O   . HOH B 2 .   ? 7.628   -13.499 -16.398 1.00 41.67 ? 340 HOH A O   1 
HETATM 1656 O O   . HOH B 2 .   ? 15.364  -20.066 -5.138  1.00 48.68 ? 341 HOH A O   1 
HETATM 1657 O O   . HOH B 2 .   ? 9.057   -21.839 -3.145  1.00 46.51 ? 342 HOH A O   1 
HETATM 1658 O O   . HOH B 2 .   ? 14.787  -14.392 -0.458  1.00 55.44 ? 343 HOH A O   1 
HETATM 1659 O O   . HOH B 2 .   ? 18.098  -11.240 4.259   1.00 36.15 ? 344 HOH A O   1 
HETATM 1660 O O   . HOH B 2 .   ? 17.747  -14.448 -4.157  1.00 39.96 ? 345 HOH A O   1 
HETATM 1661 O O   . HOH B 2 .   ? 1.859   -19.505 1.742   1.00 55.07 ? 346 HOH A O   1 
HETATM 1662 O O   . HOH B 2 .   ? 9.686   -2.454  -8.887  1.00 33.47 ? 347 HOH A O   1 
HETATM 1663 O O   . HOH B 2 .   ? 7.915   2.783   -10.941 1.00 52.43 ? 348 HOH A O   1 
HETATM 1664 O O   . HOH B 2 .   ? 4.257   -7.487  -21.316 1.00 45.42 ? 349 HOH A O   1 
HETATM 1665 O O   . HOH B 2 .   ? 4.118   -13.070 -20.239 1.00 52.94 ? 350 HOH A O   1 
HETATM 1666 O O   . HOH B 2 .   ? 6.932   -11.720 -8.903  1.00 34.49 ? 351 HOH A O   1 
HETATM 1667 O O   . HOH B 2 .   ? 10.591  -12.372 -8.413  1.00 45.88 ? 352 HOH A O   1 
HETATM 1668 O O   . HOH B 2 .   ? 11.101  -21.199 -10.086 1.00 45.32 ? 353 HOH A O   1 
HETATM 1669 O O   . HOH B 2 .   ? -10.923 -3.706  -18.970 1.00 36.20 ? 354 HOH A O   1 
HETATM 1670 O O   . HOH B 2 .   ? -0.467  -4.757  -21.773 1.00 41.39 ? 355 HOH A O   1 
HETATM 1671 O O   . HOH B 2 .   ? -3.257  -12.811 5.830   1.00 44.80 ? 356 HOH A O   1 
HETATM 1672 O O   . HOH B 2 .   ? -1.940  -21.578 4.948   1.00 59.85 ? 357 HOH A O   1 
HETATM 1673 O O   . HOH B 2 .   ? -3.083  -17.229 8.340   1.00 49.45 ? 358 HOH A O   1 
HETATM 1674 O O   . HOH B 2 .   ? -11.400 -5.971  -9.365  1.00 35.49 ? 359 HOH A O   1 
HETATM 1675 O O   . HOH B 2 .   ? 9.175   20.283  10.119  1.00 54.38 ? 360 HOH A O   1 
HETATM 1676 O O   . HOH B 2 .   ? -1.603  2.234   21.051  1.00 42.22 ? 361 HOH A O   1 
HETATM 1677 O O   . HOH B 2 .   ? -13.541 15.212  5.474   1.00 48.86 ? 362 HOH A O   1 
HETATM 1678 O O   . HOH B 2 .   ? 13.678  9.467   -1.603  1.00 60.52 ? 363 HOH A O   1 
HETATM 1679 O O   . HOH B 2 .   ? 9.755   10.484  14.596  1.00 51.35 ? 364 HOH A O   1 
HETATM 1680 O O   . HOH B 2 .   ? 10.199  -6.184  18.196  1.00 62.37 ? 365 HOH A O   1 
HETATM 1681 O O   . HOH B 2 .   ? -11.074 -1.512  10.114  1.00 57.19 ? 366 HOH A O   1 
HETATM 1682 O O   . HOH B 2 .   ? 7.519   -18.964 -9.480  1.00 56.21 ? 367 HOH A O   1 
HETATM 1683 O O   . HOH B 2 .   ? 2.550   -4.587  -20.417 1.00 45.81 ? 368 HOH A O   1 
HETATM 1684 O O   . HOH B 2 .   ? -5.395  -6.692  -23.137 1.00 54.18 ? 369 HOH A O   1 
HETATM 1685 O O   . HOH B 2 .   ? 8.912   -7.531  -17.695 1.00 32.76 ? 370 HOH A O   1 
HETATM 1686 O O   . HOH B 2 .   ? -15.904 -12.861 -6.451  1.00 53.29 ? 371 HOH A O   1 
HETATM 1687 O O   . HOH B 2 .   ? 4.372   -0.250  -9.192  1.00 41.64 ? 372 HOH A O   1 
HETATM 1688 O O   . HOH B 2 .   ? -7.296  9.530   -15.436 1.00 39.44 ? 373 HOH A O   1 
HETATM 1689 O O   . HOH B 2 .   ? -5.411  -0.591  -22.503 1.00 42.92 ? 374 HOH A O   1 
HETATM 1690 O O   . HOH B 2 .   ? -2.276  -5.947  -24.328 1.00 54.45 ? 375 HOH A O   1 
HETATM 1691 O O   . HOH B 2 .   ? -13.459 -7.331  -8.302  1.00 39.65 ? 376 HOH A O   1 
HETATM 1692 O O   . HOH B 2 .   ? -18.470 8.233   -15.178 1.00 50.70 ? 377 HOH A O   1 
HETATM 1693 O O   . HOH B 2 .   ? 14.856  -5.413  16.285  1.00 52.19 ? 378 HOH A O   1 
HETATM 1694 O O   . HOH B 2 .   ? -3.500  20.828  2.120   1.00 33.69 ? 379 HOH A O   1 
HETATM 1695 O O   . HOH B 2 .   ? -5.590  -13.624 6.858   1.00 44.36 ? 380 HOH A O   1 
HETATM 1696 O O   . HOH B 2 .   ? 10.821  12.042  12.711  1.00 48.02 ? 381 HOH A O   1 
HETATM 1697 O O   . HOH B 2 .   ? -6.336  16.264  10.942  1.00 36.46 ? 382 HOH A O   1 
HETATM 1698 O O   . HOH B 2 .   ? -14.427 7.430   6.732   1.00 40.45 ? 383 HOH A O   1 
HETATM 1699 O O   . HOH B 2 .   ? 12.838  -1.455  -3.111  1.00 49.79 ? 384 HOH A O   1 
HETATM 1700 O O   . HOH B 2 .   ? 6.162   -21.035 -11.528 1.00 51.97 ? 385 HOH A O   1 
HETATM 1701 O O   . HOH B 2 .   ? -6.114  15.012  -0.554  1.00 40.21 ? 386 HOH A O   1 
# 
